data_3ELK
# 
_entry.id   3ELK 
# 
_audit_conform.dict_name       mmcif_pdbx.dic 
_audit_conform.dict_version    5.357 
_audit_conform.dict_location   http://mmcif.pdb.org/dictionaries/ascii/mmcif_pdbx.dic 
# 
loop_
_database_2.database_id 
_database_2.database_code 
_database_2.pdbx_database_accession 
_database_2.pdbx_DOI 
PDB   3ELK         pdb_00003elk 10.2210/pdb3elk/pdb 
RCSB  RCSB049474   ?            ?                   
WWPDB D_1000049474 ?            ?                   
# 
_pdbx_database_related.db_name        TargetDB 
_pdbx_database_related.db_id          APC7587 
_pdbx_database_related.details        . 
_pdbx_database_related.content_type   unspecified 
# 
_pdbx_database_status.status_code                     REL 
_pdbx_database_status.entry_id                        3ELK 
_pdbx_database_status.recvd_initial_deposition_date   2008-09-22 
_pdbx_database_status.deposit_site                    RCSB 
_pdbx_database_status.process_site                    RCSB 
_pdbx_database_status.status_code_sf                  REL 
_pdbx_database_status.status_code_mr                  ? 
_pdbx_database_status.SG_entry                        Y 
_pdbx_database_status.pdb_format_compatible           Y 
_pdbx_database_status.status_code_cs                  ? 
_pdbx_database_status.status_code_nmr_data            ? 
_pdbx_database_status.methods_development_category    ? 
# 
loop_
_audit_author.name 
_audit_author.pdbx_ordinal 
_audit_author.identifier_ORCID 
'Grantz Saskova, K.'                            1 ?                   
'Chruszcz, M.'                                  2 ?                   
'Evdokimova, E.'                                3 ?                   
'Egorova, O.'                                   4 ?                   
'Savchenko, A.'                                 5 ?                   
'Edwards, A.'                                   6 ?                   
'Joachimiak, A.'                                7 ?                   
'Minor, W.'                                     8 0000-0001-7075-7090 
'Midwest Center for Structural Genomics (MCSG)' 9 ?                   
# 
_citation.id                        primary 
_citation.title                     'Crystal structure of putative transcriptional regulator TA0346 from Thermoplasma acidophilum' 
_citation.journal_abbrev            'To be Published' 
_citation.journal_volume            ? 
_citation.page_first                ? 
_citation.page_last                 ? 
_citation.year                      ? 
_citation.journal_id_ASTM           ? 
_citation.country                   ? 
_citation.journal_id_ISSN           ? 
_citation.journal_id_CSD            0353 
_citation.book_publisher            ? 
_citation.pdbx_database_id_PubMed   ? 
_citation.pdbx_database_id_DOI      ? 
# 
loop_
_citation_author.citation_id 
_citation_author.name 
_citation_author.ordinal 
_citation_author.identifier_ORCID 
primary 'Grantz Saskova, K.' 1 ?                   
primary 'Chruszcz, M.'       2 ?                   
primary 'Evdokimova, E.'     3 ?                   
primary 'Egorova, O.'        4 ?                   
primary 'Savchenko, A.'      5 ?                   
primary 'Edwards, A.'        6 ?                   
primary 'Joachimiak, A.'     7 ?                   
primary 'Minor, W.'          8 0000-0001-7075-7090 
# 
_cell.entry_id           3ELK 
_cell.length_a           42.515 
_cell.length_b           45.707 
_cell.length_c           207.679 
_cell.angle_alpha        90.00 
_cell.angle_beta         90.00 
_cell.angle_gamma        90.00 
_cell.Z_PDB              16 
_cell.pdbx_unique_axis   ? 
_cell.length_a_esd       ? 
_cell.length_b_esd       ? 
_cell.length_c_esd       ? 
_cell.angle_alpha_esd    ? 
_cell.angle_beta_esd     ? 
_cell.angle_gamma_esd    ? 
# 
_symmetry.entry_id                         3ELK 
_symmetry.space_group_name_H-M             'C 2 2 21' 
_symmetry.pdbx_full_space_group_name_H-M   ? 
_symmetry.cell_setting                     ? 
_symmetry.Int_Tables_number                20 
_symmetry.space_group_name_Hall            ? 
# 
loop_
_entity.id 
_entity.type 
_entity.src_method 
_entity.pdbx_description 
_entity.formula_weight 
_entity.pdbx_number_of_molecules 
_entity.pdbx_ec 
_entity.pdbx_mutation 
_entity.pdbx_fragment 
_entity.details 
1 polymer     man 'Putative transcriptional regulator TA0346' 13629.079 2   ? ? ? ? 
2 non-polymer syn 'CHLORIDE ION'                              35.453    2   ? ? ? ? 
3 water       nat water                                       18.015    129 ? ? ? ? 
# 
_entity_poly.entity_id                      1 
_entity_poly.type                           'polypeptide(L)' 
_entity_poly.nstd_linkage                   no 
_entity_poly.nstd_monomer                   yes 
_entity_poly.pdbx_seq_one_letter_code       
;(MSE)NSDPTRERILHGLITLYILKELVKRP(MSE)HGYELQKS(MSE)FETTGQALPQGSIYILLKT(MSE)KERGFVI
SESSVNEKGQQLTVYHITDAGKKFL(OCS)DHSQALQLARKIIDDLLSTVDIIENRN
;
_entity_poly.pdbx_seq_one_letter_code_can   
;MNSDPTRERILHGLITLYILKELVKRPMHGYELQKSMFETTGQALPQGSIYILLKTMKERGFVISESSVNEKGQQLTVYH
ITDAGKKFLCDHSQALQLARKIIDDLLSTVDIIENRN
;
_entity_poly.pdbx_strand_id                 A,B 
_entity_poly.pdbx_target_identifier         APC7587 
# 
loop_
_entity_poly_seq.entity_id 
_entity_poly_seq.num 
_entity_poly_seq.mon_id 
_entity_poly_seq.hetero 
1 1   MSE n 
1 2   ASN n 
1 3   SER n 
1 4   ASP n 
1 5   PRO n 
1 6   THR n 
1 7   ARG n 
1 8   GLU n 
1 9   ARG n 
1 10  ILE n 
1 11  LEU n 
1 12  HIS n 
1 13  GLY n 
1 14  LEU n 
1 15  ILE n 
1 16  THR n 
1 17  LEU n 
1 18  TYR n 
1 19  ILE n 
1 20  LEU n 
1 21  LYS n 
1 22  GLU n 
1 23  LEU n 
1 24  VAL n 
1 25  LYS n 
1 26  ARG n 
1 27  PRO n 
1 28  MSE n 
1 29  HIS n 
1 30  GLY n 
1 31  TYR n 
1 32  GLU n 
1 33  LEU n 
1 34  GLN n 
1 35  LYS n 
1 36  SER n 
1 37  MSE n 
1 38  PHE n 
1 39  GLU n 
1 40  THR n 
1 41  THR n 
1 42  GLY n 
1 43  GLN n 
1 44  ALA n 
1 45  LEU n 
1 46  PRO n 
1 47  GLN n 
1 48  GLY n 
1 49  SER n 
1 50  ILE n 
1 51  TYR n 
1 52  ILE n 
1 53  LEU n 
1 54  LEU n 
1 55  LYS n 
1 56  THR n 
1 57  MSE n 
1 58  LYS n 
1 59  GLU n 
1 60  ARG n 
1 61  GLY n 
1 62  PHE n 
1 63  VAL n 
1 64  ILE n 
1 65  SER n 
1 66  GLU n 
1 67  SER n 
1 68  SER n 
1 69  VAL n 
1 70  ASN n 
1 71  GLU n 
1 72  LYS n 
1 73  GLY n 
1 74  GLN n 
1 75  GLN n 
1 76  LEU n 
1 77  THR n 
1 78  VAL n 
1 79  TYR n 
1 80  HIS n 
1 81  ILE n 
1 82  THR n 
1 83  ASP n 
1 84  ALA n 
1 85  GLY n 
1 86  LYS n 
1 87  LYS n 
1 88  PHE n 
1 89  LEU n 
1 90  OCS n 
1 91  ASP n 
1 92  HIS n 
1 93  SER n 
1 94  GLN n 
1 95  ALA n 
1 96  LEU n 
1 97  GLN n 
1 98  LEU n 
1 99  ALA n 
1 100 ARG n 
1 101 LYS n 
1 102 ILE n 
1 103 ILE n 
1 104 ASP n 
1 105 ASP n 
1 106 LEU n 
1 107 LEU n 
1 108 SER n 
1 109 THR n 
1 110 VAL n 
1 111 ASP n 
1 112 ILE n 
1 113 ILE n 
1 114 GLU n 
1 115 ASN n 
1 116 ARG n 
1 117 ASN n 
# 
_entity_src_gen.entity_id                          1 
_entity_src_gen.pdbx_src_id                        1 
_entity_src_gen.pdbx_alt_source_flag               sample 
_entity_src_gen.pdbx_seq_type                      ? 
_entity_src_gen.pdbx_beg_seq_num                   ? 
_entity_src_gen.pdbx_end_seq_num                   ? 
_entity_src_gen.gene_src_common_name               ? 
_entity_src_gen.gene_src_genus                     ? 
_entity_src_gen.pdbx_gene_src_gene                 Ta0346 
_entity_src_gen.gene_src_species                   ? 
_entity_src_gen.gene_src_strain                    ? 
_entity_src_gen.gene_src_tissue                    ? 
_entity_src_gen.gene_src_tissue_fraction           ? 
_entity_src_gen.gene_src_details                   ? 
_entity_src_gen.pdbx_gene_src_fragment             ? 
_entity_src_gen.pdbx_gene_src_scientific_name      'Thermoplasma acidophilum' 
_entity_src_gen.pdbx_gene_src_ncbi_taxonomy_id     2303 
_entity_src_gen.pdbx_gene_src_variant              ? 
_entity_src_gen.pdbx_gene_src_cell_line            ? 
_entity_src_gen.pdbx_gene_src_atcc                 ? 
_entity_src_gen.pdbx_gene_src_organ                ? 
_entity_src_gen.pdbx_gene_src_organelle            ? 
_entity_src_gen.pdbx_gene_src_cell                 ? 
_entity_src_gen.pdbx_gene_src_cellular_location    ? 
_entity_src_gen.host_org_common_name               ? 
_entity_src_gen.pdbx_host_org_scientific_name      'ESCHERICHIA COLI' 
_entity_src_gen.pdbx_host_org_ncbi_taxonomy_id     ? 
_entity_src_gen.host_org_genus                     ? 
_entity_src_gen.pdbx_host_org_gene                 ? 
_entity_src_gen.pdbx_host_org_organ                ? 
_entity_src_gen.host_org_species                   ? 
_entity_src_gen.pdbx_host_org_tissue               ? 
_entity_src_gen.pdbx_host_org_tissue_fraction      ? 
_entity_src_gen.pdbx_host_org_strain               'BL21-CODONPLUS(DE3)-RIPL' 
_entity_src_gen.pdbx_host_org_variant              ? 
_entity_src_gen.pdbx_host_org_cell_line            ? 
_entity_src_gen.pdbx_host_org_atcc                 ? 
_entity_src_gen.pdbx_host_org_culture_collection   ? 
_entity_src_gen.pdbx_host_org_cell                 ? 
_entity_src_gen.pdbx_host_org_organelle            ? 
_entity_src_gen.pdbx_host_org_cellular_location    ? 
_entity_src_gen.pdbx_host_org_vector_type          PLASMID 
_entity_src_gen.pdbx_host_org_vector               ? 
_entity_src_gen.host_org_details                   ? 
_entity_src_gen.expression_system_id               ? 
_entity_src_gen.plasmid_name                       'P15TV LIC' 
_entity_src_gen.plasmid_details                    ? 
_entity_src_gen.pdbx_description                   ? 
# 
_struct_ref.id                         1 
_struct_ref.db_name                    UNP 
_struct_ref.db_code                    Q9HL84_THEAC 
_struct_ref.pdbx_db_accession          Q9HL84 
_struct_ref.entity_id                  1 
_struct_ref.pdbx_seq_one_letter_code   
;MNSDPTRERILHGLITLYILKELVKRPMHGYELQKSMFETTGQALPQGSIYILLKTMKERGFVISESSVNEKGQQLTVYH
ITDAGKKFLCDHSQALQLARKIIDDLLSTVDIIENRN
;
_struct_ref.pdbx_align_begin           1 
_struct_ref.pdbx_db_isoform            ? 
# 
loop_
_struct_ref_seq.align_id 
_struct_ref_seq.ref_id 
_struct_ref_seq.pdbx_PDB_id_code 
_struct_ref_seq.pdbx_strand_id 
_struct_ref_seq.seq_align_beg 
_struct_ref_seq.pdbx_seq_align_beg_ins_code 
_struct_ref_seq.seq_align_end 
_struct_ref_seq.pdbx_seq_align_end_ins_code 
_struct_ref_seq.pdbx_db_accession 
_struct_ref_seq.db_align_beg 
_struct_ref_seq.pdbx_db_align_beg_ins_code 
_struct_ref_seq.db_align_end 
_struct_ref_seq.pdbx_db_align_end_ins_code 
_struct_ref_seq.pdbx_auth_seq_align_beg 
_struct_ref_seq.pdbx_auth_seq_align_end 
1 1 3ELK A 1 ? 117 ? Q9HL84 1 ? 117 ? 1 117 
2 1 3ELK B 1 ? 117 ? Q9HL84 1 ? 117 ? 1 117 
# 
loop_
_chem_comp.id 
_chem_comp.type 
_chem_comp.mon_nstd_flag 
_chem_comp.name 
_chem_comp.pdbx_synonyms 
_chem_comp.formula 
_chem_comp.formula_weight 
ALA 'L-peptide linking' y ALANINE                 ? 'C3 H7 N O2'     89.093  
ARG 'L-peptide linking' y ARGININE                ? 'C6 H15 N4 O2 1' 175.209 
ASN 'L-peptide linking' y ASPARAGINE              ? 'C4 H8 N2 O3'    132.118 
ASP 'L-peptide linking' y 'ASPARTIC ACID'         ? 'C4 H7 N O4'     133.103 
CL  non-polymer         . 'CHLORIDE ION'          ? 'Cl -1'          35.453  
GLN 'L-peptide linking' y GLUTAMINE               ? 'C5 H10 N2 O3'   146.144 
GLU 'L-peptide linking' y 'GLUTAMIC ACID'         ? 'C5 H9 N O4'     147.129 
GLY 'peptide linking'   y GLYCINE                 ? 'C2 H5 N O2'     75.067  
HIS 'L-peptide linking' y HISTIDINE               ? 'C6 H10 N3 O2 1' 156.162 
HOH non-polymer         . WATER                   ? 'H2 O'           18.015  
ILE 'L-peptide linking' y ISOLEUCINE              ? 'C6 H13 N O2'    131.173 
LEU 'L-peptide linking' y LEUCINE                 ? 'C6 H13 N O2'    131.173 
LYS 'L-peptide linking' y LYSINE                  ? 'C6 H15 N2 O2 1' 147.195 
MSE 'L-peptide linking' n SELENOMETHIONINE        ? 'C5 H11 N O2 Se' 196.106 
OCS 'L-peptide linking' n 'CYSTEINESULFONIC ACID' ? 'C3 H7 N O5 S'   169.156 
PHE 'L-peptide linking' y PHENYLALANINE           ? 'C9 H11 N O2'    165.189 
PRO 'L-peptide linking' y PROLINE                 ? 'C5 H9 N O2'     115.130 
SER 'L-peptide linking' y SERINE                  ? 'C3 H7 N O3'     105.093 
THR 'L-peptide linking' y THREONINE               ? 'C4 H9 N O3'     119.119 
TYR 'L-peptide linking' y TYROSINE                ? 'C9 H11 N O3'    181.189 
VAL 'L-peptide linking' y VALINE                  ? 'C5 H11 N O2'    117.146 
# 
_exptl.entry_id          3ELK 
_exptl.method            'X-RAY DIFFRACTION' 
_exptl.crystals_number   1 
# 
_exptl_crystal.id                    1 
_exptl_crystal.density_meas          ? 
_exptl_crystal.density_Matthews      1.85 
_exptl_crystal.density_percent_sol   33.54 
_exptl_crystal.description           ? 
_exptl_crystal.F_000                 ? 
_exptl_crystal.preparation           ? 
# 
_exptl_crystal_grow.crystal_id      1 
_exptl_crystal_grow.method          'VAPOR DIFFUSION, HANGING DROP' 
_exptl_crystal_grow.temp            293 
_exptl_crystal_grow.temp_details    ? 
_exptl_crystal_grow.pH              4.6 
_exptl_crystal_grow.pdbx_details    
'0.2M AMMONIUM SULFATE, 0.1M NA SULFATE PH4.6, 30% PEG 4K, VAPOR DIFFUSION, HANGING DROP, temperature 293K' 
_exptl_crystal_grow.pdbx_pH_range   ? 
# 
_diffrn.id                     1 
_diffrn.ambient_temp           100.0 
_diffrn.ambient_temp_details   ? 
_diffrn.crystal_id             1 
# 
_diffrn_detector.diffrn_id              1 
_diffrn_detector.detector               CCD 
_diffrn_detector.type                   'ADSC QUANTUM 315' 
_diffrn_detector.pdbx_collection_date   2008-07-12 
_diffrn_detector.details                MIRROR 
# 
_diffrn_radiation.diffrn_id                        1 
_diffrn_radiation.wavelength_id                    1 
_diffrn_radiation.pdbx_monochromatic_or_laue_m_l   M 
_diffrn_radiation.monochromator                    'SI-111 CHANNEL' 
_diffrn_radiation.pdbx_diffrn_protocol             'SINGLE WAVELENGTH' 
_diffrn_radiation.pdbx_scattering_type             x-ray 
# 
_diffrn_radiation_wavelength.id           1 
_diffrn_radiation_wavelength.wavelength   0.9793 
_diffrn_radiation_wavelength.wt           1.0 
# 
_diffrn_source.diffrn_id                   1 
_diffrn_source.source                      SYNCHROTRON 
_diffrn_source.type                        'APS BEAMLINE 19-ID' 
_diffrn_source.pdbx_synchrotron_site       APS 
_diffrn_source.pdbx_synchrotron_beamline   19-ID 
_diffrn_source.pdbx_wavelength             ? 
_diffrn_source.pdbx_wavelength_list        0.9793 
# 
_reflns.entry_id                     3ELK 
_reflns.observed_criterion_sigma_I   -3.000 
_reflns.observed_criterion_sigma_F   0 
_reflns.d_resolution_low             50.000 
_reflns.d_resolution_high            1.700 
_reflns.number_obs                   21233 
_reflns.number_all                   21233 
_reflns.percent_possible_obs         92.5 
_reflns.pdbx_Rmerge_I_obs            0.06400 
_reflns.pdbx_Rsym_value              0.06400 
_reflns.pdbx_netI_over_sigmaI        40.6460 
_reflns.B_iso_Wilson_estimate        30.2 
_reflns.pdbx_redundancy              5.400 
_reflns.R_free_details               ? 
_reflns.limit_h_max                  ? 
_reflns.limit_h_min                  ? 
_reflns.limit_k_max                  ? 
_reflns.limit_k_min                  ? 
_reflns.limit_l_max                  ? 
_reflns.limit_l_min                  ? 
_reflns.observed_criterion_F_max     ? 
_reflns.observed_criterion_F_min     ? 
_reflns.pdbx_chi_squared             ? 
_reflns.pdbx_scaling_rejects         ? 
_reflns.pdbx_ordinal                 1 
_reflns.pdbx_diffrn_id               1 
# 
_reflns_shell.d_res_high             1.70 
_reflns_shell.d_res_low              1.73 
_reflns_shell.percent_possible_all   88.0 
_reflns_shell.Rmerge_I_obs           0.45200 
_reflns_shell.pdbx_Rsym_value        0.45200 
_reflns_shell.meanI_over_sigI_obs    2.600 
_reflns_shell.pdbx_redundancy        3.60 
_reflns_shell.percent_possible_obs   ? 
_reflns_shell.number_unique_all      1004 
_reflns_shell.number_measured_all    ? 
_reflns_shell.number_measured_obs    ? 
_reflns_shell.number_unique_obs      ? 
_reflns_shell.pdbx_chi_squared       ? 
_reflns_shell.pdbx_ordinal           1 
_reflns_shell.pdbx_diffrn_id         1 
# 
_refine.entry_id                                 3ELK 
_refine.ls_number_reflns_obs                     21126 
_refine.ls_number_reflns_all                     21126 
_refine.pdbx_ls_sigma_I                          0 
_refine.pdbx_ls_sigma_F                          0.000 
_refine.pdbx_data_cutoff_high_absF               ? 
_refine.pdbx_data_cutoff_low_absF                ? 
_refine.pdbx_data_cutoff_high_rms_absF           ? 
_refine.ls_d_res_low                             50.00 
_refine.ls_d_res_high                            1.70 
_refine.ls_percent_reflns_obs                    92.390 
_refine.ls_R_factor_obs                          0.204 
_refine.ls_R_factor_all                          0.204 
_refine.ls_R_factor_R_work                       0.202 
_refine.ls_R_factor_R_free                       0.241 
_refine.ls_R_factor_R_free_error                 ? 
_refine.ls_R_factor_R_free_error_details         ? 
_refine.ls_percent_reflns_R_free                 5.200 
_refine.ls_number_reflns_R_free                  1099 
_refine.ls_number_parameters                     ? 
_refine.ls_number_restraints                     ? 
_refine.occupancy_min                            ? 
_refine.occupancy_max                            ? 
_refine.correlation_coeff_Fo_to_Fc               0.956 
_refine.correlation_coeff_Fo_to_Fc_free          0.945 
_refine.B_iso_mean                               27.16 
_refine.aniso_B[1][1]                            3.09000 
_refine.aniso_B[2][2]                            0.32000 
_refine.aniso_B[3][3]                            -3.41000 
_refine.aniso_B[1][2]                            0.00000 
_refine.aniso_B[1][3]                            0.00000 
_refine.aniso_B[2][3]                            0.00000 
_refine.solvent_model_details                    MASK 
_refine.solvent_model_param_ksol                 ? 
_refine.solvent_model_param_bsol                 ? 
_refine.pdbx_solvent_vdw_probe_radii             1.20 
_refine.pdbx_solvent_ion_probe_radii             0.80 
_refine.pdbx_solvent_shrinkage_radii             0.80 
_refine.pdbx_ls_cross_valid_method               THROUGHOUT 
_refine.details                                  'HYDROGENS HAVE BEEN ADDED IN THE RIDING POSITIONS' 
_refine.pdbx_starting_model                      ? 
_refine.pdbx_method_to_determine_struct          SAD 
_refine.pdbx_isotropic_thermal_model             ? 
_refine.pdbx_stereochemistry_target_values       'MAXIMUM LIKELIHOOD' 
_refine.pdbx_stereochem_target_val_spec_case     ? 
_refine.pdbx_R_Free_selection_details            RANDOM 
_refine.pdbx_overall_ESU_R                       0.133 
_refine.pdbx_overall_ESU_R_Free                  0.127 
_refine.overall_SU_ML                            0.092 
_refine.overall_SU_B                             5.570 
_refine.ls_redundancy_reflns_obs                 ? 
_refine.B_iso_min                                ? 
_refine.B_iso_max                                ? 
_refine.overall_SU_R_Cruickshank_DPI             ? 
_refine.overall_SU_R_free                        ? 
_refine.ls_wR_factor_R_free                      ? 
_refine.ls_wR_factor_R_work                      ? 
_refine.overall_FOM_free_R_set                   ? 
_refine.overall_FOM_work_R_set                   ? 
_refine.pdbx_overall_phase_error                 ? 
_refine.pdbx_refine_id                           'X-RAY DIFFRACTION' 
_refine.pdbx_TLS_residual_ADP_flag               'LIKELY RESIDUAL' 
_refine.pdbx_diffrn_id                           1 
_refine.pdbx_overall_SU_R_free_Cruickshank_DPI   ? 
_refine.pdbx_overall_SU_R_Blow_DPI               ? 
_refine.pdbx_overall_SU_R_free_Blow_DPI          ? 
# 
_refine_hist.pdbx_refine_id                   'X-RAY DIFFRACTION' 
_refine_hist.cycle_id                         LAST 
_refine_hist.pdbx_number_atoms_protein        1630 
_refine_hist.pdbx_number_atoms_nucleic_acid   0 
_refine_hist.pdbx_number_atoms_ligand         2 
_refine_hist.number_atoms_solvent             129 
_refine_hist.number_atoms_total               1761 
_refine_hist.d_res_high                       1.70 
_refine_hist.d_res_low                        50.00 
# 
loop_
_refine_ls_restr.type 
_refine_ls_restr.dev_ideal 
_refine_ls_restr.dev_ideal_target 
_refine_ls_restr.weight 
_refine_ls_restr.number 
_refine_ls_restr.pdbx_refine_id 
_refine_ls_restr.pdbx_restraint_function 
r_bond_refined_d             0.023  0.022  ? 1653 'X-RAY DIFFRACTION' ? 
r_bond_other_d               0.009  0.020  ? 1120 'X-RAY DIFFRACTION' ? 
r_angle_refined_deg          2.033  1.992  ? 2224 'X-RAY DIFFRACTION' ? 
r_angle_other_deg            3.323  3.000  ? 2766 'X-RAY DIFFRACTION' ? 
r_dihedral_angle_1_deg       4.968  5.000  ? 204  'X-RAY DIFFRACTION' ? 
r_dihedral_angle_2_deg       39.997 24.762 ? 63   'X-RAY DIFFRACTION' ? 
r_dihedral_angle_3_deg       15.495 15.000 ? 328  'X-RAY DIFFRACTION' ? 
r_dihedral_angle_4_deg       6.143  15.000 ? 6    'X-RAY DIFFRACTION' ? 
r_chiral_restr               0.121  0.200  ? 265  'X-RAY DIFFRACTION' ? 
r_gen_planes_refined         0.010  0.020  ? 1753 'X-RAY DIFFRACTION' ? 
r_gen_planes_other           0.003  0.020  ? 297  'X-RAY DIFFRACTION' ? 
r_nbd_refined                ?      ?      ? ?    'X-RAY DIFFRACTION' ? 
r_nbd_other                  ?      ?      ? ?    'X-RAY DIFFRACTION' ? 
r_nbtor_refined              ?      ?      ? ?    'X-RAY DIFFRACTION' ? 
r_nbtor_other                ?      ?      ? ?    'X-RAY DIFFRACTION' ? 
r_xyhbond_nbd_refined        ?      ?      ? ?    'X-RAY DIFFRACTION' ? 
r_xyhbond_nbd_other          ?      ?      ? ?    'X-RAY DIFFRACTION' ? 
r_metal_ion_refined          ?      ?      ? ?    'X-RAY DIFFRACTION' ? 
r_metal_ion_other            ?      ?      ? ?    'X-RAY DIFFRACTION' ? 
r_symmetry_vdw_refined       ?      ?      ? ?    'X-RAY DIFFRACTION' ? 
r_symmetry_vdw_other         ?      ?      ? ?    'X-RAY DIFFRACTION' ? 
r_symmetry_hbond_refined     ?      ?      ? ?    'X-RAY DIFFRACTION' ? 
r_symmetry_hbond_other       ?      ?      ? ?    'X-RAY DIFFRACTION' ? 
r_symmetry_metal_ion_refined ?      ?      ? ?    'X-RAY DIFFRACTION' ? 
r_symmetry_metal_ion_other   ?      ?      ? ?    'X-RAY DIFFRACTION' ? 
r_mcbond_it                  1.104  1.500  ? 1026 'X-RAY DIFFRACTION' ? 
r_mcbond_other               0.398  1.500  ? 424  'X-RAY DIFFRACTION' ? 
r_mcangle_it                 1.881  2.000  ? 1648 'X-RAY DIFFRACTION' ? 
r_scbond_it                  3.912  3.000  ? 627  'X-RAY DIFFRACTION' ? 
r_scangle_it                 5.282  4.500  ? 576  'X-RAY DIFFRACTION' ? 
r_rigid_bond_restr           ?      ?      ? ?    'X-RAY DIFFRACTION' ? 
r_sphericity_free            ?      ?      ? ?    'X-RAY DIFFRACTION' ? 
r_sphericity_bonded          ?      ?      ? ?    'X-RAY DIFFRACTION' ? 
# 
_refine_ls_shell.pdbx_total_number_of_bins_used   20 
_refine_ls_shell.d_res_high                       1.70 
_refine_ls_shell.d_res_low                        1.74 
_refine_ls_shell.number_reflns_R_work             1392 
_refine_ls_shell.R_factor_R_work                  0.2150 
_refine_ls_shell.percent_reflns_obs               87.98 
_refine_ls_shell.R_factor_R_free                  0.3020 
_refine_ls_shell.R_factor_R_free_error            ? 
_refine_ls_shell.percent_reflns_R_free            ? 
_refine_ls_shell.number_reflns_R_free             79 
_refine_ls_shell.number_reflns_all                ? 
_refine_ls_shell.R_factor_all                     ? 
_refine_ls_shell.number_reflns_obs                ? 
_refine_ls_shell.redundancy_reflns_obs            ? 
_refine_ls_shell.pdbx_refine_id                   'X-RAY DIFFRACTION' 
# 
_struct.entry_id                  3ELK 
_struct.title                     'Crystal structure of putative transcriptional regulator TA0346 from Thermoplasma acidophilum' 
_struct.pdbx_model_details        ? 
_struct.pdbx_CASP_flag            ? 
_struct.pdbx_model_type_details   ? 
# 
_struct_keywords.entry_id        3ELK 
_struct_keywords.pdbx_keywords   'transcription regulator' 
_struct_keywords.text            
;transcriptional regulator, structural genomics, PSI-2, Protein Structure Initiative, Midwest Center for Structural Genomics, MCSG, transcription regulator
;
# 
loop_
_struct_asym.id 
_struct_asym.pdbx_blank_PDB_chainid_flag 
_struct_asym.pdbx_modified 
_struct_asym.entity_id 
_struct_asym.details 
A N N 1 ? 
B N N 1 ? 
C N N 2 ? 
D N N 2 ? 
E N N 3 ? 
F N N 3 ? 
# 
_struct_biol.id   1 
# 
loop_
_struct_conf.conf_type_id 
_struct_conf.id 
_struct_conf.pdbx_PDB_helix_id 
_struct_conf.beg_label_comp_id 
_struct_conf.beg_label_asym_id 
_struct_conf.beg_label_seq_id 
_struct_conf.pdbx_beg_PDB_ins_code 
_struct_conf.end_label_comp_id 
_struct_conf.end_label_asym_id 
_struct_conf.end_label_seq_id 
_struct_conf.pdbx_end_PDB_ins_code 
_struct_conf.beg_auth_comp_id 
_struct_conf.beg_auth_asym_id 
_struct_conf.beg_auth_seq_id 
_struct_conf.end_auth_comp_id 
_struct_conf.end_auth_asym_id 
_struct_conf.end_auth_seq_id 
_struct_conf.pdbx_PDB_helix_class 
_struct_conf.details 
_struct_conf.pdbx_PDB_helix_length 
HELX_P HELX_P1  1  GLU A 8  ? ARG A 26  ? GLU A 8  ARG A 26  1 ? 19 
HELX_P HELX_P2  2  GLY A 30 ? GLY A 42  ? GLY A 30 GLY A 42  1 ? 13 
HELX_P HELX_P3  3  GLY A 48 ? ARG A 60  ? GLY A 48 ARG A 60  1 ? 13 
HELX_P HELX_P4  4  THR A 82 ? HIS A 92  ? THR A 82 HIS A 92  1 ? 11 
HELX_P HELX_P5  5  ALA A 95 ? SER A 108 ? ALA A 95 SER A 108 1 ? 14 
HELX_P HELX_P6  6  GLU B 8  ? ARG B 26  ? GLU B 8  ARG B 26  1 ? 19 
HELX_P HELX_P7  7  HIS B 29 ? GLY B 42  ? HIS B 29 GLY B 42  1 ? 14 
HELX_P HELX_P8  8  GLY B 48 ? ARG B 60  ? GLY B 48 ARG B 60  1 ? 13 
HELX_P HELX_P9  9  THR B 82 ? HIS B 92  ? THR B 82 HIS B 92  1 ? 11 
HELX_P HELX_P10 10 HIS B 92 ? VAL B 110 ? HIS B 92 VAL B 110 1 ? 19 
# 
_struct_conf_type.id          HELX_P 
_struct_conf_type.criteria    ? 
_struct_conf_type.reference   ? 
# 
loop_
_struct_conn.id 
_struct_conn.conn_type_id 
_struct_conn.pdbx_leaving_atom_flag 
_struct_conn.pdbx_PDB_id 
_struct_conn.ptnr1_label_asym_id 
_struct_conn.ptnr1_label_comp_id 
_struct_conn.ptnr1_label_seq_id 
_struct_conn.ptnr1_label_atom_id 
_struct_conn.pdbx_ptnr1_label_alt_id 
_struct_conn.pdbx_ptnr1_PDB_ins_code 
_struct_conn.pdbx_ptnr1_standard_comp_id 
_struct_conn.ptnr1_symmetry 
_struct_conn.ptnr2_label_asym_id 
_struct_conn.ptnr2_label_comp_id 
_struct_conn.ptnr2_label_seq_id 
_struct_conn.ptnr2_label_atom_id 
_struct_conn.pdbx_ptnr2_label_alt_id 
_struct_conn.pdbx_ptnr2_PDB_ins_code 
_struct_conn.ptnr1_auth_asym_id 
_struct_conn.ptnr1_auth_comp_id 
_struct_conn.ptnr1_auth_seq_id 
_struct_conn.ptnr2_auth_asym_id 
_struct_conn.ptnr2_auth_comp_id 
_struct_conn.ptnr2_auth_seq_id 
_struct_conn.ptnr2_symmetry 
_struct_conn.pdbx_ptnr3_label_atom_id 
_struct_conn.pdbx_ptnr3_label_seq_id 
_struct_conn.pdbx_ptnr3_label_comp_id 
_struct_conn.pdbx_ptnr3_label_asym_id 
_struct_conn.pdbx_ptnr3_label_alt_id 
_struct_conn.pdbx_ptnr3_PDB_ins_code 
_struct_conn.details 
_struct_conn.pdbx_dist_value 
_struct_conn.pdbx_value_order 
_struct_conn.pdbx_role 
covale1  covale both ? A PRO 27 C ? ? ? 1_555 A MSE 28 N ? ? A PRO 27 A MSE 28 1_555 ? ? ? ? ? ? ? 1.322 ? ? 
covale2  covale both ? A MSE 28 C ? ? ? 1_555 A HIS 29 N ? ? A MSE 28 A HIS 29 1_555 ? ? ? ? ? ? ? 1.320 ? ? 
covale3  covale both ? A SER 36 C ? ? ? 1_555 A MSE 37 N ? ? A SER 36 A MSE 37 1_555 ? ? ? ? ? ? ? 1.303 ? ? 
covale4  covale both ? A MSE 37 C ? ? ? 1_555 A PHE 38 N ? ? A MSE 37 A PHE 38 1_555 ? ? ? ? ? ? ? 1.302 ? ? 
covale5  covale both ? A THR 56 C ? ? ? 1_555 A MSE 57 N ? ? A THR 56 A MSE 57 1_555 ? ? ? ? ? ? ? 1.316 ? ? 
covale6  covale both ? A MSE 57 C ? ? ? 1_555 A LYS 58 N ? ? A MSE 57 A LYS 58 1_555 ? ? ? ? ? ? ? 1.326 ? ? 
covale7  covale both ? A LEU 89 C ? ? ? 1_555 A OCS 90 N ? ? A LEU 89 A OCS 90 1_555 ? ? ? ? ? ? ? 1.304 ? ? 
covale8  covale both ? A OCS 90 C ? ? ? 1_555 A ASP 91 N ? ? A OCS 90 A ASP 91 1_555 ? ? ? ? ? ? ? 1.305 ? ? 
covale9  covale both ? B PRO 27 C ? ? ? 1_555 B MSE 28 N ? ? B PRO 27 B MSE 28 1_555 ? ? ? ? ? ? ? 1.301 ? ? 
covale10 covale both ? B MSE 28 C ? ? ? 1_555 B HIS 29 N ? ? B MSE 28 B HIS 29 1_555 ? ? ? ? ? ? ? 1.310 ? ? 
covale11 covale both ? B SER 36 C ? ? ? 1_555 B MSE 37 N ? ? B SER 36 B MSE 37 1_555 ? ? ? ? ? ? ? 1.313 ? ? 
covale12 covale both ? B MSE 37 C ? ? ? 1_555 B PHE 38 N ? ? B MSE 37 B PHE 38 1_555 ? ? ? ? ? ? ? 1.322 ? ? 
covale13 covale both ? B THR 56 C ? ? ? 1_555 B MSE 57 N ? ? B THR 56 B MSE 57 1_555 ? ? ? ? ? ? ? 1.293 ? ? 
covale14 covale both ? B MSE 57 C ? ? ? 1_555 B LYS 58 N ? ? B MSE 57 B LYS 58 1_555 ? ? ? ? ? ? ? 1.312 ? ? 
covale15 covale both ? B LEU 89 C ? ? ? 1_555 B OCS 90 N ? ? B LEU 89 B OCS 90 1_555 ? ? ? ? ? ? ? 1.297 ? ? 
covale16 covale both ? B OCS 90 C ? ? ? 1_555 B ASP 91 N ? ? B OCS 90 B ASP 91 1_555 ? ? ? ? ? ? ? 1.303 ? ? 
# 
_struct_conn_type.id          covale 
_struct_conn_type.criteria    ? 
_struct_conn_type.reference   ? 
# 
loop_
_struct_sheet.id 
_struct_sheet.type 
_struct_sheet.number_strands 
_struct_sheet.details 
A ? 3 ? 
B ? 2 ? 
# 
loop_
_struct_sheet_order.sheet_id 
_struct_sheet_order.range_id_1 
_struct_sheet_order.range_id_2 
_struct_sheet_order.offset 
_struct_sheet_order.sense 
A 1 2 ? anti-parallel 
A 2 3 ? anti-parallel 
B 1 2 ? anti-parallel 
# 
loop_
_struct_sheet_range.sheet_id 
_struct_sheet_range.id 
_struct_sheet_range.beg_label_comp_id 
_struct_sheet_range.beg_label_asym_id 
_struct_sheet_range.beg_label_seq_id 
_struct_sheet_range.pdbx_beg_PDB_ins_code 
_struct_sheet_range.end_label_comp_id 
_struct_sheet_range.end_label_asym_id 
_struct_sheet_range.end_label_seq_id 
_struct_sheet_range.pdbx_end_PDB_ins_code 
_struct_sheet_range.beg_auth_comp_id 
_struct_sheet_range.beg_auth_asym_id 
_struct_sheet_range.beg_auth_seq_id 
_struct_sheet_range.end_auth_comp_id 
_struct_sheet_range.end_auth_asym_id 
_struct_sheet_range.end_auth_seq_id 
A 1 MSE A 28 ? HIS A 29 ? MSE A 28 HIS A 29 
A 2 GLN A 75 ? ILE A 81 ? GLN A 75 ILE A 81 
A 3 VAL A 63 ? VAL A 69 ? VAL A 63 VAL A 69 
B 1 VAL B 63 ? VAL B 69 ? VAL B 63 VAL B 69 
B 2 GLN B 75 ? ILE B 81 ? GLN B 75 ILE B 81 
# 
loop_
_pdbx_struct_sheet_hbond.sheet_id 
_pdbx_struct_sheet_hbond.range_id_1 
_pdbx_struct_sheet_hbond.range_id_2 
_pdbx_struct_sheet_hbond.range_1_label_atom_id 
_pdbx_struct_sheet_hbond.range_1_label_comp_id 
_pdbx_struct_sheet_hbond.range_1_label_asym_id 
_pdbx_struct_sheet_hbond.range_1_label_seq_id 
_pdbx_struct_sheet_hbond.range_1_PDB_ins_code 
_pdbx_struct_sheet_hbond.range_1_auth_atom_id 
_pdbx_struct_sheet_hbond.range_1_auth_comp_id 
_pdbx_struct_sheet_hbond.range_1_auth_asym_id 
_pdbx_struct_sheet_hbond.range_1_auth_seq_id 
_pdbx_struct_sheet_hbond.range_2_label_atom_id 
_pdbx_struct_sheet_hbond.range_2_label_comp_id 
_pdbx_struct_sheet_hbond.range_2_label_asym_id 
_pdbx_struct_sheet_hbond.range_2_label_seq_id 
_pdbx_struct_sheet_hbond.range_2_PDB_ins_code 
_pdbx_struct_sheet_hbond.range_2_auth_atom_id 
_pdbx_struct_sheet_hbond.range_2_auth_comp_id 
_pdbx_struct_sheet_hbond.range_2_auth_asym_id 
_pdbx_struct_sheet_hbond.range_2_auth_seq_id 
A 1 2 N MSE A 28 ? N MSE A 28 O TYR A 79 ? O TYR A 79 
A 2 3 O LEU A 76 ? O LEU A 76 N SER A 68 ? N SER A 68 
B 1 2 N SER B 68 ? N SER B 68 O LEU B 76 ? O LEU B 76 
# 
loop_
_struct_site.id 
_struct_site.pdbx_evidence_code 
_struct_site.pdbx_auth_asym_id 
_struct_site.pdbx_auth_comp_id 
_struct_site.pdbx_auth_seq_id 
_struct_site.pdbx_auth_ins_code 
_struct_site.pdbx_num_residues 
_struct_site.details 
AC1 Software A CL 118 ? 2 'BINDING SITE FOR RESIDUE CL A 118' 
AC2 Software B CL 118 ? 5 'BINDING SITE FOR RESIDUE CL B 118' 
# 
loop_
_struct_site_gen.id 
_struct_site_gen.site_id 
_struct_site_gen.pdbx_num_res 
_struct_site_gen.label_comp_id 
_struct_site_gen.label_asym_id 
_struct_site_gen.label_seq_id 
_struct_site_gen.pdbx_auth_ins_code 
_struct_site_gen.auth_comp_id 
_struct_site_gen.auth_asym_id 
_struct_site_gen.auth_seq_id 
_struct_site_gen.label_atom_id 
_struct_site_gen.label_alt_id 
_struct_site_gen.symmetry 
_struct_site_gen.details 
1 AC1 2 THR A 82 ? THR A 82  . ? 1_555 ? 
2 AC1 2 ASP A 83 ? ASP A 83  . ? 1_555 ? 
3 AC2 5 ASN A 70 ? ASN A 70  . ? 1_555 ? 
4 AC2 5 TYR B 31 ? TYR B 31  . ? 1_555 ? 
5 AC2 5 TYR B 51 ? TYR B 51  . ? 1_555 ? 
6 AC2 5 HOH F .  ? HOH B 125 . ? 1_555 ? 
7 AC2 5 HOH F .  ? HOH B 156 . ? 1_555 ? 
# 
_atom_sites.entry_id                    3ELK 
_atom_sites.fract_transf_matrix[1][1]   -0.00141334 
_atom_sites.fract_transf_matrix[1][2]   -0.01500932 
_atom_sites.fract_transf_matrix[1][3]   0.01805307 
_atom_sites.fract_transf_matrix[2][1]   -0.01083622 
_atom_sites.fract_transf_matrix[2][2]   -0.01419072 
_atom_sites.fract_transf_matrix[2][3]   -0.01264650 
_atom_sites.fract_transf_matrix[3][1]   0.00417733 
_atom_sites.fract_transf_matrix[3][2]   -0.00199969 
_atom_sites.fract_transf_matrix[3][3]   -0.00133550 
_atom_sites.fract_transf_vector[1]      0.278002 
_atom_sites.fract_transf_vector[2]      0.155834 
_atom_sites.fract_transf_vector[3]      0.373897 
# 
loop_
_atom_type.symbol 
C  
CL 
N  
O  
S  
SE 
# 
loop_
_atom_site.group_PDB 
_atom_site.id 
_atom_site.type_symbol 
_atom_site.label_atom_id 
_atom_site.label_alt_id 
_atom_site.label_comp_id 
_atom_site.label_asym_id 
_atom_site.label_entity_id 
_atom_site.label_seq_id 
_atom_site.pdbx_PDB_ins_code 
_atom_site.Cartn_x 
_atom_site.Cartn_y 
_atom_site.Cartn_z 
_atom_site.occupancy 
_atom_site.B_iso_or_equiv 
_atom_site.pdbx_formal_charge 
_atom_site.auth_seq_id 
_atom_site.auth_comp_id 
_atom_site.auth_asym_id 
_atom_site.auth_atom_id 
_atom_site.pdbx_PDB_model_num 
ATOM   1    N  N   . THR A 1 6   ? 16.221  -15.352 -1.811  1.00 42.76 ? 6   THR A N   1 
ATOM   2    C  CA  . THR A 1 6   ? 16.188  -15.047 -0.348  1.00 43.42 ? 6   THR A CA  1 
ATOM   3    C  C   . THR A 1 6   ? 16.869  -16.155 0.416   1.00 44.31 ? 6   THR A C   1 
ATOM   4    C  CB  . THR A 1 6   ? 14.728  -14.982 0.170   1.00 44.48 ? 6   THR A CB  1 
ATOM   5    N  N   . ARG A 1 7   ? 17.092  -17.217 -0.367  1.00 42.90 ? 7   ARG A N   1 
ATOM   6    C  CA  . ARG A 1 7   ? 17.616  -18.525 0.075   1.00 40.96 ? 7   ARG A CA  1 
ATOM   7    C  C   . ARG A 1 7   ? 19.113  -18.604 -0.019  1.00 40.02 ? 7   ARG A C   1 
ATOM   8    O  O   . ARG A 1 7   ? 19.734  -19.660 0.122   1.00 41.24 ? 7   ARG A O   1 
ATOM   9    C  CB  . ARG A 1 7   ? 17.023  -19.662 -0.767  1.00 40.26 ? 7   ARG A CB  1 
ATOM   10   N  N   . GLU A 1 8   ? 19.661  -17.457 -0.301  1.00 38.22 ? 8   GLU A N   1 
ATOM   11   C  CA  . GLU A 1 8   ? 21.145  -17.238 -0.389  1.00 37.83 ? 8   GLU A CA  1 
ATOM   12   C  C   . GLU A 1 8   ? 21.549  -16.116 0.518   1.00 36.20 ? 8   GLU A C   1 
ATOM   13   O  O   . GLU A 1 8   ? 20.932  -15.072 0.542   1.00 32.63 ? 8   GLU A O   1 
ATOM   14   C  CB  . GLU A 1 8   ? 21.597  -16.897 -1.828  1.00 38.61 ? 8   GLU A CB  1 
ATOM   15   C  CG  . GLU A 1 8   ? 23.091  -17.287 -2.156  1.00 42.99 ? 8   GLU A CG  1 
ATOM   16   C  CD  . GLU A 1 8   ? 24.131  -16.123 -2.071  1.00 48.30 ? 8   GLU A CD  1 
ATOM   17   O  OE1 . GLU A 1 8   ? 24.422  -15.506 -3.140  1.00 54.47 ? 8   GLU A OE1 1 
ATOM   18   O  OE2 . GLU A 1 8   ? 24.693  -15.846 -0.967  1.00 46.94 ? 8   GLU A OE2 1 
ATOM   19   N  N   . ARG A 1 9   ? 22.608  -16.355 1.262   1.00 34.85 ? 9   ARG A N   1 
ATOM   20   C  CA  . ARG A 1 9   ? 22.944  -15.506 2.410   1.00 34.43 ? 9   ARG A CA  1 
ATOM   21   C  C   . ARG A 1 9   ? 23.160  -14.054 2.092   1.00 32.47 ? 9   ARG A C   1 
ATOM   22   O  O   . ARG A 1 9   ? 22.635  -13.169 2.781   1.00 33.34 ? 9   ARG A O   1 
ATOM   23   C  CB  . ARG A 1 9   ? 24.131  -15.997 3.182   1.00 34.91 ? 9   ARG A CB  1 
ATOM   24   C  CG  . ARG A 1 9   ? 24.281  -15.194 4.441   1.00 39.72 ? 9   ARG A CG  1 
ATOM   25   C  CD  . ARG A 1 9   ? 23.846  -15.924 5.678   1.00 44.69 ? 9   ARG A CD  1 
ATOM   26   N  NE  . ARG A 1 9   ? 24.625  -17.125 5.879   1.00 47.28 ? 9   ARG A NE  1 
ATOM   27   C  CZ  . ARG A 1 9   ? 24.433  -17.962 6.884   1.00 48.41 ? 9   ARG A CZ  1 
ATOM   28   N  NH1 . ARG A 1 9   ? 23.508  -17.689 7.788   1.00 49.09 ? 9   ARG A NH1 1 
ATOM   29   N  NH2 . ARG A 1 9   ? 25.182  -19.054 6.991   1.00 50.98 ? 9   ARG A NH2 1 
ATOM   30   N  N   . ILE A 1 10  ? 23.924  -13.796 1.054   1.00 29.95 ? 10  ILE A N   1 
ATOM   31   C  CA  . ILE A 1 10  ? 24.253  -12.372 0.773   1.00 29.52 ? 10  ILE A CA  1 
ATOM   32   C  C   . ILE A 1 10  ? 22.943  -11.627 0.403   1.00 28.56 ? 10  ILE A C   1 
ATOM   33   O  O   . ILE A 1 10  ? 22.616  -10.532 0.841   1.00 28.67 ? 10  ILE A O   1 
ATOM   34   C  CB  . ILE A 1 10  ? 25.303  -12.249 -0.351  1.00 28.37 ? 10  ILE A CB  1 
ATOM   35   C  CG1 . ILE A 1 10  ? 26.718  -12.583 0.167   1.00 31.67 ? 10  ILE A CG1 1 
ATOM   36   C  CG2 . ILE A 1 10  ? 25.356  -10.833 -0.872  1.00 30.06 ? 10  ILE A CG2 1 
ATOM   37   C  CD1 . ILE A 1 10  ? 27.733  -13.052 -0.946  1.00 29.35 ? 10  ILE A CD1 1 
ATOM   38   N  N   . LEU A 1 11  ? 22.185  -12.295 -0.417  1.00 30.37 ? 11  LEU A N   1 
ATOM   39   C  CA  . LEU A 1 11  ? 20.894  -11.754 -0.912  1.00 31.42 ? 11  LEU A CA  1 
ATOM   40   C  C   . LEU A 1 11  ? 19.924  -11.580 0.241   1.00 30.56 ? 11  LEU A C   1 
ATOM   41   O  O   . LEU A 1 11  ? 19.192  -10.603 0.300   1.00 29.82 ? 11  LEU A O   1 
ATOM   42   C  CB  . LEU A 1 11  ? 20.350  -12.651 -2.013  1.00 32.88 ? 11  LEU A CB  1 
ATOM   43   C  CG  . LEU A 1 11  ? 19.430  -11.964 -2.973  1.00 37.31 ? 11  LEU A CG  1 
ATOM   44   C  CD1 . LEU A 1 11  ? 20.117  -10.673 -3.541  1.00 38.67 ? 11  LEU A CD1 1 
ATOM   45   C  CD2 . LEU A 1 11  ? 18.926  -12.994 -4.063  1.00 39.49 ? 11  LEU A CD2 1 
ATOM   46   N  N   . HIS A 1 12  ? 19.902  -12.553 1.172   1.00 29.41 ? 12  HIS A N   1 
ATOM   47   C  CA  . HIS A 1 12  ? 18.982  -12.493 2.285   1.00 29.56 ? 12  HIS A CA  1 
ATOM   48   C  C   . HIS A 1 12  ? 19.278  -11.265 3.137   1.00 29.18 ? 12  HIS A C   1 
ATOM   49   O  O   . HIS A 1 12  ? 18.404  -10.514 3.577   1.00 29.87 ? 12  HIS A O   1 
ATOM   50   C  CB  . HIS A 1 12  ? 19.039  -13.802 3.065   1.00 29.97 ? 12  HIS A CB  1 
ATOM   51   C  CG  . HIS A 1 12  ? 18.080  -13.911 4.191   1.00 32.82 ? 12  HIS A CG  1 
ATOM   52   N  ND1 . HIS A 1 12  ? 18.323  -13.323 5.419   1.00 36.60 ? 12  HIS A ND1 1 
ATOM   53   C  CD2 . HIS A 1 12  ? 16.959  -14.669 4.349   1.00 31.50 ? 12  HIS A CD2 1 
ATOM   54   C  CE1 . HIS A 1 12  ? 17.378  -13.683 6.271   1.00 35.58 ? 12  HIS A CE1 1 
ATOM   55   N  NE2 . HIS A 1 12  ? 16.546  -14.505 5.653   1.00 34.19 ? 12  HIS A NE2 1 
ATOM   56   N  N   . GLY A 1 13  ? 20.550  -10.990 3.255   1.00 28.27 ? 13  GLY A N   1 
ATOM   57   C  CA  . GLY A 1 13  ? 21.027  -9.813  3.994   1.00 28.51 ? 13  GLY A CA  1 
ATOM   58   C  C   . GLY A 1 13  ? 20.647  -8.490  3.379   1.00 27.77 ? 13  GLY A C   1 
ATOM   59   O  O   . GLY A 1 13  ? 20.128  -7.579  4.028   1.00 29.66 ? 13  GLY A O   1 
ATOM   60   N  N   . LEU A 1 14  ? 20.817  -8.443  2.082   1.00 27.28 ? 14  LEU A N   1 
ATOM   61   C  CA  . LEU A 1 14  ? 20.542  -7.237  1.310   1.00 26.79 ? 14  LEU A CA  1 
ATOM   62   C  C   . LEU A 1 14  ? 19.056  -6.917  1.280   1.00 27.60 ? 14  LEU A C   1 
ATOM   63   O  O   . LEU A 1 14  ? 18.643  -5.759  1.344   1.00 29.39 ? 14  LEU A O   1 
ATOM   64   C  CB  . LEU A 1 14  ? 21.143  -7.320  -0.092  1.00 26.72 ? 14  LEU A CB  1 
ATOM   65   C  CG  . LEU A 1 14  ? 22.670  -7.164  -0.126  1.00 25.90 ? 14  LEU A CG  1 
ATOM   66   C  CD1 . LEU A 1 14  ? 23.155  -7.605  -1.516  1.00 28.82 ? 14  LEU A CD1 1 
ATOM   67   C  CD2 . LEU A 1 14  ? 23.083  -5.729  0.233   1.00 28.86 ? 14  LEU A CD2 1 
ATOM   68   N  N   . ILE A 1 15  ? 18.252  -7.959  1.093   1.00 27.67 ? 15  ILE A N   1 
ATOM   69   C  CA  . ILE A 1 15  ? 16.777  -7.823  1.042   1.00 28.15 ? 15  ILE A CA  1 
ATOM   70   C  C   . ILE A 1 15  ? 16.267  -7.337  2.419   1.00 29.01 ? 15  ILE A C   1 
ATOM   71   O  O   . ILE A 1 15  ? 15.391  -6.494  2.522   1.00 30.40 ? 15  ILE A O   1 
ATOM   72   C  CB  . ILE A 1 15  ? 16.104  -9.124  0.520   1.00 29.32 ? 15  ILE A CB  1 
ATOM   73   C  CG1 . ILE A 1 15  ? 16.429  -9.451  -0.950  1.00 31.78 ? 15  ILE A CG1 1 
ATOM   74   C  CG2 . ILE A 1 15  ? 14.541  -9.022  0.554   1.00 33.16 ? 15  ILE A CG2 1 
ATOM   75   C  CD1 . ILE A 1 15  ? 16.102  -10.919 -1.289  1.00 34.02 ? 15  ILE A CD1 1 
ATOM   76   N  N   . THR A 1 16  ? 16.841  -7.870  3.486   1.00 25.66 ? 16  THR A N   1 
ATOM   77   C  CA  . THR A 1 16  ? 16.535  -7.437  4.831   1.00 27.03 ? 16  THR A CA  1 
ATOM   78   C  C   . THR A 1 16  ? 16.716  -5.932  4.965   1.00 26.84 ? 16  THR A C   1 
ATOM   79   O  O   . THR A 1 16  ? 15.858  -5.187  5.395   1.00 28.09 ? 16  THR A O   1 
ATOM   80   C  CB  . THR A 1 16  ? 17.363  -8.179  5.879   1.00 26.58 ? 16  THR A CB  1 
ATOM   81   O  OG1 . THR A 1 16  ? 16.910  -9.543  5.917   1.00 29.34 ? 16  THR A OG1 1 
ATOM   82   C  CG2 . THR A 1 16  ? 17.126  -7.571  7.270   1.00 29.62 ? 16  THR A CG2 1 
ATOM   83   N  N   . LEU A 1 17  ? 17.855  -5.492  4.492   1.00 26.88 ? 17  LEU A N   1 
ATOM   84   C  CA  . LEU A 1 17  ? 18.197  -4.080  4.507   1.00 26.46 ? 17  LEU A CA  1 
ATOM   85   C  C   . LEU A 1 17  ? 17.220  -3.241  3.714   1.00 27.63 ? 17  LEU A C   1 
ATOM   86   O  O   . LEU A 1 17  ? 16.814  -2.152  4.095   1.00 26.93 ? 17  LEU A O   1 
ATOM   87   C  CB  . LEU A 1 17  ? 19.619  -3.841  4.048   1.00 28.24 ? 17  LEU A CB  1 
ATOM   88   C  CG  . LEU A 1 17  ? 20.730  -4.381  4.968   1.00 27.45 ? 17  LEU A CG  1 
ATOM   89   C  CD1 . LEU A 1 17  ? 22.075  -3.927  4.470   1.00 30.46 ? 17  LEU A CD1 1 
ATOM   90   C  CD2 . LEU A 1 17  ? 20.570  -4.023  6.470   1.00 29.15 ? 17  LEU A CD2 1 
ATOM   91   N  N   . TYR A 1 18  ? 16.910  -3.724  2.545   1.00 27.89 ? 18  TYR A N   1 
ATOM   92   C  CA  . TYR A 1 18  ? 15.926  -3.026  1.648   1.00 28.31 ? 18  TYR A CA  1 
ATOM   93   C  C   . TYR A 1 18  ? 14.576  -2.824  2.368   1.00 28.78 ? 18  TYR A C   1 
ATOM   94   O  O   . TYR A 1 18  ? 14.003  -1.757  2.374   1.00 28.18 ? 18  TYR A O   1 
ATOM   95   C  CB  . TYR A 1 18  ? 15.697  -3.783  0.340   1.00 28.32 ? 18  TYR A CB  1 
ATOM   96   C  CG  . TYR A 1 18  ? 14.643  -3.165  -0.535  1.00 32.29 ? 18  TYR A CG  1 
ATOM   97   C  CD1 . TYR A 1 18  ? 14.969  -2.070  -1.285  1.00 29.63 ? 18  TYR A CD1 1 
ATOM   98   C  CD2 . TYR A 1 18  ? 13.325  -3.566  -0.483  1.00 31.06 ? 18  TYR A CD2 1 
ATOM   99   C  CE1 . TYR A 1 18  ? 13.964  -1.434  -2.096  1.00 35.32 ? 18  TYR A CE1 1 
ATOM   100  C  CE2 . TYR A 1 18  ? 12.330  -2.939  -1.178  1.00 28.73 ? 18  TYR A CE2 1 
ATOM   101  C  CZ  . TYR A 1 18  ? 12.663  -1.916  -2.027  1.00 34.05 ? 18  TYR A CZ  1 
ATOM   102  O  OH  . TYR A 1 18  ? 11.678  -1.306  -2.704  1.00 32.37 ? 18  TYR A OH  1 
ATOM   103  N  N   . ILE A 1 19  ? 14.125  -3.912  2.995   1.00 27.99 ? 19  ILE A N   1 
ATOM   104  C  CA  . ILE A 1 19  ? 12.865  -3.871  3.766   1.00 28.11 ? 19  ILE A CA  1 
ATOM   105  C  C   . ILE A 1 19  ? 12.944  -2.830  4.829   1.00 28.12 ? 19  ILE A C   1 
ATOM   106  O  O   . ILE A 1 19  ? 12.052  -2.013  5.036   1.00 26.40 ? 19  ILE A O   1 
ATOM   107  C  CB  . ILE A 1 19  ? 12.459  -5.221  4.292   1.00 27.37 ? 19  ILE A CB  1 
ATOM   108  C  CG1 . ILE A 1 19  ? 12.118  -6.122  3.139   1.00 28.16 ? 19  ILE A CG1 1 
ATOM   109  C  CG2 . ILE A 1 19  ? 11.348  -5.132  5.287   1.00 26.86 ? 19  ILE A CG2 1 
ATOM   110  C  CD1 . ILE A 1 19  ? 11.945  -7.672  3.403   1.00 27.33 ? 19  ILE A CD1 1 
ATOM   111  N  N   . LEU A 1 20  ? 13.976  -2.937  5.613   1.00 29.07 ? 20  LEU A N   1 
ATOM   112  C  CA  . LEU A 1 20  ? 14.208  -1.982  6.682   1.00 27.58 ? 20  LEU A CA  1 
ATOM   113  C  C   . LEU A 1 20  ? 14.185  -0.541  6.227   1.00 29.06 ? 20  LEU A C   1 
ATOM   114  O  O   . LEU A 1 20  ? 13.472  0.326   6.789   1.00 29.26 ? 20  LEU A O   1 
ATOM   115  C  CB  . LEU A 1 20  ? 15.480  -2.284  7.535   1.00 29.20 ? 20  LEU A CB  1 
ATOM   116  C  CG  . LEU A 1 20  ? 15.441  -3.612  8.309   1.00 31.29 ? 20  LEU A CG  1 
ATOM   117  C  CD1 . LEU A 1 20  ? 16.765  -4.005  8.976   1.00 30.15 ? 20  LEU A CD1 1 
ATOM   118  C  CD2 . LEU A 1 20  ? 14.340  -3.643  9.372   1.00 26.68 ? 20  LEU A CD2 1 
ATOM   119  N  N   . LYS A 1 21  ? 14.840  -0.310  5.108   1.00 28.63 ? 21  LYS A N   1 
ATOM   120  C  CA  . LYS A 1 21  ? 14.927  1.037   4.559   1.00 28.06 ? 21  LYS A CA  1 
ATOM   121  C  C   . LYS A 1 21  ? 13.534  1.592   4.111   1.00 29.54 ? 21  LYS A C   1 
ATOM   122  O  O   . LYS A 1 21  ? 13.187  2.771   4.281   1.00 29.66 ? 21  LYS A O   1 
ATOM   123  C  CB  . LYS A 1 21  ? 15.927  1.003   3.427   1.00 27.23 ? 21  LYS A CB  1 
ATOM   124  C  CG  . LYS A 1 21  ? 16.147  2.337   2.712   1.00 28.68 ? 21  LYS A CG  1 
ATOM   125  C  CD  . LYS A 1 21  ? 15.228  2.505   1.492   1.00 30.56 ? 21  LYS A CD  1 
ATOM   126  C  CE  . LYS A 1 21  ? 15.432  1.517   0.314   1.00 32.41 ? 21  LYS A CE  1 
ATOM   127  N  NZ  . LYS A 1 21  ? 14.618  2.052   -0.883  1.00 30.25 ? 21  LYS A NZ  1 
ATOM   128  N  N   . GLU A 1 22  ? 12.765  0.693   3.550   1.00 27.94 ? 22  GLU A N   1 
ATOM   129  C  CA  . GLU A 1 22  ? 11.372  1.007   3.121   1.00 28.44 ? 22  GLU A CA  1 
ATOM   130  C  C   . GLU A 1 22  ? 10.501  1.313   4.334   1.00 28.38 ? 22  GLU A C   1 
ATOM   131  O  O   . GLU A 1 22  ? 9.726   2.261   4.344   1.00 28.62 ? 22  GLU A O   1 
ATOM   132  C  CB  . GLU A 1 22  ? 10.794  -0.095  2.288   1.00 27.14 ? 22  GLU A CB  1 
ATOM   133  C  CG  . GLU A 1 22  ? 11.315  -0.122  0.909   1.00 32.79 ? 22  GLU A CG  1 
ATOM   134  C  CD  . GLU A 1 22  ? 10.968  1.136   0.139   1.00 33.59 ? 22  GLU A CD  1 
ATOM   135  O  OE1 . GLU A 1 22  ? 9.754   1.480   -0.008  1.00 32.84 ? 22  GLU A OE1 1 
ATOM   136  O  OE2 . GLU A 1 22  ? 11.890  1.825   -0.382  1.00 33.85 ? 22  GLU A OE2 1 
ATOM   137  N  N   . LEU A 1 23  ? 10.667  0.531   5.370   1.00 27.78 ? 23  LEU A N   1 
ATOM   138  C  CA  . LEU A 1 23  ? 9.877   0.699   6.557   1.00 28.62 ? 23  LEU A CA  1 
ATOM   139  C  C   . LEU A 1 23  ? 10.217  1.966   7.322   1.00 29.05 ? 23  LEU A C   1 
ATOM   140  O  O   . LEU A 1 23  ? 9.382   2.522   8.074   1.00 29.13 ? 23  LEU A O   1 
ATOM   141  C  CB  . LEU A 1 23  ? 9.996   -0.509  7.493   1.00 28.76 ? 23  LEU A CB  1 
ATOM   142  C  CG  . LEU A 1 23  ? 9.406   -1.801  6.958   1.00 29.61 ? 23  LEU A CG  1 
ATOM   143  C  CD1 . LEU A 1 23  ? 9.712   -2.888  7.907   1.00 28.46 ? 23  LEU A CD1 1 
ATOM   144  C  CD2 . LEU A 1 23  ? 7.912   -1.657  6.624   1.00 34.63 ? 23  LEU A CD2 1 
ATOM   145  N  N   . VAL A 1 24  ? 11.419  2.454   7.132   1.00 28.87 ? 24  VAL A N   1 
ATOM   146  C  CA  . VAL A 1 24  ? 11.809  3.762   7.709   1.00 29.57 ? 24  VAL A CA  1 
ATOM   147  C  C   . VAL A 1 24  ? 10.930  4.864   7.138   1.00 29.39 ? 24  VAL A C   1 
ATOM   148  O  O   . VAL A 1 24  ? 10.659  5.888   7.765   1.00 29.25 ? 24  VAL A O   1 
ATOM   149  C  CB  . VAL A 1 24  ? 13.281  4.100   7.449   1.00 30.79 ? 24  VAL A CB  1 
ATOM   150  C  CG1 . VAL A 1 24  ? 13.544  5.517   7.701   1.00 31.24 ? 24  VAL A CG1 1 
ATOM   151  C  CG2 . VAL A 1 24  ? 14.185  3.226   8.350   1.00 31.48 ? 24  VAL A CG2 1 
ATOM   152  N  N   . LYS A 1 25  ? 10.504  4.645   5.908   1.00 29.40 ? 25  LYS A N   1 
ATOM   153  C  CA  . LYS A 1 25  ? 9.620   5.625   5.249   1.00 29.88 ? 25  LYS A CA  1 
ATOM   154  C  C   . LYS A 1 25  ? 8.250   5.685   5.899   1.00 29.83 ? 25  LYS A C   1 
ATOM   155  O  O   . LYS A 1 25  ? 7.746   6.751   6.236   1.00 29.24 ? 25  LYS A O   1 
ATOM   156  C  CB  . LYS A 1 25  ? 9.433   5.322   3.765   1.00 30.87 ? 25  LYS A CB  1 
ATOM   157  C  CG  . LYS A 1 25  ? 10.654  5.519   2.974   1.00 33.80 ? 25  LYS A CG  1 
ATOM   158  C  CD  . LYS A 1 25  ? 10.413  5.112   1.513   1.00 34.45 ? 25  LYS A CD  1 
ATOM   159  C  CE  . LYS A 1 25  ? 11.749  5.000   0.807   1.00 34.43 ? 25  LYS A CE  1 
ATOM   160  N  NZ  . LYS A 1 25  ? 11.652  4.826   -0.681  1.00 36.45 ? 25  LYS A NZ  1 
ATOM   161  N  N   . ARG A 1 26  ? 7.638   4.522   5.974   1.00 29.01 ? 26  ARG A N   1 
ATOM   162  C  CA  . ARG A 1 26  ? 6.348   4.368   6.650   1.00 30.98 ? 26  ARG A CA  1 
ATOM   163  C  C   . ARG A 1 26  ? 6.068   2.915   6.830   1.00 29.63 ? 26  ARG A C   1 
ATOM   164  O  O   . ARG A 1 26  ? 6.663   2.125   6.159   1.00 27.19 ? 26  ARG A O   1 
ATOM   165  C  CB  . ARG A 1 26  ? 5.255   4.995   5.854   1.00 33.03 ? 26  ARG A CB  1 
ATOM   166  C  CG  . ARG A 1 26  ? 5.032   4.389   4.511   1.00 33.54 ? 26  ARG A CG  1 
ATOM   167  C  CD  . ARG A 1 26  ? 3.869   5.114   3.749   1.00 36.16 ? 26  ARG A CD  1 
ATOM   168  N  NE  . ARG A 1 26  ? 3.864   4.594   2.404   1.00 38.13 ? 26  ARG A NE  1 
ATOM   169  C  CZ  . ARG A 1 26  ? 3.253   3.485   2.041   1.00 38.74 ? 26  ARG A CZ  1 
ATOM   170  N  NH1 . ARG A 1 26  ? 2.475   2.868   2.877   1.00 42.53 ? 26  ARG A NH1 1 
ATOM   171  N  NH2 . ARG A 1 26  ? 3.365   3.063   0.800   1.00 42.67 ? 26  ARG A NH2 1 
ATOM   172  N  N   . PRO A 1 27  ? 5.190   2.544   7.763   1.00 29.63 ? 27  PRO A N   1 
ATOM   173  C  CA  . PRO A 1 27  ? 4.844   1.123   7.877   1.00 29.07 ? 27  PRO A CA  1 
ATOM   174  C  C   . PRO A 1 27  ? 4.245   0.628   6.589   1.00 30.66 ? 27  PRO A C   1 
ATOM   175  O  O   . PRO A 1 27  ? 3.551   1.397   5.904   1.00 30.83 ? 27  PRO A O   1 
ATOM   176  C  CB  . PRO A 1 27  ? 3.802   1.108   9.012   1.00 30.33 ? 27  PRO A CB  1 
ATOM   177  C  CG  . PRO A 1 27  ? 4.177   2.342   9.894   1.00 28.22 ? 27  PRO A CG  1 
ATOM   178  C  CD  . PRO A 1 27  ? 4.536   3.383   8.774   1.00 30.16 ? 27  PRO A CD  1 
HETATM 179  N  N   . MSE A 1 28  ? 4.427   -0.643  6.277   1.00 30.62 ? 28  MSE A N   1 
HETATM 180  C  CA  . MSE A 1 28  ? 3.960   -1.179  5.008   1.00 32.16 ? 28  MSE A CA  1 
HETATM 181  C  C   . MSE A 1 28  ? 3.377   -2.549  5.158   1.00 31.48 ? 28  MSE A C   1 
HETATM 182  O  O   . MSE A 1 28  ? 3.762   -3.316  6.010   1.00 28.43 ? 28  MSE A O   1 
HETATM 183  C  CB  . MSE A 1 28  ? 5.121   -1.322  4.030   1.00 34.17 ? 28  MSE A CB  1 
HETATM 184  C  CG  . MSE A 1 28  ? 6.107   -0.246  4.037   1.00 42.33 ? 28  MSE A CG  1 
HETATM 185  SE SE  . MSE A 1 28  ? 5.793   0.809   2.522   1.00 62.19 ? 28  MSE A SE  1 
HETATM 186  C  CE  . MSE A 1 28  ? 7.181   2.238   2.559   1.00 31.16 ? 28  MSE A CE  1 
ATOM   187  N  N   . HIS A 1 29  ? 2.476   -2.868  4.248   1.00 31.09 ? 29  HIS A N   1 
ATOM   188  C  CA  . HIS A 1 29  ? 2.013   -4.258  4.078   1.00 30.39 ? 29  HIS A CA  1 
ATOM   189  C  C   . HIS A 1 29  ? 3.033   -5.007  3.276   1.00 30.50 ? 29  HIS A C   1 
ATOM   190  O  O   . HIS A 1 29  ? 3.800   -4.470  2.558   1.00 32.04 ? 29  HIS A O   1 
ATOM   191  C  CB  . HIS A 1 29  ? 0.715   -4.348  3.247   1.00 31.04 ? 29  HIS A CB  1 
ATOM   192  C  CG  . HIS A 1 29  ? -0.434  -3.618  3.823   1.00 30.95 ? 29  HIS A CG  1 
ATOM   193  N  ND1 . HIS A 1 29  ? -1.321  -4.217  4.694   1.00 33.34 ? 29  HIS A ND1 1 
ATOM   194  C  CD2 . HIS A 1 29  ? -0.899  -2.368  3.610   1.00 34.12 ? 29  HIS A CD2 1 
ATOM   195  C  CE1 . HIS A 1 29  ? -2.253  -3.342  5.050   1.00 31.80 ? 29  HIS A CE1 1 
ATOM   196  N  NE2 . HIS A 1 29  ? -2.015  -2.213  4.404   1.00 34.06 ? 29  HIS A NE2 1 
ATOM   197  N  N   . GLY A 1 30  ? 2.965   -6.295  3.373   1.00 28.50 ? 30  GLY A N   1 
ATOM   198  C  CA  . GLY A 1 30  ? 3.837   -7.134  2.624   1.00 29.51 ? 30  GLY A CA  1 
ATOM   199  C  C   . GLY A 1 30  ? 3.721   -6.943  1.144   1.00 30.03 ? 30  GLY A C   1 
ATOM   200  O  O   . GLY A 1 30  ? 4.699   -7.034  0.435   1.00 29.99 ? 30  GLY A O   1 
ATOM   201  N  N   . TYR A 1 31  ? 2.512   -6.684  0.696   1.00 30.33 ? 31  TYR A N   1 
ATOM   202  C  CA  . TYR A 1 31  ? 2.294   -6.586  -0.726  1.00 30.21 ? 31  TYR A CA  1 
ATOM   203  C  C   . TYR A 1 31  ? 2.972   -5.344  -1.276  1.00 29.47 ? 31  TYR A C   1 
ATOM   204  O  O   . TYR A 1 31  ? 3.433   -5.296  -2.417  1.00 30.32 ? 31  TYR A O   1 
ATOM   205  C  CB  . TYR A 1 31  ? 0.815   -6.640  -1.112  1.00 32.27 ? 31  TYR A CB  1 
ATOM   206  C  CG  . TYR A 1 31  ? 0.104   -5.331  -1.027  1.00 35.53 ? 31  TYR A CG  1 
ATOM   207  C  CD1 . TYR A 1 31  ? 0.203   -4.391  -2.052  1.00 34.91 ? 31  TYR A CD1 1 
ATOM   208  C  CD2 . TYR A 1 31  ? -0.698  -5.025  0.078   1.00 40.73 ? 31  TYR A CD2 1 
ATOM   209  C  CE1 . TYR A 1 31  ? -0.444  -3.155  -1.966  1.00 37.51 ? 31  TYR A CE1 1 
ATOM   210  C  CE2 . TYR A 1 31  ? -1.349  -3.803  0.167   1.00 40.57 ? 31  TYR A CE2 1 
ATOM   211  C  CZ  . TYR A 1 31  ? -1.220  -2.880  -0.866  1.00 40.09 ? 31  TYR A CZ  1 
ATOM   212  O  OH  . TYR A 1 31  ? -1.863  -1.691  -0.767  1.00 46.21 ? 31  TYR A OH  1 
ATOM   213  N  N   . GLU A 1 32  ? 3.070   -4.342  -0.450  1.00 30.18 ? 32  GLU A N   1 
ATOM   214  C  CA  . GLU A 1 32  ? 3.713   -3.109  -0.835  1.00 30.67 ? 32  GLU A CA  1 
ATOM   215  C  C   . GLU A 1 32  ? 5.220   -3.290  -0.942  1.00 30.61 ? 32  GLU A C   1 
ATOM   216  O  O   . GLU A 1 32  ? 5.853   -2.736  -1.805  1.00 31.31 ? 32  GLU A O   1 
ATOM   217  C  CB  . GLU A 1 32  ? 3.420   -2.010  0.223   1.00 31.66 ? 32  GLU A CB  1 
ATOM   218  C  CG  . GLU A 1 32  ? 1.975   -1.659  0.347   1.00 32.92 ? 32  GLU A CG  1 
ATOM   219  C  CD  . GLU A 1 32  ? 1.751   -0.534  1.347   1.00 31.80 ? 32  GLU A CD  1 
ATOM   220  O  OE1 . GLU A 1 32  ? 1.506   0.605   0.865   1.00 33.93 ? 32  GLU A OE1 1 
ATOM   221  O  OE2 . GLU A 1 32  ? 1.778   -0.771  2.548   1.00 28.24 ? 32  GLU A OE2 1 
ATOM   222  N  N   . LEU A 1 33  ? 5.785   -4.009  0.003   1.00 29.78 ? 33  LEU A N   1 
ATOM   223  C  CA  . LEU A 1 33  ? 7.224   -4.291  0.008   1.00 31.19 ? 33  LEU A CA  1 
ATOM   224  C  C   . LEU A 1 33  ? 7.606   -5.099  -1.200  1.00 31.97 ? 33  LEU A C   1 
ATOM   225  O  O   . LEU A 1 33  ? 8.602   -4.887  -1.863  1.00 32.87 ? 33  LEU A O   1 
ATOM   226  C  CB  . LEU A 1 33  ? 7.665   -4.989  1.291   1.00 31.87 ? 33  LEU A CB  1 
ATOM   227  C  CG  . LEU A 1 33  ? 7.588   -4.146  2.558   1.00 29.16 ? 33  LEU A CG  1 
ATOM   228  C  CD1 . LEU A 1 33  ? 7.567   -5.027  3.792   1.00 27.56 ? 33  LEU A CD1 1 
ATOM   229  C  CD2 . LEU A 1 33  ? 8.738   -3.142  2.684   1.00 31.38 ? 33  LEU A CD2 1 
ATOM   230  N  N   . GLN A 1 34  ? 6.742   -6.047  -1.517  1.00 32.90 ? 34  GLN A N   1 
ATOM   231  C  CA  . GLN A 1 34  ? 6.964   -6.952  -2.642  1.00 32.65 ? 34  GLN A CA  1 
ATOM   232  C  C   . GLN A 1 34  ? 6.961   -6.170  -3.946  1.00 31.22 ? 34  GLN A C   1 
ATOM   233  O  O   . GLN A 1 34  ? 7.829   -6.303  -4.788  1.00 30.98 ? 34  GLN A O   1 
ATOM   234  C  CB  . GLN A 1 34  ? 5.874   -8.032  -2.724  1.00 33.29 ? 34  GLN A CB  1 
ATOM   235  C  CG  . GLN A 1 34  ? 5.777   -8.604  -4.090  1.00 34.31 ? 34  GLN A CG  1 
ATOM   236  C  CD  . GLN A 1 34  ? 6.516   -9.856  -4.146  1.00 33.59 ? 34  GLN A CD  1 
ATOM   237  O  OE1 . GLN A 1 34  ? 7.175   -10.211 -3.146  1.00 37.33 ? 34  GLN A OE1 1 
ATOM   238  N  NE2 . GLN A 1 34  ? 6.379   -10.590 -5.218  1.00 27.80 ? 34  GLN A NE2 1 
ATOM   239  N  N   . LYS A 1 35  ? 6.021   -5.232  -4.053  1.00 30.54 ? 35  LYS A N   1 
ATOM   240  C  CA  . LYS A 1 35  ? 5.836   -4.408  -5.257  1.00 32.86 ? 35  LYS A CA  1 
ATOM   241  C  C   . LYS A 1 35  ? 6.966   -3.442  -5.460  1.00 32.12 ? 35  LYS A C   1 
ATOM   242  O  O   . LYS A 1 35  ? 7.473   -3.292  -6.572  1.00 32.62 ? 35  LYS A O   1 
ATOM   243  C  CB  . LYS A 1 35  ? 4.494   -3.636  -5.171  1.00 32.37 ? 35  LYS A CB  1 
ATOM   244  C  CG  . LYS A 1 35  ? 4.100   -2.697  -6.260  1.00 37.36 ? 35  LYS A CG  1 
ATOM   245  C  CD  . LYS A 1 35  ? 2.742   -2.043  -5.846  1.00 41.25 ? 35  LYS A CD  1 
ATOM   246  C  CE  . LYS A 1 35  ? 2.153   -1.156  -6.921  1.00 43.41 ? 35  LYS A CE  1 
ATOM   247  N  NZ  . LYS A 1 35  ? 2.595   0.224   -6.622  1.00 47.49 ? 35  LYS A NZ  1 
ATOM   248  N  N   . SER A 1 36  ? 7.350   -2.783  -4.384  1.00 32.79 ? 36  SER A N   1 
ATOM   249  C  CA  . SER A 1 36  ? 8.422   -1.744  -4.465  1.00 32.77 ? 36  SER A CA  1 
ATOM   250  C  C   . SER A 1 36  ? 9.754   -2.364  -4.864  1.00 33.22 ? 36  SER A C   1 
ATOM   251  O  O   . SER A 1 36  ? 10.516  -1.841  -5.685  1.00 34.47 ? 36  SER A O   1 
ATOM   252  C  CB  . SER A 1 36  ? 8.611   -0.924  -3.219  1.00 34.41 ? 36  SER A CB  1 
ATOM   253  O  OG  . SER A 1 36  ? 8.959   -1.785  -2.168  1.00 32.05 ? 36  SER A OG  1 
HETATM 254  N  N   . MSE A 1 37  ? 9.957   -3.545  -4.352  1.00 32.80 ? 37  MSE A N   1 
HETATM 255  C  CA  . MSE A 1 37  ? 11.208  -4.223  -4.582  1.00 34.59 ? 37  MSE A CA  1 
HETATM 256  C  C   . MSE A 1 37  ? 11.293  -4.577  -6.038  1.00 32.40 ? 37  MSE A C   1 
HETATM 257  O  O   . MSE A 1 37  ? 12.326  -4.526  -6.688  1.00 30.33 ? 37  MSE A O   1 
HETATM 258  C  CB  . MSE A 1 37  ? 11.314  -5.488  -3.792  1.00 36.53 ? 37  MSE A CB  1 
HETATM 259  C  CG  . MSE A 1 37  ? 12.776  -5.748  -3.648  1.00 47.70 ? 37  MSE A CG  1 
HETATM 260  SE SE  . MSE A 1 37  ? 13.185  -7.265  -2.561  1.00 70.47 ? 37  MSE A SE  1 
HETATM 261  C  CE  . MSE A 1 37  ? 11.917  -7.072  -1.021  1.00 61.66 ? 37  MSE A CE  1 
ATOM   262  N  N   . PHE A 1 38  ? 10.127  -4.905  -6.517  1.00 34.87 ? 38  PHE A N   1 
ATOM   263  C  CA  . PHE A 1 38  ? 9.977   -5.434  -7.900  1.00 32.65 ? 38  PHE A CA  1 
ATOM   264  C  C   . PHE A 1 38  ? 10.257  -4.314  -8.835  1.00 34.67 ? 38  PHE A C   1 
ATOM   265  O  O   . PHE A 1 38  ? 10.978  -4.436  -9.796  1.00 34.60 ? 38  PHE A O   1 
ATOM   266  C  CB  . PHE A 1 38  ? 8.561   -5.984  -8.076  1.00 33.99 ? 38  PHE A CB  1 
ATOM   267  C  CG  . PHE A 1 38  ? 8.263   -6.697  -9.413  1.00 31.83 ? 38  PHE A CG  1 
ATOM   268  C  CD1 . PHE A 1 38  ? 9.198   -6.813  -10.463 1.00 33.66 ? 38  PHE A CD1 1 
ATOM   269  C  CD2 . PHE A 1 38  ? 6.988   -7.177  -9.642  1.00 29.28 ? 38  PHE A CD2 1 
ATOM   270  C  CE1 . PHE A 1 38  ? 8.840   -7.443  -11.674 1.00 33.85 ? 38  PHE A CE1 1 
ATOM   271  C  CE2 . PHE A 1 38  ? 6.653   -7.819  -10.821 1.00 30.17 ? 38  PHE A CE2 1 
ATOM   272  C  CZ  . PHE A 1 38  ? 7.566   -7.938  -11.852 1.00 30.55 ? 38  PHE A CZ  1 
ATOM   273  N  N   . GLU A 1 39  ? 9.669   -3.203  -8.504  1.00 36.44 ? 39  GLU A N   1 
ATOM   274  C  CA  . GLU A 1 39  ? 9.740   -1.990  -9.306  1.00 39.01 ? 39  GLU A CA  1 
ATOM   275  C  C   . GLU A 1 39  ? 11.134  -1.393  -9.297  1.00 40.59 ? 39  GLU A C   1 
ATOM   276  O  O   . GLU A 1 39  ? 11.584  -0.753  -10.235 1.00 40.88 ? 39  GLU A O   1 
ATOM   277  C  CB  . GLU A 1 39  ? 8.684   -0.975  -8.829  1.00 40.94 ? 39  GLU A CB  1 
ATOM   278  C  CG  . GLU A 1 39  ? 7.296   -1.436  -9.171  1.00 39.74 ? 39  GLU A CG  1 
ATOM   279  C  CD  . GLU A 1 39  ? 6.225   -0.732  -8.412  1.00 45.14 ? 39  GLU A CD  1 
ATOM   280  O  OE1 . GLU A 1 39  ? 6.559   0.210   -7.644  1.00 49.82 ? 39  GLU A OE1 1 
ATOM   281  O  OE2 . GLU A 1 39  ? 5.046   -1.136  -8.558  1.00 44.21 ? 39  GLU A OE2 1 
ATOM   282  N  N   . THR A 1 40  ? 11.818  -1.630  -8.201  1.00 41.37 ? 40  THR A N   1 
ATOM   283  C  CA  . THR A 1 40  ? 13.150  -1.015  -7.988  1.00 42.46 ? 40  THR A CA  1 
ATOM   284  C  C   . THR A 1 40  ? 14.234  -1.764  -8.707  1.00 42.24 ? 40  THR A C   1 
ATOM   285  O  O   . THR A 1 40  ? 15.150  -1.193  -9.279  1.00 42.40 ? 40  THR A O   1 
ATOM   286  C  CB  . THR A 1 40  ? 13.481  -0.879  -6.477  1.00 43.23 ? 40  THR A CB  1 
ATOM   287  O  OG1 . THR A 1 40  ? 12.515  -0.005  -5.887  1.00 47.63 ? 40  THR A OG1 1 
ATOM   288  C  CG2 . THR A 1 40  ? 14.889  -0.294  -6.252  1.00 44.09 ? 40  THR A CG2 1 
ATOM   289  N  N   . THR A 1 41  ? 14.078  -3.069  -8.706  1.00 42.45 ? 41  THR A N   1 
ATOM   290  C  CA  . THR A 1 41  ? 15.110  -3.980  -9.221  1.00 42.60 ? 41  THR A CA  1 
ATOM   291  C  C   . THR A 1 41  ? 14.795  -4.686  -10.528 1.00 43.67 ? 41  THR A C   1 
ATOM   292  O  O   . THR A 1 41  ? 15.678  -5.131  -11.237 1.00 44.96 ? 41  THR A O   1 
ATOM   293  C  CB  . THR A 1 41  ? 15.377  -5.085  -8.229  1.00 42.06 ? 41  THR A CB  1 
ATOM   294  O  OG1 . THR A 1 41  ? 14.205  -5.898  -8.158  1.00 41.14 ? 41  THR A OG1 1 
ATOM   295  C  CG2 . THR A 1 41  ? 15.689  -4.496  -6.837  1.00 40.64 ? 41  THR A CG2 1 
ATOM   296  N  N   . GLY A 1 42  ? 13.507  -4.832  -10.769 1.00 44.73 ? 42  GLY A N   1 
ATOM   297  C  CA  . GLY A 1 42  ? 12.942  -5.473  -11.994 1.00 44.86 ? 42  GLY A CA  1 
ATOM   298  C  C   . GLY A 1 42  ? 12.717  -6.959  -11.829 1.00 45.48 ? 42  GLY A C   1 
ATOM   299  O  O   . GLY A 1 42  ? 12.362  -7.706  -12.726 1.00 46.02 ? 42  GLY A O   1 
ATOM   300  N  N   . GLN A 1 43  ? 12.937  -7.351  -10.609 1.00 45.39 ? 43  GLN A N   1 
ATOM   301  C  CA  . GLN A 1 43  ? 12.901  -8.764  -10.165 1.00 45.59 ? 43  GLN A CA  1 
ATOM   302  C  C   . GLN A 1 43  ? 11.820  -8.959  -9.056  1.00 44.90 ? 43  GLN A C   1 
ATOM   303  O  O   . GLN A 1 43  ? 11.767  -8.227  -8.096  1.00 43.71 ? 43  GLN A O   1 
ATOM   304  C  CB  . GLN A 1 43  ? 14.322  -9.127  -9.632  1.00 46.19 ? 43  GLN A CB  1 
ATOM   305  C  CG  . GLN A 1 43  ? 14.975  -10.429 -10.179 1.00 48.59 ? 43  GLN A CG  1 
ATOM   306  C  CD  . GLN A 1 43  ? 16.138  -10.191 -11.169 1.00 50.98 ? 43  GLN A CD  1 
ATOM   307  O  OE1 . GLN A 1 43  ? 16.827  -9.164  -11.125 1.00 53.16 ? 43  GLN A OE1 1 
ATOM   308  N  NE2 . GLN A 1 43  ? 16.362  -11.157 -12.061 1.00 51.84 ? 43  GLN A NE2 1 
ATOM   309  N  N   . ALA A 1 44  ? 10.982  -9.972  -9.226  1.00 43.99 ? 44  ALA A N   1 
ATOM   310  C  CA  . ALA A 1 44  ? 9.876   -10.351 -8.257  1.00 44.09 ? 44  ALA A CA  1 
ATOM   311  C  C   . ALA A 1 44  ? 10.165  -11.555 -7.340  1.00 43.17 ? 44  ALA A C   1 
ATOM   312  O  O   . ALA A 1 44  ? 10.433  -12.640 -7.797  1.00 42.46 ? 44  ALA A O   1 
ATOM   313  C  CB  . ALA A 1 44  ? 8.594   -10.641 -9.043  1.00 43.87 ? 44  ALA A CB  1 
ATOM   314  N  N   . LEU A 1 45  ? 10.044  -11.353 -6.036  1.00 42.56 ? 45  LEU A N   1 
ATOM   315  C  CA  . LEU A 1 45  ? 10.237  -12.460 -5.059  1.00 42.41 ? 45  LEU A CA  1 
ATOM   316  C  C   . LEU A 1 45  ? 9.138   -13.488 -5.267  1.00 41.21 ? 45  LEU A C   1 
ATOM   317  O  O   . LEU A 1 45  ? 8.016   -13.104 -5.581  1.00 41.01 ? 45  LEU A O   1 
ATOM   318  C  CB  . LEU A 1 45  ? 10.153  -11.961 -3.597  1.00 42.86 ? 45  LEU A CB  1 
ATOM   319  C  CG  . LEU A 1 45  ? 11.422  -11.623 -2.821  1.00 46.48 ? 45  LEU A CG  1 
ATOM   320  C  CD1 . LEU A 1 45  ? 12.456  -10.782 -3.598  1.00 48.92 ? 45  LEU A CD1 1 
ATOM   321  C  CD2 . LEU A 1 45  ? 10.978  -10.949 -1.520  1.00 47.61 ? 45  LEU A CD2 1 
ATOM   322  N  N   . PRO A 1 46  ? 9.419   -14.790 -5.057  1.00 41.56 ? 46  PRO A N   1 
ATOM   323  C  CA  . PRO A 1 46  ? 8.316   -15.758 -5.237  1.00 41.23 ? 46  PRO A CA  1 
ATOM   324  C  C   . PRO A 1 46  ? 7.198   -15.551 -4.220  1.00 42.14 ? 46  PRO A C   1 
ATOM   325  O  O   . PRO A 1 46  ? 7.397   -15.014 -3.134  1.00 42.09 ? 46  PRO A O   1 
ATOM   326  C  CB  . PRO A 1 46  ? 8.996   -17.118 -5.140  1.00 41.56 ? 46  PRO A CB  1 
ATOM   327  C  CG  . PRO A 1 46  ? 10.435  -16.843 -4.742  1.00 41.97 ? 46  PRO A CG  1 
ATOM   328  C  CD  . PRO A 1 46  ? 10.718  -15.417 -4.779  1.00 40.70 ? 46  PRO A CD  1 
ATOM   329  N  N   . GLN A 1 47  ? 6.007   -15.911 -4.649  1.00 42.57 ? 47  GLN A N   1 
ATOM   330  C  CA  . GLN A 1 47  ? 4.786   -15.794 -3.811  1.00 43.20 ? 47  GLN A CA  1 
ATOM   331  C  C   . GLN A 1 47  ? 5.028   -16.328 -2.420  1.00 42.38 ? 47  GLN A C   1 
ATOM   332  O  O   . GLN A 1 47  ? 5.483   -17.447 -2.192  1.00 42.67 ? 47  GLN A O   1 
ATOM   333  C  CB  . GLN A 1 47  ? 3.569   -16.520 -4.420  1.00 43.85 ? 47  GLN A CB  1 
ATOM   334  C  CG  . GLN A 1 47  ? 3.016   -15.926 -5.702  1.00 47.28 ? 47  GLN A CG  1 
ATOM   335  C  CD  . GLN A 1 47  ? 2.505   -14.473 -5.566  1.00 51.16 ? 47  GLN A CD  1 
ATOM   336  O  OE1 . GLN A 1 47  ? 3.218   -13.508 -5.889  1.00 54.10 ? 47  GLN A OE1 1 
ATOM   337  N  NE2 . GLN A 1 47  ? 1.254   -14.322 -5.123  1.00 52.80 ? 47  GLN A NE2 1 
ATOM   338  N  N   . GLY A 1 48  ? 4.700   -15.453 -1.502  1.00 41.41 ? 48  GLY A N   1 
ATOM   339  C  CA  . GLY A 1 48  ? 4.643   -15.763 -0.083  1.00 39.54 ? 48  GLY A CA  1 
ATOM   340  C  C   . GLY A 1 48  ? 5.968   -15.572 0.588   1.00 38.49 ? 48  GLY A C   1 
ATOM   341  O  O   . GLY A 1 48  ? 6.085   -15.539 1.817   1.00 37.53 ? 48  GLY A O   1 
ATOM   342  N  N   . SER A 1 49  ? 6.983   -15.435 -0.233  1.00 37.09 ? 49  SER A N   1 
ATOM   343  C  CA  . SER A 1 49  ? 8.386   -15.407 0.303   1.00 37.12 ? 49  SER A CA  1 
ATOM   344  C  C   . SER A 1 49  ? 8.761   -14.192 1.164   1.00 36.19 ? 49  SER A C   1 
ATOM   345  O  O   . SER A 1 49  ? 9.561   -14.217 2.154   1.00 34.81 ? 49  SER A O   1 
ATOM   346  C  CB  . SER A 1 49  ? 9.381   -15.557 -0.837  1.00 37.32 ? 49  SER A CB  1 
ATOM   347  O  OG  . SER A 1 49  ? 10.668  -15.277 -0.344  1.00 39.68 ? 49  SER A OG  1 
ATOM   348  N  N   . ILE A 1 50  ? 8.173   -13.091 0.748   1.00 36.12 ? 50  ILE A N   1 
ATOM   349  C  CA  . ILE A 1 50  ? 8.272   -11.833 1.533   1.00 34.56 ? 50  ILE A CA  1 
ATOM   350  C  C   . ILE A 1 50  ? 7.864   -12.029 2.992   1.00 31.88 ? 50  ILE A C   1 
ATOM   351  O  O   . ILE A 1 50  ? 8.451   -11.496 3.928   1.00 30.30 ? 50  ILE A O   1 
ATOM   352  C  CB  . ILE A 1 50  ? 7.439   -10.672 0.958   1.00 36.02 ? 50  ILE A CB  1 
ATOM   353  C  CG1 . ILE A 1 50  ? 7.761   -9.436  1.752   1.00 37.23 ? 50  ILE A CG1 1 
ATOM   354  C  CG2 . ILE A 1 50  ? 5.930   -10.865 1.068   1.00 38.26 ? 50  ILE A CG2 1 
ATOM   355  C  CD1 . ILE A 1 50  ? 9.015   -8.881  1.391   1.00 39.65 ? 50  ILE A CD1 1 
ATOM   356  N  N   . TYR A 1 51  ? 6.850   -12.838 3.183   1.00 30.01 ? 51  TYR A N   1 
ATOM   357  C  CA  . TYR A 1 51  ? 6.302   -12.960 4.516   1.00 31.00 ? 51  TYR A CA  1 
ATOM   358  C  C   . TYR A 1 51  ? 7.203   -13.812 5.377   1.00 30.45 ? 51  TYR A C   1 
ATOM   359  O  O   . TYR A 1 51  ? 7.257   -13.665 6.599   1.00 31.21 ? 51  TYR A O   1 
ATOM   360  C  CB  . TYR A 1 51  ? 4.921   -13.565 4.496   1.00 29.79 ? 51  TYR A CB  1 
ATOM   361  C  CG  . TYR A 1 51  ? 3.935   -12.742 3.716   1.00 27.32 ? 51  TYR A CG  1 
ATOM   362  C  CD1 . TYR A 1 51  ? 3.681   -11.439 4.090   1.00 26.96 ? 51  TYR A CD1 1 
ATOM   363  C  CD2 . TYR A 1 51  ? 3.308   -13.235 2.557   1.00 29.67 ? 51  TYR A CD2 1 
ATOM   364  C  CE1 . TYR A 1 51  ? 2.811   -10.634 3.407   1.00 30.11 ? 51  TYR A CE1 1 
ATOM   365  C  CE2 . TYR A 1 51  ? 2.424   -12.443 1.863   1.00 31.98 ? 51  TYR A CE2 1 
ATOM   366  C  CZ  . TYR A 1 51  ? 2.175   -11.141 2.283   1.00 29.17 ? 51  TYR A CZ  1 
ATOM   367  O  OH  . TYR A 1 51  ? 1.288   -10.348 1.598   1.00 32.51 ? 51  TYR A OH  1 
ATOM   368  N  N   . ILE A 1 52  ? 7.885   -14.740 4.717   1.00 31.00 ? 52  ILE A N   1 
ATOM   369  C  CA  . ILE A 1 52  ? 8.823   -15.619 5.468   1.00 30.30 ? 52  ILE A CA  1 
ATOM   370  C  C   . ILE A 1 52  ? 9.989   -14.771 6.019   1.00 29.59 ? 52  ILE A C   1 
ATOM   371  O  O   . ILE A 1 52  ? 10.464  -14.882 7.167   1.00 27.92 ? 52  ILE A O   1 
ATOM   372  C  CB  . ILE A 1 52  ? 9.365   -16.792 4.603   1.00 30.72 ? 52  ILE A CB  1 
ATOM   373  C  CG1 . ILE A 1 52  ? 8.219   -17.646 4.087   1.00 30.24 ? 52  ILE A CG1 1 
ATOM   374  C  CG2 . ILE A 1 52  ? 10.337  -17.628 5.420   1.00 29.32 ? 52  ILE A CG2 1 
ATOM   375  C  CD1 . ILE A 1 52  ? 7.097   -17.934 5.102   1.00 30.92 ? 52  ILE A CD1 1 
ATOM   376  N  N   . LEU A 1 53  ? 10.494  -13.933 5.161   1.00 28.96 ? 53  LEU A N   1 
ATOM   377  C  CA  . LEU A 1 53  ? 11.573  -13.001 5.576   1.00 30.22 ? 53  LEU A CA  1 
ATOM   378  C  C   . LEU A 1 53  ? 11.158  -12.053 6.693   1.00 29.76 ? 53  LEU A C   1 
ATOM   379  O  O   . LEU A 1 53  ? 11.893  -11.757 7.658   1.00 30.03 ? 53  LEU A O   1 
ATOM   380  C  CB  . LEU A 1 53  ? 12.077  -12.240 4.352   1.00 30.40 ? 53  LEU A CB  1 
ATOM   381  C  CG  . LEU A 1 53  ? 13.283  -11.344 4.594   1.00 36.70 ? 53  LEU A CG  1 
ATOM   382  C  CD1 . LEU A 1 53  ? 14.423  -12.128 5.222   1.00 40.99 ? 53  LEU A CD1 1 
ATOM   383  C  CD2 . LEU A 1 53  ? 13.793  -10.686 3.343   1.00 39.92 ? 53  LEU A CD2 1 
ATOM   384  N  N   . LEU A 1 54  ? 9.928   -11.602 6.595   1.00 30.36 ? 54  LEU A N   1 
ATOM   385  C  CA  . LEU A 1 54  ? 9.359   -10.664 7.589   1.00 29.92 ? 54  LEU A CA  1 
ATOM   386  C  C   . LEU A 1 54  ? 9.216   -11.348 8.873   1.00 31.87 ? 54  LEU A C   1 
ATOM   387  O  O   . LEU A 1 54  ? 9.464   -10.780 9.917   1.00 31.67 ? 54  LEU A O   1 
ATOM   388  C  CB  . LEU A 1 54  ? 8.026   -10.068 7.102   1.00 31.34 ? 54  LEU A CB  1 
ATOM   389  C  CG  . LEU A 1 54  ? 8.159   -8.933  6.069   1.00 29.44 ? 54  LEU A CG  1 
ATOM   390  C  CD1 . LEU A 1 54  ? 6.810   -8.631  5.360   1.00 31.49 ? 54  LEU A CD1 1 
ATOM   391  C  CD2 . LEU A 1 54  ? 8.743   -7.592  6.672   1.00 28.73 ? 54  LEU A CD2 1 
ATOM   392  N  N   . LYS A 1 55  ? 8.866   -12.629 8.777   1.00 30.44 ? 55  LYS A N   1 
ATOM   393  C  CA  . LYS A 1 55  ? 8.708   -13.450 10.023  1.00 31.65 ? 55  LYS A CA  1 
ATOM   394  C  C   . LYS A 1 55  ? 9.995   -13.476 10.764  1.00 32.06 ? 55  LYS A C   1 
ATOM   395  O  O   . LYS A 1 55  ? 10.067  -13.335 11.972  1.00 30.57 ? 55  LYS A O   1 
ATOM   396  C  CB  . LYS A 1 55  ? 8.264   -14.859 9.673   1.00 32.07 ? 55  LYS A CB  1 
ATOM   397  C  CG  . LYS A 1 55  ? 8.140   -15.790 10.870  1.00 33.20 ? 55  LYS A CG  1 
ATOM   398  C  CD  . LYS A 1 55  ? 7.705   -17.171 10.406  1.00 35.92 ? 55  LYS A CD  1 
ATOM   399  C  CE  . LYS A 1 55  ? 8.018   -18.246 11.447  1.00 39.68 ? 55  LYS A CE  1 
ATOM   400  N  NZ  . LYS A 1 55  ? 7.461   -19.618 11.066  1.00 41.94 ? 55  LYS A NZ  1 
ATOM   401  N  N   . THR A 1 56  ? 11.042  -13.738 9.995   1.00 32.92 ? 56  THR A N   1 
ATOM   402  C  CA  . THR A 1 56  ? 12.394  -13.782 10.554  1.00 31.49 ? 56  THR A CA  1 
ATOM   403  C  C   . THR A 1 56  ? 12.783  -12.467 11.196  1.00 31.51 ? 56  THR A C   1 
ATOM   404  O  O   . THR A 1 56  ? 13.328  -12.419 12.303  1.00 29.27 ? 56  THR A O   1 
ATOM   405  C  CB  . THR A 1 56  ? 13.478  -14.214 9.522   1.00 31.23 ? 56  THR A CB  1 
ATOM   406  O  OG1 . THR A 1 56  ? 13.138  -15.489 8.994   1.00 34.76 ? 56  THR A OG1 1 
ATOM   407  C  CG2 . THR A 1 56  ? 14.842  -14.229 10.139  1.00 33.54 ? 56  THR A CG2 1 
HETATM 408  N  N   . MSE A 1 57  ? 12.448  -11.411 10.486  1.00 30.43 ? 57  MSE A N   1 
HETATM 409  C  CA  . MSE A 1 57  ? 12.801  -10.076 10.987  1.00 31.40 ? 57  MSE A CA  1 
HETATM 410  C  C   . MSE A 1 57  ? 12.080  -9.738  12.281  1.00 31.23 ? 57  MSE A C   1 
HETATM 411  O  O   . MSE A 1 57  ? 12.588  -9.028  13.146  1.00 31.50 ? 57  MSE A O   1 
HETATM 412  C  CB  . MSE A 1 57  ? 12.544  -9.022  9.927   1.00 31.93 ? 57  MSE A CB  1 
HETATM 413  C  CG  . MSE A 1 57  ? 13.425  -9.157  8.694   1.00 30.23 ? 57  MSE A CG  1 
HETATM 414  SE SE  . MSE A 1 57  ? 12.955  -8.115  7.175   1.00 41.35 ? 57  MSE A SE  1 
HETATM 415  C  CE  . MSE A 1 57  ? 13.379  -6.381  7.925   1.00 28.19 ? 57  MSE A CE  1 
ATOM   416  N  N   . LYS A 1 58  ? 10.858  -10.243 12.381  1.00 32.64 ? 58  LYS A N   1 
ATOM   417  C  CA  . LYS A 1 58  ? 10.057  -10.054 13.596  1.00 31.97 ? 58  LYS A CA  1 
ATOM   418  C  C   . LYS A 1 58  ? 10.706  -10.810 14.731  1.00 32.85 ? 58  LYS A C   1 
ATOM   419  O  O   . LYS A 1 58  ? 10.842  -10.327 15.883  1.00 31.48 ? 58  LYS A O   1 
ATOM   420  C  CB  . LYS A 1 58  ? 8.616   -10.546 13.444  1.00 32.93 ? 58  LYS A CB  1 
ATOM   421  C  CG  . LYS A 1 58  ? 7.700   -9.597  12.797  1.00 38.41 ? 58  LYS A CG  1 
ATOM   422  C  CD  . LYS A 1 58  ? 6.404   -10.296 12.369  1.00 41.53 ? 58  LYS A CD  1 
ATOM   423  C  CE  . LYS A 1 58  ? 5.642   -10.868 13.562  1.00 40.73 ? 58  LYS A CE  1 
ATOM   424  N  NZ  . LYS A 1 58  ? 4.276   -11.353 13.079  1.00 42.59 ? 58  LYS A NZ  1 
ATOM   425  N  N   . GLU A 1 59  ? 11.135  -12.019 14.410  1.00 31.80 ? 59  GLU A N   1 
ATOM   426  C  CA  . GLU A 1 59  ? 11.747  -12.873 15.440  1.00 33.42 ? 59  GLU A CA  1 
ATOM   427  C  C   . GLU A 1 59  ? 13.017  -12.285 16.026  1.00 32.37 ? 59  GLU A C   1 
ATOM   428  O  O   . GLU A 1 59  ? 13.389  -12.534 17.157  1.00 30.80 ? 59  GLU A O   1 
ATOM   429  C  CB  . GLU A 1 59  ? 11.929  -14.312 14.964  1.00 34.31 ? 59  GLU A CB  1 
ATOM   430  C  CG  . GLU A 1 59  ? 10.573  -14.992 14.767  1.00 37.64 ? 59  GLU A CG  1 
ATOM   431  C  CD  . GLU A 1 59  ? 10.651  -16.329 14.012  1.00 43.79 ? 59  GLU A CD  1 
ATOM   432  O  OE1 . GLU A 1 59  ? 11.755  -16.662 13.490  1.00 45.31 ? 59  GLU A OE1 1 
ATOM   433  O  OE2 . GLU A 1 59  ? 9.600   -17.045 13.941  1.00 43.50 ? 59  GLU A OE2 1 
ATOM   434  N  N   . ARG A 1 60  ? 13.702  -11.614 15.146  1.00 32.31 ? 60  ARG A N   1 
ATOM   435  C  CA  . ARG A 1 60  ? 14.983  -10.911 15.350  1.00 31.99 ? 60  ARG A CA  1 
ATOM   436  C  C   . ARG A 1 60  ? 14.875  -9.603  16.078  1.00 30.07 ? 60  ARG A C   1 
ATOM   437  O  O   . ARG A 1 60  ? 15.848  -9.113  16.657  1.00 29.48 ? 60  ARG A O   1 
ATOM   438  C  CB  . ARG A 1 60  ? 15.680  -10.629 13.992  1.00 33.43 ? 60  ARG A CB  1 
ATOM   439  C  CG  . ARG A 1 60  ? 16.375  -11.830 13.382  1.00 38.96 ? 60  ARG A CG  1 
ATOM   440  C  CD  . ARG A 1 60  ? 17.651  -12.144 14.154  1.00 45.62 ? 60  ARG A CD  1 
ATOM   441  N  NE  . ARG A 1 60  ? 18.825  -11.442 13.623  1.00 50.69 ? 60  ARG A NE  1 
ATOM   442  C  CZ  . ARG A 1 60  ? 20.043  -11.499 14.156  1.00 53.97 ? 60  ARG A CZ  1 
ATOM   443  N  NH1 . ARG A 1 60  ? 20.272  -12.221 15.253  1.00 56.24 ? 60  ARG A NH1 1 
ATOM   444  N  NH2 . ARG A 1 60  ? 21.040  -10.825 13.592  1.00 55.20 ? 60  ARG A NH2 1 
ATOM   445  N  N   . GLY A 1 61  ? 13.668  -9.109  16.140  1.00 26.81 ? 61  GLY A N   1 
ATOM   446  C  CA  . GLY A 1 61  ? 13.371  -7.897  16.860  1.00 28.49 ? 61  GLY A CA  1 
ATOM   447  C  C   . GLY A 1 61  ? 13.457  -6.658  16.039  1.00 27.18 ? 61  GLY A C   1 
ATOM   448  O  O   . GLY A 1 61  ? 13.468  -5.572  16.609  1.00 26.80 ? 61  GLY A O   1 
ATOM   449  N  N   . PHE A 1 62  ? 13.525  -6.806  14.711  1.00 26.30 ? 62  PHE A N   1 
ATOM   450  C  CA  . PHE A 1 62  ? 13.703  -5.679  13.801  1.00 26.48 ? 62  PHE A CA  1 
ATOM   451  C  C   . PHE A 1 62  ? 12.403  -5.004  13.365  1.00 27.01 ? 62  PHE A C   1 
ATOM   452  O  O   . PHE A 1 62  ? 12.419  -3.923  12.901  1.00 27.88 ? 62  PHE A O   1 
ATOM   453  C  CB  . PHE A 1 62  ? 14.402  -6.113  12.515  1.00 26.64 ? 62  PHE A CB  1 
ATOM   454  C  CG  . PHE A 1 62  ? 15.783  -6.633  12.690  1.00 26.13 ? 62  PHE A CG  1 
ATOM   455  C  CD1 . PHE A 1 62  ? 16.533  -6.318  13.783  1.00 26.37 ? 62  PHE A CD1 1 
ATOM   456  C  CD2 . PHE A 1 62  ? 16.340  -7.417  11.729  1.00 25.71 ? 62  PHE A CD2 1 
ATOM   457  C  CE1 . PHE A 1 62  ? 17.782  -6.792  13.912  1.00 29.37 ? 62  PHE A CE1 1 
ATOM   458  C  CE2 . PHE A 1 62  ? 17.576  -7.897  11.878  1.00 27.82 ? 62  PHE A CE2 1 
ATOM   459  C  CZ  . PHE A 1 62  ? 18.296  -7.580  12.976  1.00 24.95 ? 62  PHE A CZ  1 
ATOM   460  N  N   . VAL A 1 63  ? 11.322  -5.735  13.483  1.00 25.88 ? 63  VAL A N   1 
ATOM   461  C  CA  . VAL A 1 63  ? 10.042  -5.355  12.986  1.00 27.75 ? 63  VAL A CA  1 
ATOM   462  C  C   . VAL A 1 63  ? 8.980   -5.818  13.971  1.00 29.45 ? 63  VAL A C   1 
ATOM   463  O  O   . VAL A 1 63  ? 9.132   -6.833  14.563  1.00 30.51 ? 63  VAL A O   1 
ATOM   464  C  CB  . VAL A 1 63  ? 9.818   -6.072  11.612  1.00 26.94 ? 63  VAL A CB  1 
ATOM   465  C  CG1 . VAL A 1 63  ? 8.448   -6.183  11.281  1.00 32.38 ? 63  VAL A CG1 1 
ATOM   466  C  CG2 . VAL A 1 63  ? 10.555  -5.422  10.554  1.00 30.72 ? 63  VAL A CG2 1 
ATOM   467  N  N   . ILE A 1 64  ? 7.912   -5.051  14.106  1.00 29.21 ? 64  ILE A N   1 
ATOM   468  C  CA  . ILE A 1 64  ? 6.698   -5.442  14.807  1.00 28.69 ? 64  ILE A CA  1 
ATOM   469  C  C   . ILE A 1 64  ? 5.520   -5.497  13.836  1.00 30.68 ? 64  ILE A C   1 
ATOM   470  O  O   . ILE A 1 64  ? 5.389   -4.642  13.014  1.00 28.72 ? 64  ILE A O   1 
ATOM   471  C  CB  . ILE A 1 64  ? 6.350   -4.425  15.881  1.00 28.73 ? 64  ILE A CB  1 
ATOM   472  C  CG1 . ILE A 1 64  ? 7.319   -4.534  17.031  1.00 28.54 ? 64  ILE A CG1 1 
ATOM   473  C  CG2 . ILE A 1 64  ? 5.021   -4.670  16.425  1.00 28.53 ? 64  ILE A CG2 1 
ATOM   474  C  CD1 . ILE A 1 64  ? 7.328   -3.339  17.868  1.00 32.11 ? 64  ILE A CD1 1 
ATOM   475  N  N   . SER A 1 65  ? 4.694   -6.519  13.938  1.00 30.83 ? 65  SER A N   1 
ATOM   476  C  CA  . SER A 1 65  ? 3.527   -6.556  13.050  1.00 32.86 ? 65  SER A CA  1 
ATOM   477  C  C   . SER A 1 65  ? 2.271   -6.187  13.800  1.00 31.62 ? 65  SER A C   1 
ATOM   478  O  O   . SER A 1 65  ? 2.150   -6.393  15.007  1.00 31.04 ? 65  SER A O   1 
ATOM   479  C  CB  . SER A 1 65  ? 3.320   -7.913  12.410  1.00 33.62 ? 65  SER A CB  1 
ATOM   480  O  OG  . SER A 1 65  ? 3.168   -8.889  13.384  1.00 35.03 ? 65  SER A OG  1 
ATOM   481  N  N   . GLU A 1 66  ? 1.339   -5.628  13.073  1.00 32.21 ? 66  GLU A N   1 
ATOM   482  C  CA  . GLU A 1 66  ? -0.018  -5.320  13.606  1.00 33.54 ? 66  GLU A CA  1 
ATOM   483  C  C   . GLU A 1 66  ? -1.006  -5.812  12.607  1.00 34.15 ? 66  GLU A C   1 
ATOM   484  O  O   . GLU A 1 66  ? -0.999  -5.397  11.471  1.00 32.35 ? 66  GLU A O   1 
ATOM   485  C  CB  . GLU A 1 66  ? -0.130  -3.786  13.736  1.00 34.89 ? 66  GLU A CB  1 
ATOM   486  C  CG  . GLU A 1 66  ? -0.809  -3.227  14.946  1.00 38.34 ? 66  GLU A CG  1 
ATOM   487  C  CD  . GLU A 1 66  ? -0.789  -4.126  16.170  1.00 40.89 ? 66  GLU A CD  1 
ATOM   488  O  OE1 . GLU A 1 66  ? 0.273   -4.356  16.888  1.00 35.67 ? 66  GLU A OE1 1 
ATOM   489  O  OE2 . GLU A 1 66  ? -1.930  -4.548  16.400  1.00 42.90 ? 66  GLU A OE2 1 
ATOM   490  N  N   . SER A 1 67  ? -1.866  -6.692  13.060  1.00 35.23 ? 67  SER A N   1 
ATOM   491  C  CA  . SER A 1 67  ? -2.904  -7.301  12.181  1.00 37.27 ? 67  SER A CA  1 
ATOM   492  C  C   . SER A 1 67  ? -4.336  -6.856  12.485  1.00 38.24 ? 67  SER A C   1 
ATOM   493  O  O   . SER A 1 67  ? -4.755  -6.660  13.606  1.00 37.49 ? 67  SER A O   1 
ATOM   494  C  CB  . SER A 1 67  ? -2.786  -8.829  12.219  1.00 37.41 ? 67  SER A CB  1 
ATOM   495  O  OG  . SER A 1 67  ? -1.543  -9.247  11.684  1.00 38.20 ? 67  SER A OG  1 
ATOM   496  N  N   . SER A 1 68  ? -5.037  -6.652  11.390  1.00 39.51 ? 68  SER A N   1 
ATOM   497  C  CA  . SER A 1 68  ? -6.501  -6.453  11.367  1.00 40.77 ? 68  SER A CA  1 
ATOM   498  C  C   . SER A 1 68  ? -7.073  -7.644  10.691  1.00 39.44 ? 68  SER A C   1 
ATOM   499  O  O   . SER A 1 68  ? -6.374  -8.409  10.029  1.00 41.68 ? 68  SER A O   1 
ATOM   500  C  CB  . SER A 1 68  ? -6.887  -5.241  10.494  1.00 40.85 ? 68  SER A CB  1 
ATOM   501  O  OG  . SER A 1 68  ? -6.195  -4.057  10.863  1.00 44.96 ? 68  SER A OG  1 
ATOM   502  N  N   . VAL A 1 69  ? -8.370  -7.738  10.817  1.00 38.71 ? 69  VAL A N   1 
ATOM   503  C  CA  . VAL A 1 69  ? -9.174  -8.680  10.039  1.00 37.28 ? 69  VAL A CA  1 
ATOM   504  C  C   . VAL A 1 69  ? -10.308 -7.902  9.364   1.00 37.15 ? 69  VAL A C   1 
ATOM   505  O  O   . VAL A 1 69  ? -10.999 -7.103  9.994   1.00 36.84 ? 69  VAL A O   1 
ATOM   506  C  CB  . VAL A 1 69  ? -9.736  -9.856  10.905  1.00 38.05 ? 69  VAL A CB  1 
ATOM   507  C  CG1 . VAL A 1 69  ? -10.685 -10.689 10.075  1.00 38.17 ? 69  VAL A CG1 1 
ATOM   508  C  CG2 . VAL A 1 69  ? -8.601  -10.717 11.436  1.00 35.18 ? 69  VAL A CG2 1 
ATOM   509  N  N   . ASN A 1 70  ? -10.474 -8.155  8.081   1.00 36.51 ? 70  ASN A N   1 
ATOM   510  C  CA  . ASN A 1 70  ? -11.523 -7.534  7.280   1.00 36.63 ? 70  ASN A CA  1 
ATOM   511  C  C   . ASN A 1 70  ? -12.896 -8.241  7.426   1.00 37.91 ? 70  ASN A C   1 
ATOM   512  O  O   . ASN A 1 70  ? -12.998 -9.338  8.003   1.00 39.48 ? 70  ASN A O   1 
ATOM   513  C  CB  . ASN A 1 70  ? -11.130 -7.465  5.796   1.00 36.77 ? 70  ASN A CB  1 
ATOM   514  C  CG  . ASN A 1 70  ? -11.019 -8.829  5.164   1.00 36.70 ? 70  ASN A CG  1 
ATOM   515  O  OD1 . ASN A 1 70  ? -11.461 -9.823  5.750   1.00 33.15 ? 70  ASN A OD1 1 
ATOM   516  N  ND2 . ASN A 1 70  ? -10.373 -8.905  4.001   1.00 39.44 ? 70  ASN A ND2 1 
ATOM   517  N  N   . LYS A 1 72  ? -14.262 -10.420 5.752   1.00 39.77 ? 72  LYS A N   1 
ATOM   518  C  CA  . LYS A 1 72  ? -14.323 -11.782 5.241   1.00 40.29 ? 72  LYS A CA  1 
ATOM   519  C  C   . LYS A 1 72  ? -13.468 -12.675 6.085   1.00 40.35 ? 72  LYS A C   1 
ATOM   520  O  O   . LYS A 1 72  ? -13.420 -13.895 5.911   1.00 40.81 ? 72  LYS A O   1 
ATOM   521  C  CB  . LYS A 1 72  ? -13.909 -11.844 3.759   1.00 40.99 ? 72  LYS A CB  1 
ATOM   522  C  CG  . LYS A 1 72  ? -14.591 -10.780 2.893   1.00 41.99 ? 72  LYS A CG  1 
ATOM   523  C  CD  . LYS A 1 72  ? -14.108 -10.714 1.444   1.00 43.64 ? 72  LYS A CD  1 
ATOM   524  C  CE  . LYS A 1 72  ? -14.247 -9.275  0.875   1.00 44.75 ? 72  LYS A CE  1 
ATOM   525  N  NZ  . LYS A 1 72  ? -15.604 -8.912  0.321   1.00 44.80 ? 72  LYS A NZ  1 
ATOM   526  N  N   . GLY A 1 73  ? -12.805 -12.034 7.027   1.00 39.68 ? 73  GLY A N   1 
ATOM   527  C  CA  . GLY A 1 73  ? -12.085 -12.765 8.092   1.00 39.16 ? 73  GLY A CA  1 
ATOM   528  C  C   . GLY A 1 73  ? -10.673 -13.093 7.642   1.00 39.06 ? 73  GLY A C   1 
ATOM   529  O  O   . GLY A 1 73  ? -9.987  -14.022 8.093   1.00 39.46 ? 73  GLY A O   1 
ATOM   530  N  N   . GLN A 1 74  ? -10.259 -12.277 6.715   1.00 37.81 ? 74  GLN A N   1 
ATOM   531  C  CA  . GLN A 1 74  ? -8.892  -12.325 6.242   1.00 37.43 ? 74  GLN A CA  1 
ATOM   532  C  C   . GLN A 1 74  ? -8.043  -11.370 7.036   1.00 36.95 ? 74  GLN A C   1 
ATOM   533  O  O   . GLN A 1 74  ? -8.499  -10.359 7.539   1.00 36.44 ? 74  GLN A O   1 
ATOM   534  C  CB  . GLN A 1 74  ? -8.872  -11.972 4.763   1.00 37.22 ? 74  GLN A CB  1 
ATOM   535  C  CG  . GLN A 1 74  ? -9.753  -12.906 3.967   1.00 37.94 ? 74  GLN A CG  1 
ATOM   536  C  CD  . GLN A 1 74  ? -10.084 -12.367 2.620   1.00 40.69 ? 74  GLN A CD  1 
ATOM   537  O  OE1 . GLN A 1 74  ? -10.111 -11.158 2.427   1.00 40.75 ? 74  GLN A OE1 1 
ATOM   538  N  NE2 . GLN A 1 74  ? -10.357 -13.258 1.673   1.00 41.78 ? 74  GLN A NE2 1 
ATOM   539  N  N   . GLN A 1 75  ? -6.778  -11.733 7.091   1.00 37.58 ? 75  GLN A N   1 
ATOM   540  C  CA  . GLN A 1 75  ? -5.730  -11.049 7.898   1.00 36.83 ? 75  GLN A CA  1 
ATOM   541  C  C   . GLN A 1 75  ? -5.054  -10.029 7.066   1.00 35.50 ? 75  GLN A C   1 
ATOM   542  O  O   . GLN A 1 75  ? -4.583  -10.321 6.012   1.00 33.51 ? 75  GLN A O   1 
ATOM   543  C  CB  . GLN A 1 75  ? -4.673  -12.052 8.370   1.00 38.07 ? 75  GLN A CB  1 
ATOM   544  C  CG  . GLN A 1 75  ? -3.553  -11.431 9.228   1.00 39.56 ? 75  GLN A CG  1 
ATOM   545  C  CD  . GLN A 1 75  ? -2.349  -12.358 9.437   1.00 42.86 ? 75  GLN A CD  1 
ATOM   546  O  OE1 . GLN A 1 75  ? -1.179  -11.940 9.244   1.00 44.35 ? 75  GLN A OE1 1 
ATOM   547  N  NE2 . GLN A 1 75  ? -2.612  -13.612 9.810   1.00 39.93 ? 75  GLN A NE2 1 
ATOM   548  N  N   . LEU A 1 76  ? -5.092  -8.822  7.582   1.00 35.27 ? 76  LEU A N   1 
ATOM   549  C  CA  . LEU A 1 76  ? -4.403  -7.658  7.012   1.00 36.43 ? 76  LEU A CA  1 
ATOM   550  C  C   . LEU A 1 76  ? -3.403  -7.148  8.031   1.00 34.51 ? 76  LEU A C   1 
ATOM   551  O  O   . LEU A 1 76  ? -3.743  -6.676  9.112   1.00 36.37 ? 76  LEU A O   1 
ATOM   552  C  CB  . LEU A 1 76  ? -5.396  -6.541  6.647   1.00 38.25 ? 76  LEU A CB  1 
ATOM   553  C  CG  . LEU A 1 76  ? -6.274  -6.624  5.401   1.00 40.38 ? 76  LEU A CG  1 
ATOM   554  C  CD1 . LEU A 1 76  ? -7.023  -7.945  5.284   1.00 43.69 ? 76  LEU A CD1 1 
ATOM   555  C  CD2 . LEU A 1 76  ? -7.266  -5.433  5.447   1.00 45.49 ? 76  LEU A CD2 1 
ATOM   556  N  N   . THR A 1 77  ? -2.158  -7.325  7.643   1.00 33.93 ? 77  THR A N   1 
ATOM   557  C  CA  . THR A 1 77  ? -0.987  -7.044  8.489   1.00 32.60 ? 77  THR A CA  1 
ATOM   558  C  C   . THR A 1 77  ? -0.143  -5.935  7.930   1.00 32.44 ? 77  THR A C   1 
ATOM   559  O  O   . THR A 1 77  ? 0.118   -5.868  6.762   1.00 31.42 ? 77  THR A O   1 
ATOM   560  C  CB  . THR A 1 77  ? -0.163  -8.363  8.646   1.00 33.38 ? 77  THR A CB  1 
ATOM   561  O  OG1 . THR A 1 77  ? -1.036  -9.391  9.116   1.00 32.75 ? 77  THR A OG1 1 
ATOM   562  C  CG2 . THR A 1 77  ? 1.013   -8.196  9.570   1.00 32.36 ? 77  THR A CG2 1 
ATOM   563  N  N   . VAL A 1 78  ? 0.230   -5.048  8.807   1.00 29.13 ? 78  VAL A N   1 
ATOM   564  C  CA  . VAL A 1 78  ? 1.119   -3.945  8.497   1.00 30.90 ? 78  VAL A CA  1 
ATOM   565  C  C   . VAL A 1 78  ? 2.359   -4.166  9.419   1.00 28.02 ? 78  VAL A C   1 
ATOM   566  O  O   . VAL A 1 78  ? 2.300   -4.480  10.632  1.00 29.23 ? 78  VAL A O   1 
ATOM   567  C  CB  . VAL A 1 78  ? 0.468   -2.543  8.821   1.00 28.44 ? 78  VAL A CB  1 
ATOM   568  C  CG1 . VAL A 1 78  ? 1.487   -1.431  8.728   1.00 33.15 ? 78  VAL A CG1 1 
ATOM   569  C  CG2 . VAL A 1 78  ? -0.787  -2.280  7.941   1.00 34.66 ? 78  VAL A CG2 1 
ATOM   570  N  N   . TYR A 1 79  ? 3.497   -3.943  8.805   1.00 29.11 ? 79  TYR A N   1 
ATOM   571  C  CA  . TYR A 1 79  ? 4.822   -4.079  9.443   1.00 28.40 ? 79  TYR A CA  1 
ATOM   572  C  C   . TYR A 1 79  ? 5.425   -2.733  9.740   1.00 27.90 ? 79  TYR A C   1 
ATOM   573  O  O   . TYR A 1 79  ? 5.382   -1.827  8.945   1.00 27.25 ? 79  TYR A O   1 
ATOM   574  C  CB  . TYR A 1 79  ? 5.782   -4.985  8.560   1.00 30.46 ? 79  TYR A CB  1 
ATOM   575  C  CG  . TYR A 1 79  ? 5.194   -6.377  8.300   1.00 29.52 ? 79  TYR A CG  1 
ATOM   576  C  CD1 . TYR A 1 79  ? 5.484   -7.458  9.161   1.00 29.64 ? 79  TYR A CD1 1 
ATOM   577  C  CD2 . TYR A 1 79  ? 4.374   -6.609  7.232   1.00 30.94 ? 79  TYR A CD2 1 
ATOM   578  C  CE1 . TYR A 1 79  ? 4.913   -8.689  8.951   1.00 32.35 ? 79  TYR A CE1 1 
ATOM   579  C  CE2 . TYR A 1 79  ? 3.786   -7.844  7.013   1.00 32.92 ? 79  TYR A CE2 1 
ATOM   580  C  CZ  . TYR A 1 79  ? 4.091   -8.895  7.896   1.00 29.03 ? 79  TYR A CZ  1 
ATOM   581  O  OH  . TYR A 1 79  ? 3.570   -10.168 7.768   1.00 33.06 ? 79  TYR A OH  1 
ATOM   582  N  N   . HIS A 1 80  ? 6.014   -2.677  10.912  1.00 27.10 ? 80  HIS A N   1 
ATOM   583  C  CA  . HIS A 1 80  ? 6.618   -1.489  11.485  1.00 28.92 ? 80  HIS A CA  1 
ATOM   584  C  C   . HIS A 1 80  ? 8.051   -1.795  11.872  1.00 28.67 ? 80  HIS A C   1 
ATOM   585  O  O   . HIS A 1 80  ? 8.305   -2.757  12.592  1.00 29.89 ? 80  HIS A O   1 
ATOM   586  C  CB  . HIS A 1 80  ? 5.865   -1.080  12.791  1.00 29.48 ? 80  HIS A CB  1 
ATOM   587  C  CG  . HIS A 1 80  ? 4.417   -0.697  12.576  1.00 28.70 ? 80  HIS A CG  1 
ATOM   588  N  ND1 . HIS A 1 80  ? 3.980   0.611   12.545  1.00 30.59 ? 80  HIS A ND1 1 
ATOM   589  C  CD2 . HIS A 1 80  ? 3.334   -1.451  12.268  1.00 27.83 ? 80  HIS A CD2 1 
ATOM   590  C  CE1 . HIS A 1 80  ? 2.684   0.638   12.297  1.00 28.58 ? 80  HIS A CE1 1 
ATOM   591  N  NE2 . HIS A 1 80  ? 2.262   -0.611  12.174  1.00 27.28 ? 80  HIS A NE2 1 
ATOM   592  N  N   . ILE A 1 81  ? 8.942   -0.913  11.483  1.00 27.49 ? 81  ILE A N   1 
ATOM   593  C  CA  . ILE A 1 81  ? 10.373  -0.994  11.959  1.00 27.96 ? 81  ILE A CA  1 
ATOM   594  C  C   . ILE A 1 81  ? 10.494  -0.576  13.417  1.00 28.53 ? 81  ILE A C   1 
ATOM   595  O  O   . ILE A 1 81  ? 9.828   0.383   13.894  1.00 29.18 ? 81  ILE A O   1 
ATOM   596  C  CB  . ILE A 1 81  ? 11.323  -0.171  11.025  1.00 28.07 ? 81  ILE A CB  1 
ATOM   597  C  CG1 . ILE A 1 81  ? 12.765  -0.649  11.276  1.00 29.46 ? 81  ILE A CG1 1 
ATOM   598  C  CG2 . ILE A 1 81  ? 11.133  1.302   11.168  1.00 27.91 ? 81  ILE A CG2 1 
ATOM   599  C  CD1 . ILE A 1 81  ? 13.755  -0.093  10.243  1.00 29.85 ? 81  ILE A CD1 1 
ATOM   600  N  N   . THR A 1 82  ? 11.279  -1.355  14.114  1.00 27.03 ? 82  THR A N   1 
ATOM   601  C  CA  . THR A 1 82  ? 11.658  -1.023  15.514  1.00 26.89 ? 82  THR A CA  1 
ATOM   602  C  C   . THR A 1 82  ? 12.885  -0.161  15.547  1.00 28.88 ? 82  THR A C   1 
ATOM   603  O  O   . THR A 1 82  ? 13.656  -0.071  14.630  1.00 30.61 ? 82  THR A O   1 
ATOM   604  C  CB  . THR A 1 82  ? 11.890  -2.258  16.367  1.00 27.19 ? 82  THR A CB  1 
ATOM   605  O  OG1 . THR A 1 82  ? 13.041  -2.895  15.873  1.00 27.85 ? 82  THR A OG1 1 
ATOM   606  C  CG2 . THR A 1 82  ? 10.704  -3.235  16.349  1.00 28.38 ? 82  THR A CG2 1 
ATOM   607  N  N   . ASP A 1 83  ? 13.163  0.334   16.741  1.00 28.84 ? 83  ASP A N   1 
ATOM   608  C  CA  . ASP A 1 83  ? 14.370  1.173   16.918  1.00 29.62 ? 83  ASP A CA  1 
ATOM   609  C  C   . ASP A 1 83  ? 15.636  0.349   16.685  1.00 29.61 ? 83  ASP A C   1 
ATOM   610  O  O   . ASP A 1 83  ? 16.666  0.808   16.145  1.00 30.72 ? 83  ASP A O   1 
ATOM   611  C  CB  . ASP A 1 83  ? 14.395  1.845   18.295  1.00 30.13 ? 83  ASP A CB  1 
ATOM   612  C  CG  . ASP A 1 83  ? 13.482  3.074   18.349  1.00 34.14 ? 83  ASP A CG  1 
ATOM   613  O  OD1 . ASP A 1 83  ? 12.905  3.426   17.295  1.00 38.71 ? 83  ASP A OD1 1 
ATOM   614  O  OD2 . ASP A 1 83  ? 13.338  3.663   19.413  1.00 40.45 ? 83  ASP A OD2 1 
ATOM   615  N  N   . ALA A 1 84  ? 15.501  -0.915  17.028  1.00 29.45 ? 84  ALA A N   1 
ATOM   616  C  CA  . ALA A 1 84  ? 16.584  -1.920  16.840  1.00 30.67 ? 84  ALA A CA  1 
ATOM   617  C  C   . ALA A 1 84  ? 16.826  -2.217  15.390  1.00 30.26 ? 84  ALA A C   1 
ATOM   618  O  O   . ALA A 1 84  ? 17.959  -2.355  14.918  1.00 30.14 ? 84  ALA A O   1 
ATOM   619  C  CB  . ALA A 1 84  ? 16.298  -3.197  17.624  1.00 31.04 ? 84  ALA A CB  1 
ATOM   620  N  N   . GLY A 1 85  ? 15.731  -2.288  14.679  1.00 28.42 ? 85  GLY A N   1 
ATOM   621  C  CA  . GLY A 1 85  ? 15.723  -2.476  13.218  1.00 29.26 ? 85  GLY A CA  1 
ATOM   622  C  C   . GLY A 1 85  ? 16.386  -1.302  12.528  1.00 28.66 ? 85  GLY A C   1 
ATOM   623  O  O   . GLY A 1 85  ? 17.160  -1.436  11.587  1.00 29.35 ? 85  GLY A O   1 
ATOM   624  N  N   . LYS A 1 86  ? 16.143  -0.122  13.049  1.00 27.82 ? 86  LYS A N   1 
ATOM   625  C  CA  . LYS A 1 86  ? 16.800  1.094   12.518  1.00 28.46 ? 86  LYS A CA  1 
ATOM   626  C  C   . LYS A 1 86  ? 18.310  1.109   12.763  1.00 29.34 ? 86  LYS A C   1 
ATOM   627  O  O   . LYS A 1 86  ? 19.113  1.493   11.910  1.00 30.53 ? 86  LYS A O   1 
ATOM   628  C  CB  . LYS A 1 86  ? 16.142  2.401   13.017  1.00 29.30 ? 86  LYS A CB  1 
ATOM   629  C  CG  . LYS A 1 86  ? 14.743  2.697   12.630  1.00 31.05 ? 86  LYS A CG  1 
ATOM   630  C  CD  . LYS A 1 86  ? 14.397  4.065   13.217  1.00 36.84 ? 86  LYS A CD  1 
ATOM   631  C  CE  . LYS A 1 86  ? 12.928  4.391   13.025  1.00 40.06 ? 86  LYS A CE  1 
ATOM   632  N  NZ  . LYS A 1 86  ? 12.442  5.392   13.992  1.00 45.78 ? 86  LYS A NZ  1 
ATOM   633  N  N   . LYS A 1 87  ? 18.693  0.658   13.938  1.00 29.91 ? 87  LYS A N   1 
ATOM   634  C  CA  . LYS A 1 87  ? 20.122  0.495   14.314  1.00 31.62 ? 87  LYS A CA  1 
ATOM   635  C  C   . LYS A 1 87  ? 20.842  -0.515  13.408  1.00 31.94 ? 87  LYS A C   1 
ATOM   636  O  O   . LYS A 1 87  ? 21.867  -0.252  12.851  1.00 31.38 ? 87  LYS A O   1 
ATOM   637  C  CB  . LYS A 1 87  ? 20.232  0.135   15.831  1.00 32.27 ? 87  LYS A CB  1 
ATOM   638  C  CG  . LYS A 1 87  ? 21.602  -0.161  16.246  1.00 36.39 ? 87  LYS A CG  1 
ATOM   639  C  CD  . LYS A 1 87  ? 22.463  1.080   16.112  1.00 39.73 ? 87  LYS A CD  1 
ATOM   640  C  CE  . LYS A 1 87  ? 23.728  0.951   17.005  1.00 42.61 ? 87  LYS A CE  1 
ATOM   641  N  NZ  . LYS A 1 87  ? 24.375  -0.413  16.896  1.00 43.64 ? 87  LYS A NZ  1 
ATOM   642  N  N   . PHE A 1 88  ? 20.203  -1.630  13.171  1.00 31.15 ? 88  PHE A N   1 
ATOM   643  C  CA  . PHE A 1 88  ? 20.764  -2.684  12.362  1.00 32.41 ? 88  PHE A CA  1 
ATOM   644  C  C   . PHE A 1 88  ? 20.988  -2.157  10.953  1.00 31.89 ? 88  PHE A C   1 
ATOM   645  O  O   . PHE A 1 88  ? 22.020  -2.369  10.386  1.00 30.54 ? 88  PHE A O   1 
ATOM   646  C  CB  . PHE A 1 88  ? 19.822  -3.884  12.304  1.00 33.61 ? 88  PHE A CB  1 
ATOM   647  C  CG  . PHE A 1 88  ? 20.355  -5.067  11.571  1.00 36.37 ? 88  PHE A CG  1 
ATOM   648  C  CD1 . PHE A 1 88  ? 21.152  -5.991  12.247  1.00 41.11 ? 88  PHE A CD1 1 
ATOM   649  C  CD2 . PHE A 1 88  ? 20.056  -5.257  10.263  1.00 39.55 ? 88  PHE A CD2 1 
ATOM   650  C  CE1 . PHE A 1 88  ? 21.641  -7.082  11.576  1.00 40.75 ? 88  PHE A CE1 1 
ATOM   651  C  CE2 . PHE A 1 88  ? 20.528  -6.326  9.582   1.00 43.28 ? 88  PHE A CE2 1 
ATOM   652  C  CZ  . PHE A 1 88  ? 21.334  -7.236  10.241  1.00 37.62 ? 88  PHE A CZ  1 
ATOM   653  N  N   . LEU A 1 89  ? 20.007  -1.418  10.452  1.00 31.34 ? 89  LEU A N   1 
ATOM   654  C  CA  . LEU A 1 89  ? 20.074  -0.844  9.111   1.00 32.10 ? 89  LEU A CA  1 
ATOM   655  C  C   . LEU A 1 89  ? 21.291  0.078   8.997   1.00 33.37 ? 89  LEU A C   1 
ATOM   656  O  O   . LEU A 1 89  ? 22.075  0.064   8.046   1.00 33.97 ? 89  LEU A O   1 
ATOM   657  C  CB  . LEU A 1 89  ? 18.765  -0.117  8.748   1.00 31.06 ? 89  LEU A CB  1 
ATOM   658  C  CG  . LEU A 1 89  ? 18.772  0.703   7.462   1.00 30.04 ? 89  LEU A CG  1 
ATOM   659  C  CD1 . LEU A 1 89  ? 19.153  -0.196  6.266   1.00 31.36 ? 89  LEU A CD1 1 
ATOM   660  C  CD2 . LEU A 1 89  ? 17.439  1.492   7.268   1.00 32.57 ? 89  LEU A CD2 1 
HETATM 661  N  N   . OCS A 1 90  ? 21.391  0.905   10.000  1.00 33.34 ? 90  OCS A N   1 
HETATM 662  C  CA  . OCS A 1 90  ? 22.460  1.895   10.117  1.00 35.42 ? 90  OCS A CA  1 
HETATM 663  C  CB  . OCS A 1 90  ? 22.212  2.764   11.348  1.00 35.89 ? 90  OCS A CB  1 
HETATM 664  S  SG  . OCS A 1 90  ? 23.272  4.183   11.327  1.00 41.13 ? 90  OCS A SG  1 
HETATM 665  C  C   . OCS A 1 90  ? 23.826  1.218   10.153  1.00 36.21 ? 90  OCS A C   1 
HETATM 666  O  O   . OCS A 1 90  ? 24.744  1.497   9.402   1.00 37.64 ? 90  OCS A O   1 
HETATM 667  O  OD1 . OCS A 1 90  ? 22.971  4.904   10.116  1.00 46.38 ? 90  OCS A OD1 1 
HETATM 668  O  OD2 . OCS A 1 90  ? 23.084  4.943   12.511  1.00 42.29 ? 90  OCS A OD2 1 
HETATM 669  O  OD3 . OCS A 1 90  ? 24.550  3.612   11.273  1.00 43.42 ? 90  OCS A OD3 1 
ATOM   670  N  N   . ASP A 1 91  ? 23.897  0.193   10.959  1.00 38.07 ? 91  ASP A N   1 
ATOM   671  C  CA  . ASP A 1 91  ? 25.157  -0.546  11.180  1.00 39.04 ? 91  ASP A CA  1 
ATOM   672  C  C   . ASP A 1 91  ? 25.679  -1.230  9.947   1.00 40.11 ? 91  ASP A C   1 
ATOM   673  O  O   . ASP A 1 91  ? 26.885  -1.354  9.726   1.00 39.83 ? 91  ASP A O   1 
ATOM   674  C  CB  . ASP A 1 91  ? 24.998  -1.645  12.200  1.00 40.61 ? 91  ASP A CB  1 
ATOM   675  C  CG  . ASP A 1 91  ? 25.109  -1.160  13.615  1.00 42.43 ? 91  ASP A CG  1 
ATOM   676  O  OD1 . ASP A 1 91  ? 25.402  0.045   13.892  1.00 46.48 ? 91  ASP A OD1 1 
ATOM   677  O  OD2 . ASP A 1 91  ? 24.896  -2.027  14.491  1.00 47.24 ? 91  ASP A OD2 1 
ATOM   678  N  N   . HIS A 1 92  ? 24.732  -1.751  9.208   1.00 38.89 ? 92  HIS A N   1 
ATOM   679  C  CA  . HIS A 1 92  ? 25.000  -2.652  8.100   1.00 39.53 ? 92  HIS A CA  1 
ATOM   680  C  C   . HIS A 1 92  ? 24.957  -2.016  6.770   1.00 39.93 ? 92  HIS A C   1 
ATOM   681  O  O   . HIS A 1 92  ? 24.932  -2.699  5.765   1.00 40.09 ? 92  HIS A O   1 
ATOM   682  C  CB  . HIS A 1 92  ? 24.068  -3.842  8.110   1.00 40.17 ? 92  HIS A CB  1 
ATOM   683  C  CG  . HIS A 1 92  ? 24.394  -4.805  9.199   1.00 44.08 ? 92  HIS A CG  1 
ATOM   684  N  ND1 . HIS A 1 92  ? 25.006  -6.017  8.964   1.00 49.74 ? 92  HIS A ND1 1 
ATOM   685  C  CD2 . HIS A 1 92  ? 24.306  -4.680  10.540  1.00 47.31 ? 92  HIS A CD2 1 
ATOM   686  C  CE1 . HIS A 1 92  ? 25.195  -6.641  10.115  1.00 48.05 ? 92  HIS A CE1 1 
ATOM   687  N  NE2 . HIS A 1 92  ? 24.787  -5.845  11.088  1.00 50.28 ? 92  HIS A NE2 1 
ATOM   688  N  N   . SER A 1 93  ? 24.972  -0.704  6.776   1.00 38.27 ? 93  SER A N   1 
ATOM   689  C  CA  . SER A 1 93  ? 24.867  0.031   5.489   1.00 39.75 ? 93  SER A CA  1 
ATOM   690  C  C   . SER A 1 93  ? 26.063  0.916   5.262   1.00 39.61 ? 93  SER A C   1 
ATOM   691  O  O   . SER A 1 93  ? 26.196  1.616   4.267   1.00 40.34 ? 93  SER A O   1 
ATOM   692  C  CB  . SER A 1 93  ? 23.535  0.779   5.355   1.00 40.50 ? 93  SER A CB  1 
ATOM   693  O  OG  . SER A 1 93  ? 23.365  1.756   6.351   1.00 42.31 ? 93  SER A OG  1 
ATOM   694  N  N   . GLN A 1 94  ? 26.993  0.738   6.160   1.00 39.43 ? 94  GLN A N   1 
ATOM   695  C  CA  . GLN A 1 94  ? 28.253  1.475   6.143   1.00 39.86 ? 94  GLN A CA  1 
ATOM   696  C  C   . GLN A 1 94  ? 29.324  1.072   5.137   1.00 39.52 ? 94  GLN A C   1 
ATOM   697  O  O   . GLN A 1 94  ? 30.247  1.833   4.937   1.00 39.89 ? 94  GLN A O   1 
ATOM   698  C  CB  . GLN A 1 94  ? 28.917  1.445   7.539   1.00 41.08 ? 94  GLN A CB  1 
ATOM   699  C  CG  . GLN A 1 94  ? 28.090  2.006   8.659   1.00 44.17 ? 94  GLN A CG  1 
ATOM   700  C  CD  . GLN A 1 94  ? 27.225  3.168   8.174   1.00 52.00 ? 94  GLN A CD  1 
ATOM   701  O  OE1 . GLN A 1 94  ? 27.733  4.274   7.904   1.00 55.95 ? 94  GLN A OE1 1 
ATOM   702  N  NE2 . GLN A 1 94  ? 25.915  2.912   8.015   1.00 54.90 ? 94  GLN A NE2 1 
ATOM   703  N  N   . ALA A 1 95  ? 29.241  -0.140  4.627   1.00 37.55 ? 95  ALA A N   1 
ATOM   704  C  CA  . ALA A 1 95  ? 30.252  -0.716  3.680   1.00 37.44 ? 95  ALA A CA  1 
ATOM   705  C  C   . ALA A 1 95  ? 29.669  -1.094  2.352   1.00 37.19 ? 95  ALA A C   1 
ATOM   706  O  O   . ALA A 1 95  ? 30.189  -1.924  1.591   1.00 33.46 ? 95  ALA A O   1 
ATOM   707  C  CB  . ALA A 1 95  ? 30.952  -1.899  4.267   1.00 39.41 ? 95  ALA A CB  1 
ATOM   708  N  N   . LEU A 1 96  ? 28.585  -0.418  2.063   1.00 35.78 ? 96  LEU A N   1 
ATOM   709  C  CA  . LEU A 1 96  ? 27.833  -0.728  0.817   1.00 35.72 ? 96  LEU A CA  1 
ATOM   710  C  C   . LEU A 1 96  ? 28.553  -0.326  -0.449  1.00 35.68 ? 96  LEU A C   1 
ATOM   711  O  O   . LEU A 1 96  ? 28.467  -0.982  -1.491  1.00 32.33 ? 96  LEU A O   1 
ATOM   712  C  CB  . LEU A 1 96  ? 26.388  -0.157  0.878   1.00 36.81 ? 96  LEU A CB  1 
ATOM   713  C  CG  . LEU A 1 96  ? 25.356  -0.875  1.749   1.00 36.14 ? 96  LEU A CG  1 
ATOM   714  C  CD1 . LEU A 1 96  ? 23.989  -0.263  1.697   1.00 43.67 ? 96  LEU A CD1 1 
ATOM   715  C  CD2 . LEU A 1 96  ? 25.221  -2.306  1.432   1.00 38.49 ? 96  LEU A CD2 1 
ATOM   716  N  N   . GLN A 1 97  ? 29.318  0.740   -0.375  1.00 35.09 ? 97  GLN A N   1 
ATOM   717  C  CA  . GLN A 1 97  ? 30.107  1.120   -1.526  1.00 35.98 ? 97  GLN A CA  1 
ATOM   718  C  C   . GLN A 1 97  ? 31.139  0.080   -1.926  1.00 33.76 ? 97  GLN A C   1 
ATOM   719  O  O   . GLN A 1 97  ? 31.361  -0.179  -3.078  1.00 34.62 ? 97  GLN A O   1 
ATOM   720  C  CB  . GLN A 1 97  ? 30.819  2.469   -1.354  1.00 38.00 ? 97  GLN A CB  1 
ATOM   721  C  CG  . GLN A 1 97  ? 31.719  2.767   -2.511  1.00 42.28 ? 97  GLN A CG  1 
ATOM   722  C  CD  . GLN A 1 97  ? 31.061  3.571   -3.588  1.00 47.61 ? 97  GLN A CD  1 
ATOM   723  O  OE1 . GLN A 1 97  ? 29.855  3.401   -3.863  1.00 49.53 ? 97  GLN A OE1 1 
ATOM   724  N  NE2 . GLN A 1 97  ? 31.840  4.491   -4.203  1.00 48.04 ? 97  GLN A NE2 1 
ATOM   725  N  N   . LEU A 1 98  ? 31.796  -0.441  -0.917  1.00 33.79 ? 98  LEU A N   1 
ATOM   726  C  CA  . LEU A 1 98  ? 32.829  -1.456  -1.091  1.00 33.52 ? 98  LEU A CA  1 
ATOM   727  C  C   . LEU A 1 98  ? 32.127  -2.702  -1.660  1.00 31.56 ? 98  LEU A C   1 
ATOM   728  O  O   . LEU A 1 98  ? 32.574  -3.316  -2.641  1.00 30.89 ? 98  LEU A O   1 
ATOM   729  C  CB  . LEU A 1 98  ? 33.550  -1.747  0.248   1.00 34.05 ? 98  LEU A CB  1 
ATOM   730  C  CG  . LEU A 1 98  ? 34.475  -2.926  0.127   1.00 36.46 ? 98  LEU A CG  1 
ATOM   731  C  CD1 . LEU A 1 98  ? 35.524  -2.746  -1.056  1.00 37.77 ? 98  LEU A CD1 1 
ATOM   732  C  CD2 . LEU A 1 98  ? 35.171  -3.141  1.471   1.00 39.57 ? 98  LEU A CD2 1 
ATOM   733  N  N   . ALA A 1 99  ? 30.985  -3.009  -1.048  1.00 31.27 ? 99  ALA A N   1 
ATOM   734  C  CA  . ALA A 1 99  ? 30.202  -4.159  -1.544  1.00 30.31 ? 99  ALA A CA  1 
ATOM   735  C  C   . ALA A 1 99  ? 29.923  -4.095  -3.037  1.00 29.12 ? 99  ALA A C   1 
ATOM   736  O  O   . ALA A 1 99  ? 30.026  -5.079  -3.734  1.00 30.93 ? 99  ALA A O   1 
ATOM   737  C  CB  . ALA A 1 99  ? 28.883  -4.312  -0.779  1.00 30.50 ? 99  ALA A CB  1 
ATOM   738  N  N   . ARG A 1 100 ? 29.508  -2.921  -3.493  1.00 30.64 ? 100 ARG A N   1 
ATOM   739  C  CA  . ARG A 1 100 ? 29.112  -2.672  -4.872  1.00 30.75 ? 100 ARG A CA  1 
ATOM   740  C  C   . ARG A 1 100 ? 30.314  -2.865  -5.805  1.00 31.35 ? 100 ARG A C   1 
ATOM   741  O  O   . ARG A 1 100 ? 30.222  -3.398  -6.873  1.00 31.72 ? 100 ARG A O   1 
ATOM   742  C  CB  . ARG A 1 100 ? 28.629  -1.197  -5.073  1.00 32.25 ? 100 ARG A CB  1 
ATOM   743  C  CG  . ARG A 1 100 ? 27.756  -1.040  -6.287  1.00 35.74 ? 100 ARG A CG  1 
ATOM   744  C  CD  . ARG A 1 100 ? 28.479  -0.793  -7.535  1.00 37.82 ? 100 ARG A CD  1 
ATOM   745  N  N   . LYS A 1 101 ? 31.447  -2.377  -5.356  1.00 31.25 ? 101 LYS A N   1 
ATOM   746  C  CA  . LYS A 1 101 ? 32.722  -2.558  -6.101  1.00 30.42 ? 101 LYS A CA  1 
ATOM   747  C  C   . LYS A 1 101 ? 33.137  -3.993  -6.298  1.00 30.06 ? 101 LYS A C   1 
ATOM   748  O  O   . LYS A 1 101 ? 33.577  -4.435  -7.347  1.00 30.48 ? 101 LYS A O   1 
ATOM   749  C  CB  . LYS A 1 101 ? 33.842  -1.774  -5.446  1.00 30.69 ? 101 LYS A CB  1 
ATOM   750  C  CG  . LYS A 1 101 ? 33.739  -0.263  -5.787  1.00 34.69 ? 101 LYS A CG  1 
ATOM   751  C  CD  . LYS A 1 101 ? 34.451  0.602   -4.741  1.00 38.02 ? 101 LYS A CD  1 
ATOM   752  C  CE  . LYS A 1 101 ? 34.496  2.098   -5.167  1.00 42.74 ? 101 LYS A CE  1 
ATOM   753  N  NZ  . LYS A 1 101 ? 35.797  2.746   -4.745  1.00 44.93 ? 101 LYS A NZ  1 
ATOM   754  N  N   . ILE A 1 102 ? 32.950  -4.727  -5.234  1.00 30.93 ? 102 ILE A N   1 
ATOM   755  C  CA  . ILE A 1 102 ? 33.220  -6.162  -5.262  1.00 30.82 ? 102 ILE A CA  1 
ATOM   756  C  C   . ILE A 1 102 ? 32.264  -6.902  -6.136  1.00 32.34 ? 102 ILE A C   1 
ATOM   757  O  O   . ILE A 1 102 ? 32.669  -7.710  -6.936  1.00 34.43 ? 102 ILE A O   1 
ATOM   758  C  CB  . ILE A 1 102 ? 33.254  -6.784  -3.905  1.00 29.48 ? 102 ILE A CB  1 
ATOM   759  C  CG1 . ILE A 1 102 ? 34.372  -6.183  -3.074  1.00 29.98 ? 102 ILE A CG1 1 
ATOM   760  C  CG2 . ILE A 1 102 ? 33.381  -8.357  -4.043  1.00 29.77 ? 102 ILE A CG2 1 
ATOM   761  C  CD1 . ILE A 1 102 ? 34.255  -6.536  -1.588  1.00 33.61 ? 102 ILE A CD1 1 
ATOM   762  N  N   . ILE A 1 103 ? 30.995  -6.573  -6.049  1.00 31.84 ? 103 ILE A N   1 
ATOM   763  C  CA  . ILE A 1 103 ? 29.976  -7.213  -6.888  1.00 33.53 ? 103 ILE A CA  1 
ATOM   764  C  C   . ILE A 1 103 ? 30.235  -6.936  -8.361  1.00 33.78 ? 103 ILE A C   1 
ATOM   765  O  O   . ILE A 1 103 ? 30.128  -7.778  -9.271  1.00 35.28 ? 103 ILE A O   1 
ATOM   766  C  CB  . ILE A 1 103 ? 28.564  -6.798  -6.468  1.00 33.79 ? 103 ILE A CB  1 
ATOM   767  C  CG1 . ILE A 1 103 ? 28.142  -7.550  -5.237  1.00 34.97 ? 103 ILE A CG1 1 
ATOM   768  C  CG2 . ILE A 1 103 ? 27.532  -7.088  -7.557  1.00 40.59 ? 103 ILE A CG2 1 
ATOM   769  C  CD1 . ILE A 1 103 ? 26.967  -7.031  -4.632  1.00 39.71 ? 103 ILE A CD1 1 
ATOM   770  N  N   . ASP A 1 104 ? 30.583  -5.708  -8.624  1.00 33.06 ? 104 ASP A N   1 
ATOM   771  C  CA  . ASP A 1 104 ? 30.871  -5.350  -10.016 1.00 34.95 ? 104 ASP A CA  1 
ATOM   772  C  C   . ASP A 1 104 ? 31.967  -6.239  -10.591 1.00 34.31 ? 104 ASP A C   1 
ATOM   773  O  O   . ASP A 1 104 ? 31.958  -6.633  -11.770 1.00 34.60 ? 104 ASP A O   1 
ATOM   774  C  CB  . ASP A 1 104 ? 31.362  -3.909  -10.136 1.00 35.51 ? 104 ASP A CB  1 
ATOM   775  C  CG  . ASP A 1 104 ? 30.246  -2.884  -10.059 1.00 40.90 ? 104 ASP A CG  1 
ATOM   776  O  OD1 . ASP A 1 104 ? 29.055  -3.264  -10.195 1.00 46.21 ? 104 ASP A OD1 1 
ATOM   777  O  OD2 . ASP A 1 104 ? 30.591  -1.687  -9.843  1.00 40.49 ? 104 ASP A OD2 1 
ATOM   778  N  N   . ASP A 1 105 ? 32.999  -6.395  -9.791  1.00 33.69 ? 105 ASP A N   1 
ATOM   779  C  CA  . ASP A 1 105 ? 34.142  -7.213  -10.191 1.00 33.35 ? 105 ASP A CA  1 
ATOM   780  C  C   . ASP A 1 105 ? 33.677  -8.637  -10.416 1.00 34.38 ? 105 ASP A C   1 
ATOM   781  O  O   . ASP A 1 105 ? 34.032  -9.327  -11.401 1.00 33.42 ? 105 ASP A O   1 
ATOM   782  C  CB  . ASP A 1 105 ? 35.287  -7.192  -9.150  1.00 33.91 ? 105 ASP A CB  1 
ATOM   783  C  CG  . ASP A 1 105 ? 36.510  -7.952  -9.627  1.00 36.05 ? 105 ASP A CG  1 
ATOM   784  O  OD1 . ASP A 1 105 ? 37.114  -7.604  -10.678 1.00 40.17 ? 105 ASP A OD1 1 
ATOM   785  O  OD2 . ASP A 1 105 ? 36.878  -8.895  -8.970  1.00 34.33 ? 105 ASP A OD2 1 
ATOM   786  N  N   . LEU A 1 106 ? 32.963  -9.132  -9.458  1.00 33.08 ? 106 LEU A N   1 
ATOM   787  C  CA  . LEU A 1 106 ? 32.517  -10.489 -9.571  1.00 33.12 ? 106 LEU A CA  1 
ATOM   788  C  C   . LEU A 1 106 ? 31.670  -10.660 -10.847 1.00 35.15 ? 106 LEU A C   1 
ATOM   789  O  O   . LEU A 1 106 ? 31.726  -11.676 -11.522 1.00 35.31 ? 106 LEU A O   1 
ATOM   790  C  CB  . LEU A 1 106 ? 31.692  -10.927 -8.366  1.00 33.81 ? 106 LEU A CB  1 
ATOM   791  C  CG  . LEU A 1 106 ? 32.517  -11.180 -7.099  1.00 31.93 ? 106 LEU A CG  1 
ATOM   792  C  CD1 . LEU A 1 106 ? 31.678  -11.350 -5.848  1.00 29.68 ? 106 LEU A CD1 1 
ATOM   793  C  CD2 . LEU A 1 106 ? 33.384  -12.348 -7.281  1.00 31.84 ? 106 LEU A CD2 1 
ATOM   794  N  N   . LEU A 1 107 ? 30.833  -9.678  -11.085 1.00 36.21 ? 107 LEU A N   1 
ATOM   795  C  CA  . LEU A 1 107 ? 29.827  -9.762  -12.183 1.00 37.22 ? 107 LEU A CA  1 
ATOM   796  C  C   . LEU A 1 107 ? 30.497  -9.983  -13.502 1.00 37.01 ? 107 LEU A C   1 
ATOM   797  O  O   . LEU A 1 107 ? 29.926  -10.567 -14.444 1.00 38.21 ? 107 LEU A O   1 
ATOM   798  C  CB  . LEU A 1 107 ? 28.935  -8.545  -12.231 1.00 37.25 ? 107 LEU A CB  1 
ATOM   799  C  CG  . LEU A 1 107 ? 27.700  -8.715  -11.358 1.00 39.04 ? 107 LEU A CG  1 
ATOM   800  C  CD1 . LEU A 1 107 ? 26.986  -7.352  -11.051 1.00 41.39 ? 107 LEU A CD1 1 
ATOM   801  C  CD2 . LEU A 1 107 ? 26.753  -9.745  -12.029 1.00 41.21 ? 107 LEU A CD2 1 
ATOM   802  N  N   . SER A 1 108 ? 31.746  -9.549  -13.560 1.00 37.97 ? 108 SER A N   1 
ATOM   803  C  CA  . SER A 1 108 ? 32.531  -9.541  -14.832 1.00 37.84 ? 108 SER A CA  1 
ATOM   804  C  C   . SER A 1 108 ? 32.998  -10.938 -15.208 1.00 37.61 ? 108 SER A C   1 
ATOM   805  O  O   . SER A 1 108 ? 33.517  -11.237 -16.293 1.00 37.77 ? 108 SER A O   1 
ATOM   806  C  CB  . SER A 1 108 ? 33.714  -8.542  -14.771 1.00 38.58 ? 108 SER A CB  1 
ATOM   807  O  OG  . SER A 1 108 ? 34.735  -9.042  -13.932 1.00 39.33 ? 108 SER A OG  1 
ATOM   808  N  N   . THR A 1 109 ? 32.726  -11.809 -14.263 1.00 37.72 ? 109 THR A N   1 
ATOM   809  C  CA  . THR A 1 109 ? 33.111  -13.242 -14.327 1.00 38.36 ? 109 THR A CA  1 
ATOM   810  C  C   . THR A 1 109 ? 31.974  -14.266 -14.488 1.00 38.58 ? 109 THR A C   1 
ATOM   811  O  O   . THR A 1 109 ? 32.197  -15.485 -14.570 1.00 38.58 ? 109 THR A O   1 
ATOM   812  C  CB  . THR A 1 109 ? 33.972  -13.637 -13.072 1.00 37.78 ? 109 THR A CB  1 
ATOM   813  O  OG1 . THR A 1 109 ? 33.139  -13.828 -11.920 1.00 42.38 ? 109 THR A OG1 1 
ATOM   814  C  CG2 . THR A 1 109 ? 34.963  -12.566 -12.684 1.00 39.52 ? 109 THR A CG2 1 
ATOM   815  N  N   . VAL A 1 110 ? 30.770  -13.735 -14.565 1.00 38.01 ? 110 VAL A N   1 
ATOM   816  C  CA  . VAL A 1 110 ? 29.511  -14.505 -14.499 1.00 38.41 ? 110 VAL A CA  1 
ATOM   817  C  C   . VAL A 1 110 ? 28.570  -14.189 -15.648 1.00 39.04 ? 110 VAL A C   1 
ATOM   818  O  O   . VAL A 1 110 ? 28.431  -13.026 -16.061 1.00 39.11 ? 110 VAL A O   1 
ATOM   819  C  CB  . VAL A 1 110 ? 28.818  -14.179 -13.165 1.00 39.30 ? 110 VAL A CB  1 
ATOM   820  C  CG1 . VAL A 1 110 ? 27.328  -14.502 -13.203 1.00 41.61 ? 110 VAL A CG1 1 
ATOM   821  C  CG2 . VAL A 1 110 ? 29.538  -14.953 -12.122 1.00 40.14 ? 110 VAL A CG2 1 
ATOM   822  N  N   . ASP A 1 111 ? 27.961  -15.246 -16.172 1.00 37.94 ? 111 ASP A N   1 
ATOM   823  C  CA  . ASP A 1 111 ? 26.937  -15.091 -17.224 1.00 38.91 ? 111 ASP A CA  1 
ATOM   824  C  C   . ASP A 1 111 ? 25.562  -15.000 -16.546 1.00 39.41 ? 111 ASP A C   1 
ATOM   825  O  O   . ASP A 1 111 ? 25.249  -15.856 -15.683 1.00 39.99 ? 111 ASP A O   1 
ATOM   826  C  CB  . ASP A 1 111 ? 26.970  -16.249 -18.201 1.00 39.20 ? 111 ASP A CB  1 
ATOM   827  C  CG  . ASP A 1 111 ? 26.046  -16.047 -19.376 1.00 40.01 ? 111 ASP A CG  1 
ATOM   828  O  OD1 . ASP A 1 111 ? 24.867  -15.635 -19.160 1.00 46.33 ? 111 ASP A OD1 1 
ATOM   829  O  OD2 . ASP A 1 111 ? 26.488  -16.328 -20.501 1.00 37.62 ? 111 ASP A OD2 1 
ATOM   830  N  N   . GLU B 1 8   ? -27.905 7.649   -1.561  1.00 40.94 ? 8   GLU B N   1 
ATOM   831  C  CA  . GLU B 1 8   ? -28.035 9.104   -1.743  1.00 41.44 ? 8   GLU B CA  1 
ATOM   832  C  C   . GLU B 1 8   ? -27.085 9.491   -2.847  1.00 40.88 ? 8   GLU B C   1 
ATOM   833  O  O   . GLU B 1 8   ? -25.908 9.204   -2.797  1.00 40.95 ? 8   GLU B O   1 
ATOM   834  C  CB  . GLU B 1 8   ? -27.664 9.808   -0.433  1.00 41.94 ? 8   GLU B CB  1 
ATOM   835  N  N   . ARG B 1 9   ? -27.625 10.137  -3.851  1.00 40.34 ? 9   ARG B N   1 
ATOM   836  C  CA  . ARG B 1 9   ? -26.847 10.464  -5.051  1.00 39.93 ? 9   ARG B CA  1 
ATOM   837  C  C   . ARG B 1 9   ? -25.653 11.396  -4.796  1.00 39.63 ? 9   ARG B C   1 
ATOM   838  O  O   . ARG B 1 9   ? -24.573 11.303  -5.442  1.00 41.09 ? 9   ARG B O   1 
ATOM   839  C  CB  . ARG B 1 9   ? -27.744 11.001  -6.162  1.00 40.34 ? 9   ARG B CB  1 
ATOM   840  N  N   . ILE B 1 10  ? -25.847 12.269  -3.829  1.00 37.44 ? 10  ILE B N   1 
ATOM   841  C  CA  . ILE B 1 10  ? -24.846 13.304  -3.538  1.00 35.18 ? 10  ILE B CA  1 
ATOM   842  C  C   . ILE B 1 10  ? -23.641 12.621  -2.905  1.00 35.49 ? 10  ILE B C   1 
ATOM   843  O  O   . ILE B 1 10  ? -22.501 12.708  -3.361  1.00 35.20 ? 10  ILE B O   1 
ATOM   844  C  CB  . ILE B 1 10  ? -25.375 14.347  -2.593  1.00 35.24 ? 10  ILE B CB  1 
ATOM   845  C  CG1 . ILE B 1 10  ? -26.492 15.145  -3.303  1.00 32.10 ? 10  ILE B CG1 1 
ATOM   846  C  CG2 . ILE B 1 10  ? -24.252 15.346  -2.230  1.00 34.03 ? 10  ILE B CG2 1 
ATOM   847  C  CD1 . ILE B 1 10  ? -27.252 16.082  -2.438  1.00 32.77 ? 10  ILE B CD1 1 
ATOM   848  N  N   . LEU B 1 11  ? -23.946 11.863  -1.866  1.00 34.05 ? 11  LEU B N   1 
ATOM   849  C  CA  . LEU B 1 11  ? -22.887 11.131  -1.141  1.00 33.76 ? 11  LEU B CA  1 
ATOM   850  C  C   . LEU B 1 11  ? -22.219 10.048  -1.972  1.00 33.72 ? 11  LEU B C   1 
ATOM   851  O  O   . LEU B 1 11  ? -21.057 9.816   -1.888  1.00 31.96 ? 11  LEU B O   1 
ATOM   852  C  CB  . LEU B 1 11  ? -23.423 10.585  0.157   1.00 33.16 ? 11  LEU B CB  1 
ATOM   853  C  CG  . LEU B 1 11  ? -23.780 11.700  1.124   1.00 32.55 ? 11  LEU B CG  1 
ATOM   854  C  CD1 . LEU B 1 11  ? -24.364 11.032  2.327   1.00 32.55 ? 11  LEU B CD1 1 
ATOM   855  C  CD2 . LEU B 1 11  ? -22.641 12.575  1.606   1.00 30.93 ? 11  LEU B CD2 1 
ATOM   856  N  N   . HIS B 1 12  ? -22.996 9.378   -2.791  1.00 32.98 ? 12  HIS B N   1 
ATOM   857  C  CA  . HIS B 1 12  ? -22.454 8.327   -3.648  1.00 33.33 ? 12  HIS B CA  1 
ATOM   858  C  C   . HIS B 1 12  ? -21.341 8.857   -4.567  1.00 31.21 ? 12  HIS B C   1 
ATOM   859  O  O   . HIS B 1 12  ? -20.227 8.273   -4.672  1.00 32.58 ? 12  HIS B O   1 
ATOM   860  C  CB  . HIS B 1 12  ? -23.599 7.621   -4.428  1.00 33.86 ? 12  HIS B CB  1 
ATOM   861  C  CG  . HIS B 1 12  ? -23.134 6.574   -5.375  1.00 37.66 ? 12  HIS B CG  1 
ATOM   862  N  ND1 . HIS B 1 12  ? -22.918 6.822   -6.714  1.00 42.69 ? 12  HIS B ND1 1 
ATOM   863  C  CD2 . HIS B 1 12  ? -22.928 5.246   -5.199  1.00 42.19 ? 12  HIS B CD2 1 
ATOM   864  C  CE1 . HIS B 1 12  ? -22.537 5.701   -7.308  1.00 44.10 ? 12  HIS B CE1 1 
ATOM   865  N  NE2 . HIS B 1 12  ? -22.526 4.732   -6.409  1.00 45.11 ? 12  HIS B NE2 1 
ATOM   866  N  N   . GLY B 1 13  ? -21.623 10.020  -5.148  1.00 30.80 ? 13  GLY B N   1 
ATOM   867  C  CA  . GLY B 1 13  ? -20.689 10.700  -6.040  1.00 29.46 ? 13  GLY B CA  1 
ATOM   868  C  C   . GLY B 1 13  ? -19.448 11.176  -5.326  1.00 28.16 ? 13  GLY B C   1 
ATOM   869  O  O   . GLY B 1 13  ? -18.325 10.983  -5.759  1.00 28.15 ? 13  GLY B O   1 
ATOM   870  N  N   . LEU B 1 14  ? -19.675 11.720  -4.149  1.00 28.07 ? 14  LEU B N   1 
ATOM   871  C  CA  . LEU B 1 14  ? -18.617 12.258  -3.347  1.00 27.67 ? 14  LEU B CA  1 
ATOM   872  C  C   . LEU B 1 14  ? -17.667 11.141  -2.808  1.00 27.64 ? 14  LEU B C   1 
ATOM   873  O  O   . LEU B 1 14  ? -16.464 11.285  -2.775  1.00 28.78 ? 14  LEU B O   1 
ATOM   874  C  CB  . LEU B 1 14  ? -19.140 13.145  -2.185  1.00 27.90 ? 14  LEU B CB  1 
ATOM   875  C  CG  . LEU B 1 14  ? -19.652 14.508  -2.611  1.00 30.27 ? 14  LEU B CG  1 
ATOM   876  C  CD1 . LEU B 1 14  ? -20.256 15.250  -1.433  1.00 27.49 ? 14  LEU B CD1 1 
ATOM   877  C  CD2 . LEU B 1 14  ? -18.583 15.307  -3.369  1.00 30.75 ? 14  LEU B CD2 1 
ATOM   878  N  N   . ILE B 1 15  ? -18.245 10.036  -2.418  1.00 27.19 ? 15  ILE B N   1 
ATOM   879  C  CA  . ILE B 1 15  ? -17.501 8.895   -1.921  1.00 28.00 ? 15  ILE B CA  1 
ATOM   880  C  C   . ILE B 1 15  ? -16.698 8.242   -3.020  1.00 28.50 ? 15  ILE B C   1 
ATOM   881  O  O   . ILE B 1 15  ? -15.567 7.892   -2.871  1.00 28.73 ? 15  ILE B O   1 
ATOM   882  C  CB  . ILE B 1 15  ? -18.386 7.874   -1.157  1.00 27.00 ? 15  ILE B CB  1 
ATOM   883  C  CG1 . ILE B 1 15  ? -19.016 8.545   0.055   1.00 30.88 ? 15  ILE B CG1 1 
ATOM   884  C  CG2 . ILE B 1 15  ? -17.541 6.670   -0.764  1.00 30.14 ? 15  ILE B CG2 1 
ATOM   885  C  CD1 . ILE B 1 15  ? -20.037 7.687   0.761   1.00 31.60 ? 15  ILE B CD1 1 
ATOM   886  N  N   . THR B 1 16  ? -17.257 8.217   -4.200  1.00 29.67 ? 16  THR B N   1 
ATOM   887  C  CA  . THR B 1 16  ? -16.539 7.727   -5.393  1.00 30.72 ? 16  THR B CA  1 
ATOM   888  C  C   . THR B 1 16  ? -15.285 8.535   -5.634  1.00 30.19 ? 16  THR B C   1 
ATOM   889  O  O   . THR B 1 16  ? -14.155 8.007   -5.819  1.00 30.53 ? 16  THR B O   1 
ATOM   890  C  CB  . THR B 1 16  ? -17.464 7.775   -6.631  1.00 31.85 ? 16  THR B CB  1 
ATOM   891  O  OG1 . THR B 1 16  ? -18.495 6.789   -6.488  1.00 34.13 ? 16  THR B OG1 1 
ATOM   892  C  CG2 . THR B 1 16  ? -16.685 7.543   -7.954  1.00 34.95 ? 16  THR B CG2 1 
ATOM   893  N  N   . LEU B 1 17  ? -15.450 9.833   -5.558  1.00 29.67 ? 17  LEU B N   1 
ATOM   894  C  CA  . LEU B 1 17  ? -14.320 10.717  -5.730  1.00 29.69 ? 17  LEU B CA  1 
ATOM   895  C  C   . LEU B 1 17  ? -13.327 10.562  -4.626  1.00 29.66 ? 17  LEU B C   1 
ATOM   896  O  O   . LEU B 1 17  ? -12.090 10.656  -4.879  1.00 28.39 ? 17  LEU B O   1 
ATOM   897  C  CB  . LEU B 1 17  ? -14.775 12.184  -5.861  1.00 29.52 ? 17  LEU B CB  1 
ATOM   898  C  CG  . LEU B 1 17  ? -15.675 12.473  -7.048  1.00 29.86 ? 17  LEU B CG  1 
ATOM   899  C  CD1 . LEU B 1 17  ? -16.098 13.908  -7.087  1.00 31.41 ? 17  LEU B CD1 1 
ATOM   900  C  CD2 . LEU B 1 17  ? -14.949 12.155  -8.297  1.00 31.91 ? 17  LEU B CD2 1 
ATOM   901  N  N   . TYR B 1 18  ? -13.770 10.396  -3.415  1.00 26.70 ? 18  TYR B N   1 
ATOM   902  C  CA  . TYR B 1 18  ? -12.845 10.243  -2.301  1.00 28.19 ? 18  TYR B CA  1 
ATOM   903  C  C   . TYR B 1 18  ? -12.022 8.985   -2.507  1.00 28.70 ? 18  TYR B C   1 
ATOM   904  O  O   . TYR B 1 18  ? -10.822 8.977   -2.295  1.00 26.77 ? 18  TYR B O   1 
ATOM   905  C  CB  . TYR B 1 18  ? -13.592 10.172  -1.007  1.00 27.50 ? 18  TYR B CB  1 
ATOM   906  C  CG  . TYR B 1 18  ? -12.726 9.814   0.180   1.00 26.25 ? 18  TYR B CG  1 
ATOM   907  C  CD1 . TYR B 1 18  ? -12.030 10.767  0.839   1.00 27.97 ? 18  TYR B CD1 1 
ATOM   908  C  CD2 . TYR B 1 18  ? -12.582 8.517   0.564   1.00 26.56 ? 18  TYR B CD2 1 
ATOM   909  C  CE1 . TYR B 1 18  ? -11.237 10.438  1.931   1.00 28.80 ? 18  TYR B CE1 1 
ATOM   910  C  CE2 . TYR B 1 18  ? -11.764 8.191   1.649   1.00 25.49 ? 18  TYR B CE2 1 
ATOM   911  C  CZ  . TYR B 1 18  ? -11.095 9.142   2.268   1.00 26.47 ? 18  TYR B CZ  1 
ATOM   912  O  OH  . TYR B 1 18  ? -10.273 8.826   3.377   1.00 28.84 ? 18  TYR B OH  1 
ATOM   913  N  N   . ILE B 1 19  ? -12.649 7.914   -2.914  1.00 26.40 ? 19  ILE B N   1 
ATOM   914  C  CA  . ILE B 1 19  ? -11.923 6.688   -3.160  1.00 27.75 ? 19  ILE B CA  1 
ATOM   915  C  C   . ILE B 1 19  ? -10.849 6.863   -4.203  1.00 28.28 ? 19  ILE B C   1 
ATOM   916  O  O   . ILE B 1 19  ? -9.776  6.420   -4.072  1.00 27.64 ? 19  ILE B O   1 
ATOM   917  C  CB  . ILE B 1 19  ? -12.856 5.597   -3.542  1.00 26.84 ? 19  ILE B CB  1 
ATOM   918  C  CG1 . ILE B 1 19  ? -13.672 5.173   -2.344  1.00 25.59 ? 19  ILE B CG1 1 
ATOM   919  C  CG2 . ILE B 1 19  ? -12.100 4.420   -4.029  1.00 28.06 ? 19  ILE B CG2 1 
ATOM   920  C  CD1 . ILE B 1 19  ? -14.732 4.178   -2.621  1.00 29.36 ? 19  ILE B CD1 1 
ATOM   921  N  N   . LEU B 1 20  ? -11.217 7.490   -5.310  1.00 28.89 ? 20  LEU B N   1 
ATOM   922  C  CA  . LEU B 1 20  ? -10.286 7.814   -6.404  1.00 29.27 ? 20  LEU B CA  1 
ATOM   923  C  C   . LEU B 1 20  ? -9.089  8.603   -5.905  1.00 29.59 ? 20  LEU B C   1 
ATOM   924  O  O   . LEU B 1 20  ? -7.934  8.268   -6.185  1.00 29.78 ? 20  LEU B O   1 
ATOM   925  C  CB  . LEU B 1 20  ? -10.976 8.505   -7.585  1.00 29.78 ? 20  LEU B CB  1 
ATOM   926  C  CG  . LEU B 1 20  ? -11.946 7.726   -8.418  1.00 29.85 ? 20  LEU B CG  1 
ATOM   927  C  CD1 . LEU B 1 20  ? -12.612 8.686   -9.407  1.00 30.23 ? 20  LEU B CD1 1 
ATOM   928  C  CD2 . LEU B 1 20  ? -11.186 6.577   -9.103  1.00 31.74 ? 20  LEU B CD2 1 
ATOM   929  N  N   . LYS B 1 21  ? -9.356  9.572   -5.058  1.00 28.47 ? 21  LYS B N   1 
ATOM   930  C  CA  . LYS B 1 21  ? -8.281  10.429  -4.507  1.00 30.32 ? 21  LYS B CA  1 
ATOM   931  C  C   . LYS B 1 21  ? -7.311  9.626   -3.614  1.00 30.13 ? 21  LYS B C   1 
ATOM   932  O  O   . LYS B 1 21  ? -6.086  9.817   -3.612  1.00 29.98 ? 21  LYS B O   1 
ATOM   933  C  CB  . LYS B 1 21  ? -8.909  11.642  -3.787  1.00 30.58 ? 21  LYS B CB  1 
ATOM   934  C  CG  . LYS B 1 21  ? -7.951  12.653  -3.145  1.00 31.82 ? 21  LYS B CG  1 
ATOM   935  C  CD  . LYS B 1 21  ? -7.494  12.159  -1.809  1.00 29.92 ? 21  LYS B CD  1 
ATOM   936  C  CE  . LYS B 1 21  ? -8.601  12.135  -0.750  1.00 28.23 ? 21  LYS B CE  1 
ATOM   937  N  NZ  . LYS B 1 21  ? -8.067  12.167  0.642   1.00 27.39 ? 21  LYS B NZ  1 
ATOM   938  N  N   . GLU B 1 22  ? -7.878  8.669   -2.926  1.00 29.59 ? 22  GLU B N   1 
ATOM   939  C  CA  . GLU B 1 22  ? -7.100  7.782   -2.055  1.00 28.46 ? 22  GLU B CA  1 
ATOM   940  C  C   . GLU B 1 22  ? -6.207  6.873   -2.867  1.00 27.06 ? 22  GLU B C   1 
ATOM   941  O  O   . GLU B 1 22  ? -5.042  6.672   -2.572  1.00 27.27 ? 22  GLU B O   1 
ATOM   942  C  CB  . GLU B 1 22  ? -7.985  6.994   -1.111  1.00 29.35 ? 22  GLU B CB  1 
ATOM   943  C  CG  . GLU B 1 22  ? -8.470  7.823   0.021   1.00 29.12 ? 22  GLU B CG  1 
ATOM   944  C  CD  . GLU B 1 22  ? -7.365  8.316   0.948   1.00 32.24 ? 22  GLU B CD  1 
ATOM   945  O  OE1 . GLU B 1 22  ? -6.571  7.542   1.556   1.00 28.76 ? 22  GLU B OE1 1 
ATOM   946  O  OE2 . GLU B 1 22  ? -7.267  9.526   1.130   1.00 33.60 ? 22  GLU B OE2 1 
ATOM   947  N  N   . LEU B 1 23  ? -6.768  6.359   -3.936  1.00 27.56 ? 23  LEU B N   1 
ATOM   948  C  CA  . LEU B 1 23  ? -6.051  5.455   -4.833  1.00 27.53 ? 23  LEU B CA  1 
ATOM   949  C  C   . LEU B 1 23  ? -4.926  6.159   -5.646  1.00 26.97 ? 23  LEU B C   1 
ATOM   950  O  O   . LEU B 1 23  ? -3.933  5.549   -6.005  1.00 26.99 ? 23  LEU B O   1 
ATOM   951  C  CB  . LEU B 1 23  ? -6.983  4.681   -5.698  1.00 25.90 ? 23  LEU B CB  1 
ATOM   952  C  CG  . LEU B 1 23  ? -7.970  3.640   -5.075  1.00 26.75 ? 23  LEU B CG  1 
ATOM   953  C  CD1 . LEU B 1 23  ? -8.919  3.034   -6.159  1.00 28.79 ? 23  LEU B CD1 1 
ATOM   954  C  CD2 . LEU B 1 23  ? -7.198  2.647   -4.328  1.00 27.81 ? 23  LEU B CD2 1 
ATOM   955  N  N   . VAL B 1 24  ? -5.077  7.465   -5.843  1.00 28.14 ? 24  VAL B N   1 
ATOM   956  C  CA  . VAL B 1 24  ? -3.968  8.282   -6.423  1.00 28.02 ? 24  VAL B CA  1 
ATOM   957  C  C   . VAL B 1 24  ? -2.731  8.179   -5.533  1.00 29.54 ? 24  VAL B C   1 
ATOM   958  O  O   . VAL B 1 24  ? -1.591  8.060   -5.985  1.00 29.51 ? 24  VAL B O   1 
ATOM   959  C  CB  . VAL B 1 24  ? -4.355  9.719   -6.681  1.00 28.08 ? 24  VAL B CB  1 
ATOM   960  C  CG1 . VAL B 1 24  ? -3.121  10.482  -7.133  1.00 27.27 ? 24  VAL B CG1 1 
ATOM   961  C  CG2 . VAL B 1 24  ? -5.409  9.781   -7.762  1.00 30.15 ? 24  VAL B CG2 1 
ATOM   962  N  N   . LYS B 1 25  ? -2.984  8.252   -4.255  1.00 30.41 ? 25  LYS B N   1 
ATOM   963  C  CA  . LYS B 1 25  ? -1.901  8.078   -3.267  1.00 32.12 ? 25  LYS B CA  1 
ATOM   964  C  C   . LYS B 1 25  ? -1.154  6.778   -3.460  1.00 31.97 ? 25  LYS B C   1 
ATOM   965  O  O   . LYS B 1 25  ? 0.058   6.758   -3.650  1.00 34.28 ? 25  LYS B O   1 
ATOM   966  C  CB  . LYS B 1 25  ? -2.450  8.103   -1.856  1.00 34.03 ? 25  LYS B CB  1 
ATOM   967  C  CG  . LYS B 1 25  ? -2.942  9.419   -1.428  1.00 34.49 ? 25  LYS B CG  1 
ATOM   968  C  CD  . LYS B 1 25  ? -3.035  9.432   0.083   1.00 39.52 ? 25  LYS B CD  1 
ATOM   969  C  CE  . LYS B 1 25  ? -4.326  10.089  0.487   1.00 40.94 ? 25  LYS B CE  1 
ATOM   970  N  NZ  . LYS B 1 25  ? -4.523  10.205  1.977   1.00 42.37 ? 25  LYS B NZ  1 
ATOM   971  N  N   . ARG B 1 26  ? -1.851  5.680   -3.402  1.00 33.32 ? 26  ARG B N   1 
ATOM   972  C  CA  . ARG B 1 26  ? -1.226  4.394   -3.653  1.00 30.69 ? 26  ARG B CA  1 
ATOM   973  C  C   . ARG B 1 26  ? -2.384  3.418   -3.640  1.00 30.72 ? 26  ARG B C   1 
ATOM   974  O  O   . ARG B 1 26  ? -3.446  3.719   -3.151  1.00 28.94 ? 26  ARG B O   1 
ATOM   975  C  CB  . ARG B 1 26  ? -0.233  4.047   -2.533  1.00 31.32 ? 26  ARG B CB  1 
ATOM   976  C  CG  . ARG B 1 26  ? -0.910  3.925   -1.230  1.00 30.81 ? 26  ARG B CG  1 
ATOM   977  C  CD  . ARG B 1 26  ? 0.128   3.775   -0.112  1.00 33.92 ? 26  ARG B CD  1 
ATOM   978  N  NE  . ARG B 1 26  ? -0.453  3.997   1.203   1.00 36.92 ? 26  ARG B NE  1 
ATOM   979  C  CZ  . ARG B 1 26  ? -0.369  5.128   1.893   1.00 40.59 ? 26  ARG B CZ  1 
ATOM   980  N  NH1 . ARG B 1 26  ? 0.307   6.161   1.421   1.00 40.34 ? 26  ARG B NH1 1 
ATOM   981  N  NH2 . ARG B 1 26  ? -0.931  5.193   3.099   1.00 43.77 ? 26  ARG B NH2 1 
ATOM   982  N  N   . PRO B 1 27  ? -2.181  2.225   -4.181  1.00 29.95 ? 27  PRO B N   1 
ATOM   983  C  CA  . PRO B 1 27  ? -3.191  1.195   -4.259  1.00 29.17 ? 27  PRO B CA  1 
ATOM   984  C  C   . PRO B 1 27  ? -3.591  0.766   -2.853  1.00 27.63 ? 27  PRO B C   1 
ATOM   985  O  O   . PRO B 1 27  ? -2.816  0.914   -1.905  1.00 30.30 ? 27  PRO B O   1 
ATOM   986  C  CB  . PRO B 1 27  ? -2.501  0.058   -5.017  1.00 30.35 ? 27  PRO B CB  1 
ATOM   987  C  CG  . PRO B 1 27  ? -1.174  0.556   -5.396  1.00 32.48 ? 27  PRO B CG  1 
ATOM   988  C  CD  . PRO B 1 27  ? -0.931  1.885   -4.868  1.00 31.45 ? 27  PRO B CD  1 
HETATM 989  N  N   . MSE B 1 28  ? -4.810  0.338   -2.704  1.00 29.38 ? 28  MSE B N   1 
HETATM 990  C  CA  . MSE B 1 28  ? -5.321  0.039   -1.377  1.00 29.74 ? 28  MSE B CA  1 
HETATM 991  C  C   . MSE B 1 28  ? -6.221  -1.156  -1.358  1.00 29.81 ? 28  MSE B C   1 
HETATM 992  O  O   . MSE B 1 28  ? -6.879  -1.493  -2.329  1.00 32.83 ? 28  MSE B O   1 
HETATM 993  C  CB  . MSE B 1 28  ? -6.093  1.230   -0.772  1.00 30.42 ? 28  MSE B CB  1 
HETATM 994  C  CG  . MSE B 1 28  ? -5.562  2.579   -1.014  1.00 34.03 ? 28  MSE B CG  1 
HETATM 995  SE SE  . MSE B 1 28  ? -4.741  3.083   0.629   1.00 53.66 ? 28  MSE B SE  1 
HETATM 996  C  CE  . MSE B 1 28  ? -4.193  4.930   0.160   1.00 39.61 ? 28  MSE B CE  1 
ATOM   997  N  N   . HIS B 1 29  ? -6.301  -1.749  -0.193  1.00 31.52 ? 29  HIS B N   1 
ATOM   998  C  CA  . HIS B 1 29  ? -7.342  -2.765  0.044   1.00 31.62 ? 29  HIS B CA  1 
ATOM   999  C  C   . HIS B 1 29  ? -8.637  -2.025  0.355   1.00 31.66 ? 29  HIS B C   1 
ATOM   1000 O  O   . HIS B 1 29  ? -8.638  -0.932  0.842   1.00 31.46 ? 29  HIS B O   1 
ATOM   1001 C  CB  . HIS B 1 29  ? -7.028  -3.606  1.301   1.00 30.79 ? 29  HIS B CB  1 
ATOM   1002 C  CG  . HIS B 1 29  ? -5.771  -4.441  1.253   1.00 33.64 ? 29  HIS B CG  1 
ATOM   1003 N  ND1 . HIS B 1 29  ? -5.576  -5.456  0.355   1.00 33.84 ? 29  HIS B ND1 1 
ATOM   1004 C  CD2 . HIS B 1 29  ? -4.687  -4.472  2.075   1.00 35.81 ? 29  HIS B CD2 1 
ATOM   1005 C  CE1 . HIS B 1 29  ? -4.412  -6.041  0.573   1.00 32.35 ? 29  HIS B CE1 1 
ATOM   1006 N  NE2 . HIS B 1 29  ? -3.831  -5.432  1.577   1.00 36.17 ? 29  HIS B NE2 1 
ATOM   1007 N  N   . GLY B 1 30  ? -9.739  -2.702  0.161   1.00 31.82 ? 30  GLY B N   1 
ATOM   1008 C  CA  . GLY B 1 30  ? -11.096 -2.188  0.515   1.00 31.02 ? 30  GLY B CA  1 
ATOM   1009 C  C   . GLY B 1 30  ? -11.251 -1.676  1.908   1.00 31.22 ? 30  GLY B C   1 
ATOM   1010 O  O   . GLY B 1 30  ? -11.771 -0.582  2.174   1.00 30.90 ? 30  GLY B O   1 
ATOM   1011 N  N   . TYR B 1 31  ? -10.655 -2.472  2.762   1.00 31.18 ? 31  TYR B N   1 
ATOM   1012 C  CA  . TYR B 1 31  ? -10.736 -2.307  4.239   1.00 30.85 ? 31  TYR B CA  1 
ATOM   1013 C  C   . TYR B 1 31  ? -10.078 -1.021  4.603   1.00 31.98 ? 31  TYR B C   1 
ATOM   1014 O  O   . TYR B 1 31  ? -10.507 -0.289  5.499   1.00 32.49 ? 31  TYR B O   1 
ATOM   1015 C  CB  . TYR B 1 31  ? -10.036 -3.452  4.947   1.00 32.08 ? 31  TYR B CB  1 
ATOM   1016 C  CG  . TYR B 1 31  ? -9.916  -3.341  6.430   1.00 32.63 ? 31  TYR B CG  1 
ATOM   1017 C  CD1 . TYR B 1 31  ? -10.947 -3.772  7.258   1.00 37.46 ? 31  TYR B CD1 1 
ATOM   1018 C  CD2 . TYR B 1 31  ? -8.736  -2.900  7.020   1.00 35.45 ? 31  TYR B CD2 1 
ATOM   1019 C  CE1 . TYR B 1 31  ? -10.845 -3.706  8.654   1.00 34.70 ? 31  TYR B CE1 1 
ATOM   1020 C  CE2 . TYR B 1 31  ? -8.619  -2.822  8.440   1.00 38.09 ? 31  TYR B CE2 1 
ATOM   1021 C  CZ  . TYR B 1 31  ? -9.672  -3.238  9.235   1.00 35.91 ? 31  TYR B CZ  1 
ATOM   1022 O  OH  . TYR B 1 31  ? -9.539  -3.175  10.608  1.00 43.03 ? 31  TYR B OH  1 
ATOM   1023 N  N   . GLU B 1 32  ? -8.996  -0.737  3.884   1.00 32.46 ? 32  GLU B N   1 
ATOM   1024 C  CA  . GLU B 1 32  ? -8.261  0.490   4.123   1.00 32.76 ? 32  GLU B CA  1 
ATOM   1025 C  C   . GLU B 1 32  ? -9.031  1.702   3.734   1.00 33.60 ? 32  GLU B C   1 
ATOM   1026 O  O   . GLU B 1 32  ? -8.955  2.729   4.406   1.00 32.70 ? 32  GLU B O   1 
ATOM   1027 C  CB  . GLU B 1 32  ? -6.912  0.506   3.416   1.00 34.03 ? 32  GLU B CB  1 
ATOM   1028 C  CG  . GLU B 1 32  ? -5.963  -0.543  3.810   1.00 36.37 ? 32  GLU B CG  1 
ATOM   1029 C  CD  . GLU B 1 32  ? -4.663  -0.464  3.064   1.00 36.45 ? 32  GLU B CD  1 
ATOM   1030 O  OE1 . GLU B 1 32  ? -4.615  -0.938  1.933   1.00 35.86 ? 32  GLU B OE1 1 
ATOM   1031 O  OE2 . GLU B 1 32  ? -3.659  0.030   3.621   1.00 43.71 ? 32  GLU B OE2 1 
ATOM   1032 N  N   . LEU B 1 33  ? -9.671  1.637   2.526   1.00 30.42 ? 33  LEU B N   1 
ATOM   1033 C  CA  . LEU B 1 33  ? -10.545 2.706   2.106   1.00 32.90 ? 33  LEU B CA  1 
ATOM   1034 C  C   . LEU B 1 33  ? -11.652 3.013   3.121   1.00 33.75 ? 33  LEU B C   1 
ATOM   1035 O  O   . LEU B 1 33  ? -11.939 4.183   3.480   1.00 35.60 ? 33  LEU B O   1 
ATOM   1036 C  CB  . LEU B 1 33  ? -11.088 2.429   0.704   1.00 30.94 ? 33  LEU B CB  1 
ATOM   1037 C  CG  . LEU B 1 33  ? -9.987  2.488   -0.339  1.00 29.97 ? 33  LEU B CG  1 
ATOM   1038 C  CD1 . LEU B 1 33  ? -10.425 1.742   -1.611  1.00 28.01 ? 33  LEU B CD1 1 
ATOM   1039 C  CD2 . LEU B 1 33  ? -9.613  3.894   -0.841  1.00 32.59 ? 33  LEU B CD2 1 
ATOM   1040 N  N   . GLN B 1 34  ? -12.200 1.934   3.632   1.00 32.54 ? 34  GLN B N   1 
ATOM   1041 C  CA  . GLN B 1 34  ? -13.277 1.968   4.649   1.00 34.77 ? 34  GLN B CA  1 
ATOM   1042 C  C   . GLN B 1 34  ? -12.823 2.692   5.926   1.00 33.62 ? 34  GLN B C   1 
ATOM   1043 O  O   . GLN B 1 34  ? -13.475 3.589   6.437   1.00 34.24 ? 34  GLN B O   1 
ATOM   1044 C  CB  . GLN B 1 34  ? -13.812 0.556   4.973   1.00 33.14 ? 34  GLN B CB  1 
ATOM   1045 C  CG  . GLN B 1 34  ? -15.204 0.694   5.593   1.00 37.60 ? 34  GLN B CG  1 
ATOM   1046 C  CD  . GLN B 1 34  ? -15.884 -0.601  5.919   1.00 39.76 ? 34  GLN B CD  1 
ATOM   1047 O  OE1 . GLN B 1 34  ? -15.669 -1.624  5.269   1.00 42.81 ? 34  GLN B OE1 1 
ATOM   1048 N  NE2 . GLN B 1 34  ? -16.756 -0.561  6.920   1.00 41.99 ? 34  GLN B NE2 1 
ATOM   1049 N  N   . LYS B 1 35  ? -11.625 2.359   6.329   1.00 34.13 ? 35  LYS B N   1 
ATOM   1050 C  CA  . LYS B 1 35  ? -11.009 2.891   7.537   1.00 34.92 ? 35  LYS B CA  1 
ATOM   1051 C  C   . LYS B 1 35  ? -10.673 4.356   7.356   1.00 33.70 ? 35  LYS B C   1 
ATOM   1052 O  O   . LYS B 1 35  ? -10.904 5.143   8.214   1.00 32.34 ? 35  LYS B O   1 
ATOM   1053 C  CB  . LYS B 1 35  ? -9.748  2.147   8.013   1.00 37.73 ? 35  LYS B CB  1 
ATOM   1054 C  CG  . LYS B 1 35  ? -10.017 0.706   8.505   1.00 40.77 ? 35  LYS B CG  1 
ATOM   1055 C  CD  . LYS B 1 35  ? -9.012  0.304   9.563   1.00 57.69 ? 35  LYS B CD  1 
ATOM   1056 C  CE  . LYS B 1 35  ? -7.626  0.586   9.032   1.00 58.07 ? 35  LYS B CE  1 
ATOM   1057 N  NZ  . LYS B 1 35  ? -6.697  0.450   10.163  1.00 57.61 ? 35  LYS B NZ  1 
ATOM   1058 N  N   . SER B 1 36  ? -10.143 4.712   6.196   1.00 33.54 ? 36  SER B N   1 
ATOM   1059 C  CA  . SER B 1 36  ? -9.647  6.090   6.028   1.00 32.23 ? 36  SER B CA  1 
ATOM   1060 C  C   . SER B 1 36  ? -10.820 7.052   5.961   1.00 33.37 ? 36  SER B C   1 
ATOM   1061 O  O   . SER B 1 36  ? -10.763 8.217   6.373   1.00 33.18 ? 36  SER B O   1 
ATOM   1062 C  CB  . SER B 1 36  ? -8.726  6.213   4.854   1.00 33.42 ? 36  SER B CB  1 
ATOM   1063 O  OG  . SER B 1 36  ? -9.437  6.021   3.663   1.00 34.12 ? 36  SER B OG  1 
HETATM 1064 N  N   . MSE B 1 37  ? -11.872 6.526   5.378   1.00 33.75 ? 37  MSE B N   1 
HETATM 1065 C  CA  . MSE B 1 37  ? -13.105 7.277   5.233   1.00 35.95 ? 37  MSE B CA  1 
HETATM 1066 C  C   . MSE B 1 37  ? -13.646 7.600   6.641   1.00 34.61 ? 37  MSE B C   1 
HETATM 1067 O  O   . MSE B 1 37  ? -13.916 8.721   6.997   1.00 34.71 ? 37  MSE B O   1 
HETATM 1068 C  CB  . MSE B 1 37  ? -14.145 6.479   4.462   1.00 37.28 ? 37  MSE B CB  1 
HETATM 1069 C  CG  . MSE B 1 37  ? -15.455 7.120   4.500   1.00 43.43 ? 37  MSE B CG  1 
HETATM 1070 SE SE  . MSE B 1 37  ? -15.621 8.535   3.104   1.00 62.26 ? 37  MSE B SE  1 
HETATM 1071 C  CE  . MSE B 1 37  ? -15.504 7.415   1.499   1.00 60.67 ? 37  MSE B CE  1 
ATOM   1072 N  N   . PHE B 1 38  ? -13.826 6.569   7.448   1.00 33.94 ? 38  PHE B N   1 
ATOM   1073 C  CA  . PHE B 1 38  ? -14.206 6.795   8.824   1.00 33.62 ? 38  PHE B CA  1 
ATOM   1074 C  C   . PHE B 1 38  ? -13.220 7.707   9.517   1.00 34.75 ? 38  PHE B C   1 
ATOM   1075 O  O   . PHE B 1 38  ? -13.597 8.566   10.229  1.00 35.25 ? 38  PHE B O   1 
ATOM   1076 C  CB  . PHE B 1 38  ? -14.401 5.488   9.560   1.00 33.19 ? 38  PHE B CB  1 
ATOM   1077 N  N   . GLU B 1 39  ? -11.944 7.584   9.311   1.00 37.31 ? 39  GLU B N   1 
ATOM   1078 C  CA  . GLU B 1 39  ? -11.113 8.573   9.931   1.00 38.36 ? 39  GLU B CA  1 
ATOM   1079 C  C   . GLU B 1 39  ? -11.674 9.930   9.558   1.00 37.35 ? 39  GLU B C   1 
ATOM   1080 O  O   . GLU B 1 39  ? -12.161 10.623  10.399  1.00 36.48 ? 39  GLU B O   1 
ATOM   1081 C  CB  . GLU B 1 39  ? -9.649  8.497   9.538   1.00 40.63 ? 39  GLU B CB  1 
ATOM   1082 C  CG  . GLU B 1 39  ? -8.680  7.614   10.377  1.00 49.06 ? 39  GLU B CG  1 
ATOM   1083 C  CD  . GLU B 1 39  ? -8.734  7.791   11.912  1.00 47.45 ? 39  GLU B CD  1 
ATOM   1084 O  OE1 . GLU B 1 39  ? -8.284  8.805   12.443  1.00 47.64 ? 39  GLU B OE1 1 
ATOM   1085 O  OE2 . GLU B 1 39  ? -9.224  6.875   12.565  1.00 56.24 ? 39  GLU B OE2 1 
ATOM   1086 N  N   . THR B 1 40  ? -11.613 10.277  8.276   1.00 33.80 ? 40  THR B N   1 
ATOM   1087 C  CA  . THR B 1 40  ? -12.074 11.563  7.745   1.00 33.91 ? 40  THR B CA  1 
ATOM   1088 C  C   . THR B 1 40  ? -13.508 11.995  8.093   1.00 32.97 ? 40  THR B C   1 
ATOM   1089 O  O   . THR B 1 40  ? -13.788 13.126  8.299   1.00 34.00 ? 40  THR B O   1 
ATOM   1090 C  CB  . THR B 1 40  ? -11.980 11.525  6.215   1.00 33.34 ? 40  THR B CB  1 
ATOM   1091 O  OG1 . THR B 1 40  ? -10.898 10.700  5.836   1.00 35.16 ? 40  THR B OG1 1 
ATOM   1092 C  CG2 . THR B 1 40  ? -11.748 12.872  5.660   1.00 32.74 ? 40  THR B CG2 1 
ATOM   1093 N  N   . THR B 1 41  ? -14.413 11.066  8.136   1.00 33.39 ? 41  THR B N   1 
ATOM   1094 C  CA  . THR B 1 41  ? -15.861 11.353  8.183   1.00 33.72 ? 41  THR B CA  1 
ATOM   1095 C  C   . THR B 1 41  ? -16.502 11.129  9.552   1.00 33.90 ? 41  THR B C   1 
ATOM   1096 O  O   . THR B 1 41  ? -17.634 11.521  9.874   1.00 34.36 ? 41  THR B O   1 
ATOM   1097 C  CB  . THR B 1 41  ? -16.598 10.399  7.207   1.00 33.38 ? 41  THR B CB  1 
ATOM   1098 N  N   . GLY B 1 42  ? -15.707 10.517  10.379  1.00 34.78 ? 42  GLY B N   1 
ATOM   1099 C  CA  . GLY B 1 42  ? -16.204 9.910   11.585  1.00 35.80 ? 42  GLY B CA  1 
ATOM   1100 C  C   . GLY B 1 42  ? -17.275 8.953   11.153  1.00 36.71 ? 42  GLY B C   1 
ATOM   1101 O  O   . GLY B 1 42  ? -17.935 8.263   11.911  1.00 37.46 ? 42  GLY B O   1 
ATOM   1102 N  N   . GLN B 1 43  ? -17.374 8.936   9.864   1.00 38.61 ? 43  GLN B N   1 
ATOM   1103 C  CA  . GLN B 1 43  ? -18.339 8.148   9.069   1.00 39.92 ? 43  GLN B CA  1 
ATOM   1104 C  C   . GLN B 1 43  ? -17.841 6.770   8.662   1.00 40.46 ? 43  GLN B C   1 
ATOM   1105 O  O   . GLN B 1 43  ? -16.797 6.566   8.019   1.00 40.12 ? 43  GLN B O   1 
ATOM   1106 C  CB  . GLN B 1 43  ? -18.701 8.915   7.770   1.00 39.25 ? 43  GLN B CB  1 
ATOM   1107 N  N   . ALA B 1 44  ? -18.725 5.860   9.002   1.00 41.88 ? 44  ALA B N   1 
ATOM   1108 C  CA  . ALA B 1 44  ? -18.586 4.394   8.861   1.00 43.00 ? 44  ALA B CA  1 
ATOM   1109 C  C   . ALA B 1 44  ? -19.657 3.753   7.966   1.00 44.13 ? 44  ALA B C   1 
ATOM   1110 O  O   . ALA B 1 44  ? -20.824 3.579   8.324   1.00 44.06 ? 44  ALA B O   1 
ATOM   1111 C  CB  . ALA B 1 44  ? -18.632 3.748   10.259  1.00 42.96 ? 44  ALA B CB  1 
ATOM   1112 N  N   . LEU B 1 45  ? -19.199 3.375   6.794   1.00 45.46 ? 45  LEU B N   1 
ATOM   1113 C  CA  . LEU B 1 45  ? -20.082 2.826   5.727   1.00 46.93 ? 45  LEU B CA  1 
ATOM   1114 C  C   . LEU B 1 45  ? -20.591 1.398   5.969   1.00 48.27 ? 45  LEU B C   1 
ATOM   1115 O  O   . LEU B 1 45  ? -19.843 0.531   6.414   1.00 48.38 ? 45  LEU B O   1 
ATOM   1116 C  CB  . LEU B 1 45  ? -19.400 2.856   4.369   1.00 46.90 ? 45  LEU B CB  1 
ATOM   1117 C  CG  . LEU B 1 45  ? -19.558 4.197   3.673   1.00 46.46 ? 45  LEU B CG  1 
ATOM   1118 C  CD1 . LEU B 1 45  ? -19.476 5.321   4.687   1.00 47.03 ? 45  LEU B CD1 1 
ATOM   1119 C  CD2 . LEU B 1 45  ? -18.490 4.340   2.600   1.00 47.35 ? 45  LEU B CD2 1 
ATOM   1120 N  N   . PRO B 1 46  ? -21.874 1.152   5.655   1.00 49.43 ? 46  PRO B N   1 
ATOM   1121 C  CA  . PRO B 1 46  ? -22.405 -0.210  5.707   1.00 49.76 ? 46  PRO B CA  1 
ATOM   1122 C  C   . PRO B 1 46  ? -21.446 -1.208  5.069   1.00 50.06 ? 46  PRO B C   1 
ATOM   1123 O  O   . PRO B 1 46  ? -20.455 -1.589  5.696   1.00 50.78 ? 46  PRO B O   1 
ATOM   1124 C  CB  . PRO B 1 46  ? -23.703 -0.131  4.888   1.00 49.78 ? 46  PRO B CB  1 
ATOM   1125 C  CG  . PRO B 1 46  ? -24.058 1.349   4.800   1.00 50.12 ? 46  PRO B CG  1 
ATOM   1126 C  CD  . PRO B 1 46  ? -22.921 2.156   5.396   1.00 49.74 ? 46  PRO B CD  1 
ATOM   1127 N  N   . GLY B 1 48  ? -20.665 -4.030  3.141   1.00 32.50 ? 48  GLY B N   1 
ATOM   1128 C  CA  . GLY B 1 48  ? -20.002 -4.237  1.850   1.00 30.57 ? 48  GLY B CA  1 
ATOM   1129 C  C   . GLY B 1 48  ? -20.239 -3.140  0.806   1.00 31.43 ? 48  GLY B C   1 
ATOM   1130 O  O   . GLY B 1 48  ? -20.130 -3.333  -0.397  1.00 28.88 ? 48  GLY B O   1 
ATOM   1131 N  N   . SER B 1 49  ? -20.617 -1.993  1.330   1.00 30.08 ? 49  SER B N   1 
ATOM   1132 C  CA  . SER B 1 49  ? -20.902 -0.809  0.490   1.00 30.41 ? 49  SER B CA  1 
ATOM   1133 C  C   . SER B 1 49  ? -19.731 -0.335  -0.358  1.00 29.47 ? 49  SER B C   1 
ATOM   1134 O  O   . SER B 1 49  ? -19.818 0.076   -1.545  1.00 30.28 ? 49  SER B O   1 
ATOM   1135 C  CB  . SER B 1 49  ? -21.444 0.320   1.374   1.00 28.98 ? 49  SER B CB  1 
ATOM   1136 O  OG  . SER B 1 49  ? -22.770 -0.052  1.720   1.00 32.50 ? 49  SER B OG  1 
ATOM   1137 N  N   . ILE B 1 50  ? -18.599 -0.390  0.291   1.00 30.42 ? 50  ILE B N   1 
ATOM   1138 C  CA  . ILE B 1 50  ? -17.295 -0.031  -0.345  1.00 30.15 ? 50  ILE B CA  1 
ATOM   1139 C  C   . ILE B 1 50  ? -17.015 -0.910  -1.563  1.00 30.87 ? 50  ILE B C   1 
ATOM   1140 O  O   . ILE B 1 50  ? -16.707 -0.425  -2.661  1.00 26.99 ? 50  ILE B O   1 
ATOM   1141 C  CB  . ILE B 1 50  ? -16.147 -0.009  0.709   1.00 31.18 ? 50  ILE B CB  1 
ATOM   1142 C  CG1 . ILE B 1 50  ? -16.421 1.113   1.732   1.00 33.68 ? 50  ILE B CG1 1 
ATOM   1143 C  CG2 . ILE B 1 50  ? -14.797 0.340   0.039   1.00 34.58 ? 50  ILE B CG2 1 
ATOM   1144 C  CD1 . ILE B 1 50  ? -16.282 2.544   1.084   1.00 39.90 ? 50  ILE B CD1 1 
ATOM   1145 N  N   . TYR B 1 51  ? -17.214 -2.197  -1.390  1.00 28.99 ? 51  TYR B N   1 
ATOM   1146 C  CA  . TYR B 1 51  ? -16.943 -3.151  -2.471  1.00 31.70 ? 51  TYR B CA  1 
ATOM   1147 C  C   . TYR B 1 51  ? -17.851 -2.978  -3.674  1.00 31.37 ? 51  TYR B C   1 
ATOM   1148 O  O   . TYR B 1 51  ? -17.449 -3.169  -4.840  1.00 32.62 ? 51  TYR B O   1 
ATOM   1149 C  CB  . TYR B 1 51  ? -16.970 -4.603  -2.001  1.00 31.99 ? 51  TYR B CB  1 
ATOM   1150 C  CG  . TYR B 1 51  ? -15.854 -4.840  -0.981  1.00 37.77 ? 51  TYR B CG  1 
ATOM   1151 C  CD1 . TYR B 1 51  ? -14.497 -4.564  -1.292  1.00 40.64 ? 51  TYR B CD1 1 
ATOM   1152 C  CD2 . TYR B 1 51  ? -16.152 -5.296  0.300   1.00 42.92 ? 51  TYR B CD2 1 
ATOM   1153 C  CE1 . TYR B 1 51  ? -13.481 -4.747  -0.319  1.00 43.37 ? 51  TYR B CE1 1 
ATOM   1154 C  CE2 . TYR B 1 51  ? -15.159 -5.483  1.242   1.00 44.33 ? 51  TYR B CE2 1 
ATOM   1155 C  CZ  . TYR B 1 51  ? -13.828 -5.204  0.935   1.00 44.51 ? 51  TYR B CZ  1 
ATOM   1156 O  OH  . TYR B 1 51  ? -12.878 -5.447  1.959   1.00 46.96 ? 51  TYR B OH  1 
ATOM   1157 N  N   . ILE B 1 52  ? -19.079 -2.590  -3.355  1.00 31.86 ? 52  ILE B N   1 
ATOM   1158 C  CA  . ILE B 1 52  ? -20.126 -2.336  -4.363  1.00 31.94 ? 52  ILE B CA  1 
ATOM   1159 C  C   . ILE B 1 52  ? -19.755 -1.143  -5.238  1.00 31.13 ? 52  ILE B C   1 
ATOM   1160 O  O   . ILE B 1 52  ? -19.781 -1.202  -6.455  1.00 30.54 ? 52  ILE B O   1 
ATOM   1161 C  CB  . ILE B 1 52  ? -21.522 -2.176  -3.810  1.00 32.71 ? 52  ILE B CB  1 
ATOM   1162 C  CG1 . ILE B 1 52  ? -22.080 -3.545  -3.492  1.00 34.40 ? 52  ILE B CG1 1 
ATOM   1163 C  CG2 . ILE B 1 52  ? -22.447 -1.572  -4.866  1.00 35.06 ? 52  ILE B CG2 1 
ATOM   1164 C  CD1 . ILE B 1 52  ? -22.559 -4.278  -4.735  1.00 37.50 ? 52  ILE B CD1 1 
ATOM   1165 N  N   . LEU B 1 53  ? -19.297 -0.122  -4.564  1.00 30.29 ? 53  LEU B N   1 
ATOM   1166 C  CA  . LEU B 1 53  ? -18.886 1.123   -5.276  1.00 30.47 ? 53  LEU B CA  1 
ATOM   1167 C  C   . LEU B 1 53  ? -17.676 0.815   -6.140  1.00 29.55 ? 53  LEU B C   1 
ATOM   1168 O  O   . LEU B 1 53  ? -17.552 1.283   -7.259  1.00 29.96 ? 53  LEU B O   1 
ATOM   1169 C  CB  . LEU B 1 53  ? -18.501 2.245   -4.316  1.00 31.04 ? 53  LEU B CB  1 
ATOM   1170 C  CG  . LEU B 1 53  ? -19.550 3.311   -3.989  1.00 36.11 ? 53  LEU B CG  1 
ATOM   1171 C  CD1 . LEU B 1 53  ? -18.946 4.356   -3.081  1.00 39.20 ? 53  LEU B CD1 1 
ATOM   1172 C  CD2 . LEU B 1 53  ? -20.006 3.909   -5.290  1.00 36.82 ? 53  LEU B CD2 1 
ATOM   1173 N  N   . LEU B 1 54  ? -16.772 0.062   -5.536  1.00 30.25 ? 54  LEU B N   1 
ATOM   1174 C  CA  . LEU B 1 54  ? -15.512 -0.355  -6.255  1.00 30.02 ? 54  LEU B CA  1 
ATOM   1175 C  C   . LEU B 1 54  ? -15.805 -1.159  -7.487  1.00 30.56 ? 54  LEU B C   1 
ATOM   1176 O  O   . LEU B 1 54  ? -15.209 -0.916  -8.521  1.00 30.07 ? 54  LEU B O   1 
ATOM   1177 C  CB  . LEU B 1 54  ? -14.516 -1.014  -5.359  1.00 30.79 ? 54  LEU B CB  1 
ATOM   1178 C  CG  . LEU B 1 54  ? -13.779 -0.127  -4.356  1.00 29.95 ? 54  LEU B CG  1 
ATOM   1179 C  CD1 . LEU B 1 54  ? -13.181 -0.920  -3.204  1.00 29.18 ? 54  LEU B CD1 1 
ATOM   1180 C  CD2 . LEU B 1 54  ? -12.712 0.766   -5.008  1.00 27.87 ? 54  LEU B CD2 1 
ATOM   1181 N  N   . LYS B 1 55  ? -16.788 -2.033  -7.409  1.00 28.66 ? 55  LYS B N   1 
ATOM   1182 C  CA  . LYS B 1 55  ? -17.198 -2.807  -8.614  1.00 29.91 ? 55  LYS B CA  1 
ATOM   1183 C  C   . LYS B 1 55  ? -17.703 -1.906  -9.740  1.00 29.36 ? 55  LYS B C   1 
ATOM   1184 O  O   . LYS B 1 55  ? -17.371 -2.050  -10.919 1.00 27.92 ? 55  LYS B O   1 
ATOM   1185 C  CB  . LYS B 1 55  ? -18.214 -3.887  -8.220  1.00 30.18 ? 55  LYS B CB  1 
ATOM   1186 C  CG  . LYS B 1 55  ? -18.675 -4.819  -9.328  1.00 31.96 ? 55  LYS B CG  1 
ATOM   1187 C  CD  . LYS B 1 55  ? -19.744 -5.760  -8.755  1.00 34.55 ? 55  LYS B CD  1 
ATOM   1188 C  CE  . LYS B 1 55  ? -20.177 -6.908  -9.686  1.00 37.48 ? 55  LYS B CE  1 
ATOM   1189 N  NZ  . LYS B 1 55  ? -21.102 -7.879  -8.981  1.00 38.16 ? 55  LYS B NZ  1 
ATOM   1190 N  N   . THR B 1 56  ? -18.482 -0.948  -9.354  1.00 28.52 ? 56  THR B N   1 
ATOM   1191 C  CA  . THR B 1 56  ? -19.052 0.006   -10.309 1.00 28.26 ? 56  THR B CA  1 
ATOM   1192 C  C   . THR B 1 56  ? -17.933 0.785   -10.972 1.00 27.50 ? 56  THR B C   1 
ATOM   1193 O  O   . THR B 1 56  ? -17.893 1.062   -12.157 1.00 27.66 ? 56  THR B O   1 
ATOM   1194 C  CB  . THR B 1 56  ? -20.033 1.002   -9.614  1.00 28.86 ? 56  THR B CB  1 
ATOM   1195 O  OG1 . THR B 1 56  ? -21.130 0.270   -9.062  1.00 30.49 ? 56  THR B OG1 1 
ATOM   1196 C  CG2 . THR B 1 56  ? -20.571 1.969   -10.642 1.00 28.77 ? 56  THR B CG2 1 
HETATM 1197 N  N   . MSE B 1 57  ? -17.035 1.197   -10.138 1.00 27.29 ? 57  MSE B N   1 
HETATM 1198 C  CA  . MSE B 1 57  ? -15.861 1.948   -10.605 1.00 26.70 ? 57  MSE B CA  1 
HETATM 1199 C  C   . MSE B 1 57  ? -14.986 1.173   -11.605 1.00 28.03 ? 57  MSE B C   1 
HETATM 1200 O  O   . MSE B 1 57  ? -14.410 1.721   -12.575 1.00 29.45 ? 57  MSE B O   1 
HETATM 1201 C  CB  . MSE B 1 57  ? -15.044 2.442   -9.416  1.00 27.59 ? 57  MSE B CB  1 
HETATM 1202 C  CG  . MSE B 1 57  ? -15.709 3.610   -8.695  1.00 27.67 ? 57  MSE B CG  1 
HETATM 1203 SE SE  . MSE B 1 57  ? -15.007 3.912   -6.893  1.00 40.75 ? 57  MSE B SE  1 
HETATM 1204 C  CE  . MSE B 1 57  ? -13.595 4.749   -7.483  1.00 20.11 ? 57  MSE B CE  1 
ATOM   1205 N  N   . LYS B 1 58  ? -14.938 -0.119  -11.383 1.00 29.05 ? 58  LYS B N   1 
ATOM   1206 C  CA  . LYS B 1 58  ? -14.209 -1.019  -12.294 1.00 28.79 ? 58  LYS B CA  1 
ATOM   1207 C  C   . LYS B 1 58  ? -14.956 -1.174  -13.587 1.00 28.70 ? 58  LYS B C   1 
ATOM   1208 O  O   . LYS B 1 58  ? -14.388 -1.206  -14.645 1.00 25.42 ? 58  LYS B O   1 
ATOM   1209 C  CB  . LYS B 1 58  ? -13.954 -2.360  -11.649 1.00 29.13 ? 58  LYS B CB  1 
ATOM   1210 C  CG  . LYS B 1 58  ? -13.087 -2.241  -10.470 1.00 31.54 ? 58  LYS B CG  1 
ATOM   1211 C  CD  . LYS B 1 58  ? -12.450 -3.493  -10.131 1.00 35.69 ? 58  LYS B CD  1 
ATOM   1212 C  CE  . LYS B 1 58  ? -13.437 -4.577  -9.842  1.00 33.71 ? 58  LYS B CE  1 
ATOM   1213 N  NZ  . LYS B 1 58  ? -12.670 -5.775  -10.220 1.00 37.88 ? 58  LYS B NZ  1 
ATOM   1214 N  N   . GLU B 1 59  ? -16.254 -1.213  -13.468 1.00 28.70 ? 59  GLU B N   1 
ATOM   1215 C  CA  . GLU B 1 59  ? -17.152 -1.301  -14.654 1.00 29.38 ? 59  GLU B CA  1 
ATOM   1216 C  C   . GLU B 1 59  ? -16.941 -0.067  -15.547 1.00 29.68 ? 59  GLU B C   1 
ATOM   1217 O  O   . GLU B 1 59  ? -16.917 -0.137  -16.764 1.00 29.51 ? 59  GLU B O   1 
ATOM   1218 C  CB  . GLU B 1 59  ? -18.621 -1.515  -14.255 1.00 30.37 ? 59  GLU B CB  1 
ATOM   1219 C  CG  . GLU B 1 59  ? -18.968 -2.960  -13.794 1.00 36.46 ? 59  GLU B CG  1 
ATOM   1220 C  CD  . GLU B 1 59  ? -20.279 -3.024  -12.947 1.00 41.89 ? 59  GLU B CD  1 
ATOM   1221 O  OE1 . GLU B 1 59  ? -21.145 -2.145  -13.147 1.00 45.48 ? 59  GLU B OE1 1 
ATOM   1222 O  OE2 . GLU B 1 59  ? -20.447 -3.930  -12.066 1.00 48.73 ? 59  GLU B OE2 1 
ATOM   1223 N  N   . ARG B 1 60  ? -16.748 1.048   -14.874 1.00 30.16 ? 60  ARG B N   1 
ATOM   1224 C  CA  . ARG B 1 60  ? -16.565 2.365   -15.522 1.00 30.34 ? 60  ARG B CA  1 
ATOM   1225 C  C   . ARG B 1 60  ? -15.158 2.687   -16.118 1.00 30.64 ? 60  ARG B C   1 
ATOM   1226 O  O   . ARG B 1 60  ? -14.962 3.725   -16.788 1.00 29.27 ? 60  ARG B O   1 
ATOM   1227 C  CB  . ARG B 1 60  ? -17.014 3.480   -14.607 1.00 30.13 ? 60  ARG B CB  1 
ATOM   1228 C  CG  . ARG B 1 60  ? -18.511 3.358   -14.278 1.00 33.57 ? 60  ARG B CG  1 
ATOM   1229 C  CD  . ARG B 1 60  ? -19.022 4.579   -13.482 1.00 34.59 ? 60  ARG B CD  1 
ATOM   1230 N  NE  . ARG B 1 60  ? -19.086 5.821   -14.247 1.00 35.05 ? 60  ARG B NE  1 
ATOM   1231 C  CZ  . ARG B 1 60  ? -19.357 6.994   -13.676 1.00 37.77 ? 60  ARG B CZ  1 
ATOM   1232 N  NH1 . ARG B 1 60  ? -19.502 7.043   -12.342 1.00 39.23 ? 60  ARG B NH1 1 
ATOM   1233 N  NH2 . ARG B 1 60  ? -19.380 8.100   -14.364 1.00 40.72 ? 60  ARG B NH2 1 
ATOM   1234 N  N   . GLY B 1 61  ? -14.239 1.794   -15.791 1.00 30.20 ? 61  GLY B N   1 
ATOM   1235 C  CA  . GLY B 1 61  ? -12.837 1.816   -16.240 1.00 30.04 ? 61  GLY B CA  1 
ATOM   1236 C  C   . GLY B 1 61  ? -11.937 2.682   -15.390 1.00 30.13 ? 61  GLY B C   1 
ATOM   1237 O  O   . GLY B 1 61  ? -10.798 3.070   -15.782 1.00 31.67 ? 61  GLY B O   1 
ATOM   1238 N  N   . PHE B 1 62  ? -12.447 3.008   -14.217 1.00 28.57 ? 62  PHE B N   1 
ATOM   1239 C  CA  . PHE B 1 62  ? -11.723 3.919   -13.314 1.00 27.52 ? 62  PHE B CA  1 
ATOM   1240 C  C   . PHE B 1 62  ? -10.718 3.273   -12.368 1.00 27.66 ? 62  PHE B C   1 
ATOM   1241 O  O   . PHE B 1 62  ? -9.808  3.902   -11.882 1.00 27.30 ? 62  PHE B O   1 
ATOM   1242 C  CB  . PHE B 1 62  ? -12.705 4.784   -12.454 1.00 28.09 ? 62  PHE B CB  1 
ATOM   1243 C  CG  . PHE B 1 62  ? -13.718 5.537   -13.211 1.00 28.30 ? 62  PHE B CG  1 
ATOM   1244 C  CD1 . PHE B 1 62  ? -13.459 6.036   -14.452 1.00 28.16 ? 62  PHE B CD1 1 
ATOM   1245 C  CD2 . PHE B 1 62  ? -14.889 5.872   -12.596 1.00 31.71 ? 62  PHE B CD2 1 
ATOM   1246 C  CE1 . PHE B 1 62  ? -14.458 6.778   -15.142 1.00 29.96 ? 62  PHE B CE1 1 
ATOM   1247 C  CE2 . PHE B 1 62  ? -15.812 6.647   -13.263 1.00 33.08 ? 62  PHE B CE2 1 
ATOM   1248 C  CZ  . PHE B 1 62  ? -15.582 7.049   -14.523 1.00 31.66 ? 62  PHE B CZ  1 
ATOM   1249 N  N   . VAL B 1 63  ? -10.983 2.030   -12.068 1.00 28.06 ? 63  VAL B N   1 
ATOM   1250 C  CA  . VAL B 1 63  ? -10.266 1.187   -11.077 1.00 28.62 ? 63  VAL B CA  1 
ATOM   1251 C  C   . VAL B 1 63  ? -10.078 -0.181  -11.686 1.00 28.54 ? 63  VAL B C   1 
ATOM   1252 O  O   . VAL B 1 63  ? -10.872 -0.672  -12.510 1.00 29.37 ? 63  VAL B O   1 
ATOM   1253 C  CB  . VAL B 1 63  ? -11.070 1.090   -9.757  1.00 28.17 ? 63  VAL B CB  1 
ATOM   1254 C  CG1 . VAL B 1 63  ? -10.478 0.143   -8.733  1.00 30.46 ? 63  VAL B CG1 1 
ATOM   1255 C  CG2 . VAL B 1 63  ? -11.145 2.480   -9.141  1.00 28.54 ? 63  VAL B CG2 1 
ATOM   1256 N  N   . ILE B 1 64  ? -8.964  -0.758  -11.295 1.00 28.30 ? 64  ILE B N   1 
ATOM   1257 C  CA  . ILE B 1 64  ? -8.677  -2.162  -11.528 1.00 27.79 ? 64  ILE B CA  1 
ATOM   1258 C  C   . ILE B 1 64  ? -8.308  -2.824  -10.167 1.00 28.53 ? 64  ILE B C   1 
ATOM   1259 O  O   . ILE B 1 64  ? -7.953  -2.216  -9.179  1.00 30.10 ? 64  ILE B O   1 
ATOM   1260 C  CB  . ILE B 1 64  ? -7.610  -2.416  -12.589 1.00 28.43 ? 64  ILE B CB  1 
ATOM   1261 C  CG1 . ILE B 1 64  ? -6.259  -1.789  -12.225 1.00 28.78 ? 64  ILE B CG1 1 
ATOM   1262 C  CG2 . ILE B 1 64  ? -8.125  -1.852  -13.946 1.00 25.19 ? 64  ILE B CG2 1 
ATOM   1263 C  CD1 . ILE B 1 64  ? -5.162  -1.965  -13.291 1.00 34.28 ? 64  ILE B CD1 1 
ATOM   1264 N  N   . SER B 1 65  ? -8.399  -4.134  -10.180 1.00 30.39 ? 65  SER B N   1 
ATOM   1265 C  CA  . SER B 1 65  ? -7.995  -4.909  -8.983  1.00 29.77 ? 65  SER B CA  1 
ATOM   1266 C  C   . SER B 1 65  ? -7.129  -6.137  -9.355  1.00 31.39 ? 65  SER B C   1 
ATOM   1267 O  O   . SER B 1 65  ? -7.166  -6.666  -10.468 1.00 28.61 ? 65  SER B O   1 
ATOM   1268 C  CB  . SER B 1 65  ? -9.232  -5.301  -8.231  1.00 31.29 ? 65  SER B CB  1 
ATOM   1269 O  OG  . SER B 1 65  ? -9.998  -6.235  -8.897  1.00 32.99 ? 65  SER B OG  1 
ATOM   1270 N  N   . GLU B 1 66  ? -6.364  -6.557  -8.390  1.00 32.38 ? 66  GLU B N   1 
ATOM   1271 C  CA  . GLU B 1 66  ? -5.620  -7.831  -8.470  1.00 33.88 ? 66  GLU B CA  1 
ATOM   1272 C  C   . GLU B 1 66  ? -5.602  -8.497  -7.153  1.00 32.72 ? 66  GLU B C   1 
ATOM   1273 O  O   . GLU B 1 66  ? -5.777  -7.864  -6.112  1.00 29.35 ? 66  GLU B O   1 
ATOM   1274 C  CB  . GLU B 1 66  ? -4.185  -7.575  -8.918  1.00 36.06 ? 66  GLU B CB  1 
ATOM   1275 C  CG  . GLU B 1 66  ? -3.521  -6.517  -8.002  1.00 37.65 ? 66  GLU B CG  1 
ATOM   1276 C  CD  . GLU B 1 66  ? -2.012  -6.378  -8.034  1.00 46.79 ? 66  GLU B CD  1 
ATOM   1277 O  OE1 . GLU B 1 66  ? -1.273  -7.212  -8.590  1.00 50.36 ? 66  GLU B OE1 1 
ATOM   1278 O  OE2 . GLU B 1 66  ? -1.557  -5.391  -7.407  1.00 50.61 ? 66  GLU B OE2 1 
ATOM   1279 N  N   . SER B 1 67  ? -5.406  -9.800  -7.226  1.00 33.63 ? 67  SER B N   1 
ATOM   1280 C  CA  . SER B 1 67  ? -5.300  -10.627 -6.003  1.00 35.85 ? 67  SER B CA  1 
ATOM   1281 C  C   . SER B 1 67  ? -3.893  -10.642 -5.531  1.00 37.82 ? 67  SER B C   1 
ATOM   1282 O  O   . SER B 1 67  ? -2.962  -10.679 -6.318  1.00 38.94 ? 67  SER B O   1 
ATOM   1283 C  CB  . SER B 1 67  ? -5.637  -12.077 -6.323  1.00 35.85 ? 67  SER B CB  1 
ATOM   1284 O  OG  . SER B 1 67  ? -7.020  -12.232 -6.479  1.00 42.74 ? 67  SER B OG  1 
ATOM   1285 N  N   . SER B 1 68  ? -3.770  -10.669 -4.226  1.00 39.47 ? 68  SER B N   1 
ATOM   1286 C  CA  . SER B 1 68  ? -2.504  -10.778 -3.532  1.00 41.03 ? 68  SER B CA  1 
ATOM   1287 C  C   . SER B 1 68  ? -2.626  -11.740 -2.370  1.00 40.76 ? 68  SER B C   1 
ATOM   1288 O  O   . SER B 1 68  ? -3.422  -11.569 -1.499  1.00 40.12 ? 68  SER B O   1 
ATOM   1289 C  CB  . SER B 1 68  ? -2.056  -9.419  -2.970  1.00 43.25 ? 68  SER B CB  1 
ATOM   1290 O  OG  . SER B 1 68  ? -2.768  -8.993  -1.800  1.00 48.71 ? 68  SER B OG  1 
ATOM   1291 N  N   . VAL B 1 69  ? -1.753  -12.710 -2.376  1.00 39.96 ? 69  VAL B N   1 
ATOM   1292 C  CA  . VAL B 1 69  ? -1.669  -13.682 -1.294  1.00 39.55 ? 69  VAL B CA  1 
ATOM   1293 C  C   . VAL B 1 69  ? -1.057  -13.017 -0.079  1.00 38.46 ? 69  VAL B C   1 
ATOM   1294 O  O   . VAL B 1 69  ? -0.172  -12.127 -0.168  1.00 37.49 ? 69  VAL B O   1 
ATOM   1295 C  CB  . VAL B 1 69  ? -0.849  -14.883 -1.697  1.00 40.00 ? 69  VAL B CB  1 
ATOM   1296 C  CG1 . VAL B 1 69  ? 0.671   -14.485 -1.790  1.00 42.42 ? 69  VAL B CG1 1 
ATOM   1297 C  CG2 . VAL B 1 69  ? -1.086  -16.039 -0.694  1.00 40.55 ? 69  VAL B CG2 1 
ATOM   1298 N  N   . ASN B 1 70  ? -1.646  -13.371 1.039   1.00 36.65 ? 70  ASN B N   1 
ATOM   1299 C  CA  . ASN B 1 70  ? -1.186  -12.889 2.346   1.00 35.79 ? 70  ASN B CA  1 
ATOM   1300 C  C   . ASN B 1 70  ? -0.463  -13.969 3.118   1.00 34.68 ? 70  ASN B C   1 
ATOM   1301 O  O   . ASN B 1 70  ? -0.147  -15.034 2.600   1.00 34.32 ? 70  ASN B O   1 
ATOM   1302 C  CB  . ASN B 1 70  ? -2.309  -12.295 3.178   1.00 34.47 ? 70  ASN B CB  1 
ATOM   1303 C  CG  . ASN B 1 70  ? -3.214  -13.323 3.785   1.00 35.41 ? 70  ASN B CG  1 
ATOM   1304 O  OD1 . ASN B 1 70  ? -2.979  -14.537 3.678   1.00 32.39 ? 70  ASN B OD1 1 
ATOM   1305 N  ND2 . ASN B 1 70  ? -4.241  -12.853 4.478   1.00 38.31 ? 70  ASN B ND2 1 
ATOM   1306 N  N   . GLU B 1 71  ? -0.231  -13.642 4.381   1.00 34.23 ? 71  GLU B N   1 
ATOM   1307 C  CA  . GLU B 1 71  ? 0.572   -14.494 5.293   1.00 33.29 ? 71  GLU B CA  1 
ATOM   1308 C  C   . GLU B 1 71  ? -0.014  -15.867 5.524   1.00 34.63 ? 71  GLU B C   1 
ATOM   1309 O  O   . GLU B 1 71  ? 0.686   -16.812 5.850   1.00 32.52 ? 71  GLU B O   1 
ATOM   1310 C  CB  . GLU B 1 71  ? 0.782   -13.809 6.665   1.00 33.09 ? 71  GLU B CB  1 
ATOM   1311 C  CG  . GLU B 1 71  ? 1.629   -12.577 6.633   1.00 33.91 ? 71  GLU B CG  1 
ATOM   1312 C  CD  . GLU B 1 71  ? 0.943   -11.308 6.213   1.00 34.05 ? 71  GLU B CD  1 
ATOM   1313 O  OE1 . GLU B 1 71  ? -0.244  -11.346 5.802   1.00 33.60 ? 71  GLU B OE1 1 
ATOM   1314 O  OE2 . GLU B 1 71  ? 1.646   -10.244 6.247   1.00 36.74 ? 71  GLU B OE2 1 
ATOM   1315 N  N   . LYS B 1 72  ? -1.291  -15.987 5.295   1.00 35.29 ? 72  LYS B N   1 
ATOM   1316 C  CA  . LYS B 1 72  ? -1.978  -17.267 5.567   1.00 36.80 ? 72  LYS B CA  1 
ATOM   1317 C  C   . LYS B 1 72  ? -2.387  -17.966 4.308   1.00 36.21 ? 72  LYS B C   1 
ATOM   1318 O  O   . LYS B 1 72  ? -3.100  -18.934 4.311   1.00 36.10 ? 72  LYS B O   1 
ATOM   1319 C  CB  . LYS B 1 72  ? -3.205  -17.040 6.455   1.00 37.47 ? 72  LYS B CB  1 
ATOM   1320 C  CG  . LYS B 1 72  ? -2.906  -16.508 7.830   1.00 40.76 ? 72  LYS B CG  1 
ATOM   1321 C  CD  . LYS B 1 72  ? -2.376  -17.579 8.776   1.00 42.70 ? 72  LYS B CD  1 
ATOM   1322 C  CE  . LYS B 1 72  ? -3.461  -18.485 9.386   1.00 43.80 ? 72  LYS B CE  1 
ATOM   1323 N  NZ  . LYS B 1 72  ? -2.941  -19.075 10.631  1.00 43.99 ? 72  LYS B NZ  1 
ATOM   1324 N  N   . GLY B 1 73  ? -2.014  -17.353 3.213   1.00 35.45 ? 73  GLY B N   1 
ATOM   1325 C  CA  . GLY B 1 73  ? -2.207  -17.939 1.887   1.00 35.59 ? 73  GLY B CA  1 
ATOM   1326 C  C   . GLY B 1 73  ? -3.568  -17.608 1.328   1.00 35.84 ? 73  GLY B C   1 
ATOM   1327 O  O   . GLY B 1 73  ? -4.075  -18.206 0.370   1.00 35.52 ? 73  GLY B O   1 
ATOM   1328 N  N   . GLN B 1 74  ? -4.135  -16.630 1.988   1.00 35.50 ? 74  GLN B N   1 
ATOM   1329 C  CA  . GLN B 1 74  ? -5.432  -16.042 1.591   1.00 35.89 ? 74  GLN B CA  1 
ATOM   1330 C  C   . GLN B 1 74  ? -5.255  -15.030 0.477   1.00 36.34 ? 74  GLN B C   1 
ATOM   1331 O  O   . GLN B 1 74  ? -4.331  -14.258 0.469   1.00 36.32 ? 74  GLN B O   1 
ATOM   1332 C  CB  . GLN B 1 74  ? -6.084  -15.392 2.818   1.00 34.98 ? 74  GLN B CB  1 
ATOM   1333 C  CG  . GLN B 1 74  ? -6.346  -16.354 3.952   1.00 35.92 ? 74  GLN B CG  1 
ATOM   1334 C  CD  . GLN B 1 74  ? -6.719  -15.645 5.263   1.00 32.89 ? 74  GLN B CD  1 
ATOM   1335 O  OE1 . GLN B 1 74  ? -6.229  -14.549 5.564   1.00 39.35 ? 74  GLN B OE1 1 
ATOM   1336 N  NE2 . GLN B 1 74  ? -7.617  -16.262 6.027   1.00 41.18 ? 74  GLN B NE2 1 
ATOM   1337 N  N   . GLN B 1 75  ? -6.198  -15.038 -0.444  1.00 37.57 ? 75  GLN B N   1 
ATOM   1338 C  CA  . GLN B 1 75  ? -6.138  -14.146 -1.573  1.00 36.61 ? 75  GLN B CA  1 
ATOM   1339 C  C   . GLN B 1 75  ? -6.907  -12.880 -1.228  1.00 36.34 ? 75  GLN B C   1 
ATOM   1340 O  O   . GLN B 1 75  ? -8.129  -12.868 -1.192  1.00 35.93 ? 75  GLN B O   1 
ATOM   1341 C  CB  . GLN B 1 75  ? -6.739  -14.796 -2.849  1.00 37.98 ? 75  GLN B CB  1 
ATOM   1342 C  CG  . GLN B 1 75  ? -6.007  -16.009 -3.439  1.00 40.54 ? 75  GLN B CG  1 
ATOM   1343 C  CD  . GLN B 1 75  ? -4.559  -15.734 -3.832  1.00 45.13 ? 75  GLN B CD  1 
ATOM   1344 O  OE1 . GLN B 1 75  ? -4.258  -14.776 -4.560  1.00 47.79 ? 75  GLN B OE1 1 
ATOM   1345 N  NE2 . GLN B 1 75  ? -3.658  -16.610 -3.390  1.00 46.84 ? 75  GLN B NE2 1 
ATOM   1346 N  N   . LEU B 1 76  ? -6.138  -11.815 -1.071  1.00 34.74 ? 76  LEU B N   1 
ATOM   1347 C  CA  . LEU B 1 76  ? -6.616  -10.455 -0.756  1.00 33.68 ? 76  LEU B CA  1 
ATOM   1348 C  C   . LEU B 1 76  ? -6.717  -9.694  -2.076  1.00 34.61 ? 76  LEU B C   1 
ATOM   1349 O  O   . LEU B 1 76  ? -6.028  -10.025 -3.030  1.00 36.82 ? 76  LEU B O   1 
ATOM   1350 C  CB  . LEU B 1 76  ? -5.674  -9.729  0.227   1.00 34.70 ? 76  LEU B CB  1 
ATOM   1351 C  CG  . LEU B 1 76  ? -5.426  -10.424 1.542   1.00 35.25 ? 76  LEU B CG  1 
ATOM   1352 C  CD1 . LEU B 1 76  ? -4.726  -9.562  2.602   1.00 37.91 ? 76  LEU B CD1 1 
ATOM   1353 C  CD2 . LEU B 1 76  ? -6.726  -10.804 2.039   1.00 34.86 ? 76  LEU B CD2 1 
ATOM   1354 N  N   . THR B 1 77  ? -7.581  -8.689  -2.116  1.00 32.03 ? 77  THR B N   1 
ATOM   1355 C  CA  . THR B 1 77  ? -7.680  -7.831  -3.295  1.00 31.12 ? 77  THR B CA  1 
ATOM   1356 C  C   . THR B 1 77  ? -7.100  -6.455  -3.040  1.00 31.69 ? 77  THR B C   1 
ATOM   1357 O  O   . THR B 1 77  ? -7.342  -5.825  -1.991  1.00 33.17 ? 77  THR B O   1 
ATOM   1358 C  CB  . THR B 1 77  ? -9.118  -7.702  -3.686  1.00 31.90 ? 77  THR B CB  1 
ATOM   1359 O  OG1 . THR B 1 77  ? -9.625  -9.047  -3.938  1.00 34.19 ? 77  THR B OG1 1 
ATOM   1360 C  CG2 . THR B 1 77  ? -9.284  -6.839  -4.951  1.00 31.39 ? 77  THR B CG2 1 
ATOM   1361 N  N   . VAL B 1 78  ? -6.347  -6.000  -4.031  1.00 29.30 ? 78  VAL B N   1 
ATOM   1362 C  CA  . VAL B 1 78  ? -5.759  -4.645  -4.004  1.00 28.47 ? 78  VAL B CA  1 
ATOM   1363 C  C   . VAL B 1 78  ? -6.341  -3.886  -5.211  1.00 28.64 ? 78  VAL B C   1 
ATOM   1364 O  O   . VAL B 1 78  ? -6.379  -4.405  -6.289  1.00 30.84 ? 78  VAL B O   1 
ATOM   1365 C  CB  . VAL B 1 78  ? -4.241  -4.697  -4.083  1.00 28.45 ? 78  VAL B CB  1 
ATOM   1366 C  CG1 . VAL B 1 78  ? -3.682  -3.301  -4.158  1.00 32.53 ? 78  VAL B CG1 1 
ATOM   1367 C  CG2 . VAL B 1 78  ? -3.721  -5.303  -2.778  1.00 27.56 ? 78  VAL B CG2 1 
ATOM   1368 N  N   . TYR B 1 79  ? -6.774  -2.664  -4.929  1.00 29.41 ? 79  TYR B N   1 
ATOM   1369 C  CA  . TYR B 1 79  ? -7.376  -1.782  -5.928  1.00 29.94 ? 79  TYR B CA  1 
ATOM   1370 C  C   . TYR B 1 79  ? -6.372  -0.747  -6.339  1.00 28.43 ? 79  TYR B C   1 
ATOM   1371 O  O   . TYR B 1 79  ? -5.703  -0.163  -5.526  1.00 27.78 ? 79  TYR B O   1 
ATOM   1372 C  CB  . TYR B 1 79  ? -8.685  -1.127  -5.389  1.00 29.19 ? 79  TYR B CB  1 
ATOM   1373 C  CG  . TYR B 1 79  ? -9.745  -2.162  -5.122  1.00 29.98 ? 79  TYR B CG  1 
ATOM   1374 C  CD1 . TYR B 1 79  ? -10.639 -2.551  -6.114  1.00 30.33 ? 79  TYR B CD1 1 
ATOM   1375 C  CD2 . TYR B 1 79  ? -9.843  -2.784  -3.862  1.00 29.51 ? 79  TYR B CD2 1 
ATOM   1376 C  CE1 . TYR B 1 79  ? -11.571 -3.532  -5.849  1.00 31.06 ? 79  TYR B CE1 1 
ATOM   1377 C  CE2 . TYR B 1 79  ? -10.743 -3.749  -3.614  1.00 28.48 ? 79  TYR B CE2 1 
ATOM   1378 C  CZ  . TYR B 1 79  ? -11.606 -4.135  -4.637  1.00 29.45 ? 79  TYR B CZ  1 
ATOM   1379 O  OH  . TYR B 1 79  ? -12.581 -5.118  -4.346  1.00 34.48 ? 79  TYR B OH  1 
ATOM   1380 N  N   . HIS B 1 80  ? -6.422  -0.507  -7.639  1.00 29.07 ? 80  HIS B N   1 
ATOM   1381 C  CA  . HIS B 1 80  ? -5.606  0.507   -8.364  1.00 28.74 ? 80  HIS B CA  1 
ATOM   1382 C  C   . HIS B 1 80  ? -6.453  1.467   -9.222  1.00 28.12 ? 80  HIS B C   1 
ATOM   1383 O  O   . HIS B 1 80  ? -7.384  1.063   -9.881  1.00 30.37 ? 80  HIS B O   1 
ATOM   1384 C  CB  . HIS B 1 80  ? -4.557  -0.187  -9.310  1.00 30.14 ? 80  HIS B CB  1 
ATOM   1385 C  CG  . HIS B 1 80  ? -3.659  -1.201  -8.681  1.00 31.14 ? 80  HIS B CG  1 
ATOM   1386 N  ND1 . HIS B 1 80  ? -2.296  -1.015  -8.578  1.00 32.99 ? 80  HIS B ND1 1 
ATOM   1387 C  CD2 . HIS B 1 80  ? -3.903  -2.447  -8.224  1.00 32.71 ? 80  HIS B CD2 1 
ATOM   1388 C  CE1 . HIS B 1 80  ? -1.765  -2.076  -7.980  1.00 37.57 ? 80  HIS B CE1 1 
ATOM   1389 N  NE2 . HIS B 1 80  ? -2.720  -2.961  -7.756  1.00 32.45 ? 80  HIS B NE2 1 
ATOM   1390 N  N   . ILE B 1 81  ? -6.075  2.739   -9.194  1.00 27.34 ? 81  ILE B N   1 
ATOM   1391 C  CA  . ILE B 1 81  ? -6.667  3.759   -10.093 1.00 26.33 ? 81  ILE B CA  1 
ATOM   1392 C  C   . ILE B 1 81  ? -6.044  3.633   -11.464 1.00 27.45 ? 81  ILE B C   1 
ATOM   1393 O  O   . ILE B 1 81  ? -4.857  3.281   -11.601 1.00 29.88 ? 81  ILE B O   1 
ATOM   1394 C  CB  . ILE B 1 81  ? -6.601  5.187   -9.548  1.00 26.05 ? 81  ILE B CB  1 
ATOM   1395 C  CG1 . ILE B 1 81  ? -7.669  6.005   -10.232 1.00 28.22 ? 81  ILE B CG1 1 
ATOM   1396 C  CG2 . ILE B 1 81  ? -5.213  5.699   -9.687  1.00 26.72 ? 81  ILE B CG2 1 
ATOM   1397 C  CD1 . ILE B 1 81  ? -7.663  7.457   -9.730  1.00 29.45 ? 81  ILE B CD1 1 
ATOM   1398 N  N   . THR B 1 82  ? -6.840  3.905   -12.467 1.00 28.01 ? 82  THR B N   1 
ATOM   1399 C  CA  . THR B 1 82  ? -6.351  3.959   -13.836 1.00 29.06 ? 82  THR B CA  1 
ATOM   1400 C  C   . THR B 1 82  ? -6.149  5.411   -14.244 1.00 28.86 ? 82  THR B C   1 
ATOM   1401 O  O   . THR B 1 82  ? -6.612  6.360   -13.563 1.00 30.65 ? 82  THR B O   1 
ATOM   1402 C  CB  . THR B 1 82  ? -7.400  3.377   -14.770 1.00 29.04 ? 82  THR B CB  1 
ATOM   1403 O  OG1 . THR B 1 82  ? -8.538  4.210   -14.692 1.00 27.83 ? 82  THR B OG1 1 
ATOM   1404 C  CG2 . THR B 1 82  ? -7.774  1.982   -14.310 1.00 29.20 ? 82  THR B CG2 1 
ATOM   1405 N  N   . ASP B 1 83  ? -5.683  5.593   -15.475 1.00 29.36 ? 83  ASP B N   1 
ATOM   1406 C  CA  . ASP B 1 83  ? -5.520  6.938   -16.025 1.00 30.86 ? 83  ASP B CA  1 
ATOM   1407 C  C   . ASP B 1 83  ? -6.903  7.600   -16.211 1.00 31.20 ? 83  ASP B C   1 
ATOM   1408 O  O   . ASP B 1 83  ? -7.119  8.789   -15.999 1.00 33.45 ? 83  ASP B O   1 
ATOM   1409 C  CB  . ASP B 1 83  ? -4.697  6.899   -17.331 1.00 30.99 ? 83  ASP B CB  1 
ATOM   1410 C  CG  . ASP B 1 83  ? -3.171  6.761   -17.076 1.00 34.40 ? 83  ASP B CG  1 
ATOM   1411 O  OD1 . ASP B 1 83  ? -2.700  7.016   -15.941 1.00 40.98 ? 83  ASP B OD1 1 
ATOM   1412 O  OD2 . ASP B 1 83  ? -2.428  6.469   -18.049 1.00 37.49 ? 83  ASP B OD2 1 
ATOM   1413 N  N   . ALA B 1 84  ? -7.847  6.763   -16.583 1.00 30.95 ? 84  ALA B N   1 
ATOM   1414 C  CA  . ALA B 1 84  ? -9.227  7.182   -16.751 1.00 31.08 ? 84  ALA B CA  1 
ATOM   1415 C  C   . ALA B 1 84  ? -9.822  7.735   -15.519 1.00 31.79 ? 84  ALA B C   1 
ATOM   1416 O  O   . ALA B 1 84  ? -10.542 8.714   -15.491 1.00 31.65 ? 84  ALA B O   1 
ATOM   1417 C  CB  . ALA B 1 84  ? -10.089 6.077   -17.360 1.00 31.51 ? 84  ALA B CB  1 
ATOM   1418 N  N   . GLY B 1 85  ? -9.567  6.993   -14.468 1.00 31.27 ? 85  GLY B N   1 
ATOM   1419 C  CA  . GLY B 1 85  ? -9.916  7.383   -13.125 1.00 30.32 ? 85  GLY B CA  1 
ATOM   1420 C  C   . GLY B 1 85  ? -9.327  8.645   -12.648 1.00 31.24 ? 85  GLY B C   1 
ATOM   1421 O  O   . GLY B 1 85  ? -10.008 9.457   -12.048 1.00 31.36 ? 85  GLY B O   1 
ATOM   1422 N  N   . LYS B 1 86  ? -8.053  8.814   -12.932 1.00 31.54 ? 86  LYS B N   1 
ATOM   1423 C  CA  . LYS B 1 86  ? -7.342  10.047  -12.611 1.00 32.13 ? 86  LYS B CA  1 
ATOM   1424 C  C   . LYS B 1 86  ? -7.967  11.249  -13.263 1.00 32.56 ? 86  LYS B C   1 
ATOM   1425 O  O   . LYS B 1 86  ? -8.185  12.276  -12.667 1.00 32.17 ? 86  LYS B O   1 
ATOM   1426 C  CB  . LYS B 1 86  ? -5.835  9.934   -12.932 1.00 32.25 ? 86  LYS B CB  1 
ATOM   1427 C  CG  . LYS B 1 86  ? -5.076  8.971   -12.043 1.00 32.17 ? 86  LYS B CG  1 
ATOM   1428 C  CD  . LYS B 1 86  ? -3.564  8.935   -12.373 1.00 36.84 ? 86  LYS B CD  1 
ATOM   1429 C  CE  . LYS B 1 86  ? -2.926  7.609   -11.899 1.00 39.99 ? 86  LYS B CE  1 
ATOM   1430 N  NZ  . LYS B 1 86  ? -1.668  7.139   -12.628 1.00 41.69 ? 86  LYS B NZ  1 
ATOM   1431 N  N   . LYS B 1 87  ? -8.310  11.096  -14.532 1.00 33.47 ? 87  LYS B N   1 
ATOM   1432 C  CA  . LYS B 1 87  ? -8.861  12.210  -15.311 1.00 34.00 ? 87  LYS B CA  1 
ATOM   1433 C  C   . LYS B 1 87  ? -10.241 12.565  -14.809 1.00 33.26 ? 87  LYS B C   1 
ATOM   1434 O  O   . LYS B 1 87  ? -10.640 13.718  -14.733 1.00 33.01 ? 87  LYS B O   1 
ATOM   1435 C  CB  . LYS B 1 87  ? -8.981  11.857  -16.838 1.00 34.20 ? 87  LYS B CB  1 
ATOM   1436 C  CG  . LYS B 1 87  ? -9.384  12.964  -17.695 1.00 41.93 ? 87  LYS B CG  1 
ATOM   1437 C  CD  . LYS B 1 87  ? -9.277  12.565  -19.153 1.00 39.56 ? 87  LYS B CD  1 
ATOM   1438 C  CE  . LYS B 1 87  ? -9.802  13.596  -20.066 1.00 48.46 ? 87  LYS B CE  1 
ATOM   1439 N  NZ  . LYS B 1 87  ? -10.892 14.419  -19.350 1.00 45.64 ? 87  LYS B NZ  1 
ATOM   1440 N  N   . PHE B 1 88  ? -10.982 11.513  -14.535 1.00 32.34 ? 88  PHE B N   1 
ATOM   1441 C  CA  . PHE B 1 88  ? -12.296 11.668  -13.983 1.00 32.07 ? 88  PHE B CA  1 
ATOM   1442 C  C   . PHE B 1 88  ? -12.198 12.490  -12.695 1.00 31.20 ? 88  PHE B C   1 
ATOM   1443 O  O   . PHE B 1 88  ? -12.946 13.412  -12.495 1.00 30.05 ? 88  PHE B O   1 
ATOM   1444 C  CB  . PHE B 1 88  ? -12.970 10.335  -13.733 1.00 32.90 ? 88  PHE B CB  1 
ATOM   1445 C  CG  . PHE B 1 88  ? -14.427 10.427  -13.222 1.00 31.73 ? 88  PHE B CG  1 
ATOM   1446 C  CD1 . PHE B 1 88  ? -15.497 10.525  -14.114 1.00 34.93 ? 88  PHE B CD1 1 
ATOM   1447 C  CD2 . PHE B 1 88  ? -14.715 10.274  -11.852 1.00 31.96 ? 88  PHE B CD2 1 
ATOM   1448 C  CE1 . PHE B 1 88  ? -16.816 10.555  -13.674 1.00 33.44 ? 88  PHE B CE1 1 
ATOM   1449 C  CE2 . PHE B 1 88  ? -16.028 10.332  -11.438 1.00 30.58 ? 88  PHE B CE2 1 
ATOM   1450 C  CZ  . PHE B 1 88  ? -17.068 10.454  -12.327 1.00 33.53 ? 88  PHE B CZ  1 
ATOM   1451 N  N   . LEU B 1 89  ? -11.321 12.086  -11.779 1.00 32.04 ? 89  LEU B N   1 
ATOM   1452 C  CA  . LEU B 1 89  ? -11.211 12.843  -10.573 1.00 32.13 ? 89  LEU B CA  1 
ATOM   1453 C  C   . LEU B 1 89  ? -10.872 14.322  -10.870 1.00 32.11 ? 89  LEU B C   1 
ATOM   1454 O  O   . LEU B 1 89  ? -11.411 15.285  -10.299 1.00 32.77 ? 89  LEU B O   1 
ATOM   1455 C  CB  . LEU B 1 89  ? -10.122 12.251  -9.690  1.00 31.43 ? 89  LEU B CB  1 
ATOM   1456 C  CG  . LEU B 1 89  ? -9.776  12.896  -8.361  1.00 33.31 ? 89  LEU B CG  1 
ATOM   1457 C  CD1 . LEU B 1 89  ? -10.981 13.034  -7.408  1.00 33.08 ? 89  LEU B CD1 1 
ATOM   1458 C  CD2 . LEU B 1 89  ? -8.716  12.054  -7.766  1.00 32.80 ? 89  LEU B CD2 1 
HETATM 1459 N  N   . OCS B 1 90  ? -9.942  14.474  -11.762 1.00 32.87 ? 90  OCS B N   1 
HETATM 1460 C  CA  . OCS B 1 90  ? -9.365  15.793  -12.031 1.00 34.25 ? 90  OCS B CA  1 
HETATM 1461 C  CB  . OCS B 1 90  ? -8.146  15.660  -12.978 1.00 34.92 ? 90  OCS B CB  1 
HETATM 1462 S  SG  . OCS B 1 90  ? -7.148  17.138  -13.216 1.00 37.84 ? 90  OCS B SG  1 
HETATM 1463 C  C   . OCS B 1 90  ? -10.446 16.753  -12.584 1.00 34.81 ? 90  OCS B C   1 
HETATM 1464 O  O   . OCS B 1 90  ? -10.557 17.929  -12.250 1.00 34.92 ? 90  OCS B O   1 
HETATM 1465 O  OD1 . OCS B 1 90  ? -7.995  18.087  -13.846 1.00 39.77 ? 90  OCS B OD1 1 
HETATM 1466 O  OD2 . OCS B 1 90  ? -6.767  17.657  -11.936 1.00 39.28 ? 90  OCS B OD2 1 
HETATM 1467 O  OD3 . OCS B 1 90  ? -6.018  16.898  -14.031 1.00 36.36 ? 90  OCS B OD3 1 
ATOM   1468 N  N   . ASP B 1 91  ? -11.224 16.148  -13.436 1.00 34.91 ? 91  ASP B N   1 
ATOM   1469 C  CA  . ASP B 1 91  ? -12.323 16.781  -14.193 1.00 34.09 ? 91  ASP B CA  1 
ATOM   1470 C  C   . ASP B 1 91  ? -13.402 17.357  -13.273 1.00 35.02 ? 91  ASP B C   1 
ATOM   1471 O  O   . ASP B 1 91  ? -14.146 18.231  -13.631 1.00 34.48 ? 91  ASP B O   1 
ATOM   1472 C  CB  . ASP B 1 91  ? -12.967 15.763  -15.153 1.00 33.70 ? 91  ASP B CB  1 
ATOM   1473 C  CG  . ASP B 1 91  ? -12.240 15.640  -16.454 1.00 35.35 ? 91  ASP B CG  1 
ATOM   1474 O  OD1 . ASP B 1 91  ? -11.312 16.433  -16.720 1.00 38.74 ? 91  ASP B OD1 1 
ATOM   1475 O  OD2 . ASP B 1 91  ? -12.590 14.711  -17.197 1.00 39.38 ? 91  ASP B OD2 1 
ATOM   1476 N  N   . HIS B 1 92  ? -13.458 16.830  -12.058 1.00 36.24 ? 92  HIS B N   1 
ATOM   1477 C  CA  . HIS B 1 92  ? -14.531 17.209  -11.116 1.00 36.96 ? 92  HIS B CA  1 
ATOM   1478 C  C   . HIS B 1 92  ? -14.173 18.310  -10.157 1.00 38.43 ? 92  HIS B C   1 
ATOM   1479 O  O   . HIS B 1 92  ? -14.884 18.607  -9.218  1.00 39.38 ? 92  HIS B O   1 
ATOM   1480 C  CB  . HIS B 1 92  ? -15.017 15.986  -10.333 1.00 37.25 ? 92  HIS B CB  1 
ATOM   1481 C  CG  . HIS B 1 92  ? -15.961 15.149  -11.130 1.00 37.34 ? 92  HIS B CG  1 
ATOM   1482 N  ND1 . HIS B 1 92  ? -15.550 14.365  -12.172 1.00 40.13 ? 92  HIS B ND1 1 
ATOM   1483 C  CD2 . HIS B 1 92  ? -17.305 15.033  -11.084 1.00 41.09 ? 92  HIS B CD2 1 
ATOM   1484 C  CE1 . HIS B 1 92  ? -16.586 13.771  -12.725 1.00 42.64 ? 92  HIS B CE1 1 
ATOM   1485 N  NE2 . HIS B 1 92  ? -17.671 14.190  -12.106 1.00 45.34 ? 92  HIS B NE2 1 
ATOM   1486 N  N   . SER B 1 93  ? -13.073 18.958  -10.438 1.00 40.01 ? 93  SER B N   1 
ATOM   1487 C  CA  . SER B 1 93  ? -12.602 20.026  -9.554  1.00 40.01 ? 93  SER B CA  1 
ATOM   1488 C  C   . SER B 1 93  ? -13.598 21.149  -9.439  1.00 40.16 ? 93  SER B C   1 
ATOM   1489 O  O   . SER B 1 93  ? -13.956 21.597  -8.352  1.00 39.00 ? 93  SER B O   1 
ATOM   1490 C  CB  . SER B 1 93  ? -11.221 20.577  -9.994  1.00 39.88 ? 93  SER B CB  1 
ATOM   1491 O  OG  . SER B 1 93  ? -11.261 21.201  -11.274 1.00 43.56 ? 93  SER B OG  1 
ATOM   1492 N  N   . GLN B 1 94  ? -14.092 21.601  -10.570 1.00 39.70 ? 94  GLN B N   1 
ATOM   1493 C  CA  . GLN B 1 94  ? -14.991 22.783  -10.559 1.00 40.65 ? 94  GLN B CA  1 
ATOM   1494 C  C   . GLN B 1 94  ? -16.384 22.446  -10.032 1.00 40.49 ? 94  GLN B C   1 
ATOM   1495 O  O   . GLN B 1 94  ? -17.136 23.266  -9.439  1.00 40.52 ? 94  GLN B O   1 
ATOM   1496 C  CB  . GLN B 1 94  ? -15.008 23.462  -11.936 1.00 42.29 ? 94  GLN B CB  1 
ATOM   1497 C  CG  . GLN B 1 94  ? -15.696 22.736  -13.062 1.00 45.36 ? 94  GLN B CG  1 
ATOM   1498 C  CD  . GLN B 1 94  ? -16.079 23.703  -14.181 1.00 48.82 ? 94  GLN B CD  1 
ATOM   1499 O  OE1 . GLN B 1 94  ? -16.562 24.814  -13.915 1.00 52.46 ? 94  GLN B OE1 1 
ATOM   1500 N  NE2 . GLN B 1 94  ? -15.857 23.299  -15.434 1.00 50.71 ? 94  GLN B NE2 1 
ATOM   1501 N  N   . ALA B 1 95  ? -16.728 21.208  -10.257 1.00 38.88 ? 95  ALA B N   1 
ATOM   1502 C  CA  . ALA B 1 95  ? -17.995 20.751  -9.802  1.00 38.71 ? 95  ALA B CA  1 
ATOM   1503 C  C   . ALA B 1 95  ? -17.937 20.754  -8.285  1.00 38.08 ? 95  ALA B C   1 
ATOM   1504 O  O   . ALA B 1 95  ? -18.923 21.028  -7.629  1.00 39.43 ? 95  ALA B O   1 
ATOM   1505 C  CB  . ALA B 1 95  ? -18.304 19.339  -10.302 1.00 39.66 ? 95  ALA B CB  1 
ATOM   1506 N  N   . LEU B 1 96  ? -16.758 20.466  -7.749  1.00 35.88 ? 96  LEU B N   1 
ATOM   1507 C  CA  . LEU B 1 96  ? -16.568 20.352  -6.273  1.00 35.43 ? 96  LEU B CA  1 
ATOM   1508 C  C   . LEU B 1 96  ? -16.638 21.710  -5.631  1.00 35.18 ? 96  LEU B C   1 
ATOM   1509 O  O   . LEU B 1 96  ? -17.174 21.922  -4.540  1.00 33.64 ? 96  LEU B O   1 
ATOM   1510 C  CB  . LEU B 1 96  ? -15.266 19.659  -5.854  1.00 36.05 ? 96  LEU B CB  1 
ATOM   1511 C  CG  . LEU B 1 96  ? -15.173 18.169  -6.068  1.00 33.63 ? 96  LEU B CG  1 
ATOM   1512 C  CD1 . LEU B 1 96  ? -13.733 17.677  -5.971  1.00 35.33 ? 96  LEU B CD1 1 
ATOM   1513 C  CD2 . LEU B 1 96  ? -16.034 17.424  -5.033  1.00 35.64 ? 96  LEU B CD2 1 
ATOM   1514 N  N   . GLN B 1 97  ? -16.031 22.643  -6.335  1.00 34.82 ? 97  GLN B N   1 
ATOM   1515 C  CA  . GLN B 1 97  ? -16.032 24.024  -5.853  1.00 36.21 ? 97  GLN B CA  1 
ATOM   1516 C  C   . GLN B 1 97  ? -17.441 24.625  -5.750  1.00 36.09 ? 97  GLN B C   1 
ATOM   1517 O  O   . GLN B 1 97  ? -17.840 25.263  -4.788  1.00 34.40 ? 97  GLN B O   1 
ATOM   1518 C  CB  . GLN B 1 97  ? -15.204 24.872  -6.766  1.00 36.44 ? 97  GLN B CB  1 
ATOM   1519 C  CG  . GLN B 1 97  ? -14.914 26.178  -6.106  1.00 40.63 ? 97  GLN B CG  1 
ATOM   1520 C  CD  . GLN B 1 97  ? -14.766 26.004  -4.593  1.00 44.06 ? 97  GLN B CD  1 
ATOM   1521 O  OE1 . GLN B 1 97  ? -13.678 25.667  -4.091  1.00 42.55 ? 97  GLN B OE1 1 
ATOM   1522 N  NE2 . GLN B 1 97  ? -15.878 26.204  -3.862  1.00 45.89 ? 97  GLN B NE2 1 
ATOM   1523 N  N   . LEU B 1 98  ? -18.188 24.379  -6.796  1.00 36.44 ? 98  LEU B N   1 
ATOM   1524 C  CA  . LEU B 1 98  ? -19.599 24.806  -6.844  1.00 36.20 ? 98  LEU B CA  1 
ATOM   1525 C  C   . LEU B 1 98  ? -20.407 24.164  -5.713  1.00 36.16 ? 98  LEU B C   1 
ATOM   1526 O  O   . LEU B 1 98  ? -21.149 24.809  -4.938  1.00 35.73 ? 98  LEU B O   1 
ATOM   1527 C  CB  . LEU B 1 98  ? -20.197 24.492  -8.214  1.00 35.96 ? 98  LEU B CB  1 
ATOM   1528 C  CG  . LEU B 1 98  ? -21.639 24.907  -8.327  1.00 35.98 ? 98  LEU B CG  1 
ATOM   1529 C  CD1 . LEU B 1 98  ? -21.826 26.332  -7.702  1.00 41.91 ? 98  LEU B CD1 1 
ATOM   1530 C  CD2 . LEU B 1 98  ? -22.026 24.877  -9.806  1.00 41.68 ? 98  LEU B CD2 1 
ATOM   1531 N  N   . ALA B 1 99  ? -20.182 22.874  -5.569  1.00 35.48 ? 99  ALA B N   1 
ATOM   1532 C  CA  . ALA B 1 99  ? -20.891 22.087  -4.570  1.00 34.37 ? 99  ALA B CA  1 
ATOM   1533 C  C   . ALA B 1 99  ? -20.677 22.647  -3.195  1.00 34.96 ? 99  ALA B C   1 
ATOM   1534 O  O   . ALA B 1 99  ? -21.594 22.766  -2.378  1.00 35.57 ? 99  ALA B O   1 
ATOM   1535 C  CB  . ALA B 1 99  ? -20.494 20.637  -4.616  1.00 34.31 ? 99  ALA B CB  1 
ATOM   1536 N  N   . ARG B 1 100 ? -19.457 23.054  -2.968  1.00 36.01 ? 100 ARG B N   1 
ATOM   1537 C  CA  . ARG B 1 100 ? -19.072 23.631  -1.676  1.00 35.11 ? 100 ARG B CA  1 
ATOM   1538 C  C   . ARG B 1 100 ? -19.878 24.881  -1.364  1.00 33.75 ? 100 ARG B C   1 
ATOM   1539 O  O   . ARG B 1 100 ? -20.331 25.084  -0.267  1.00 32.93 ? 100 ARG B O   1 
ATOM   1540 C  CB  . ARG B 1 100 ? -17.582 23.929  -1.575  1.00 35.15 ? 100 ARG B CB  1 
ATOM   1541 C  CG  . ARG B 1 100 ? -17.265 24.454  -0.211  1.00 37.57 ? 100 ARG B CG  1 
ATOM   1542 C  CD  . ARG B 1 100 ? -15.856 24.131  0.220   1.00 39.44 ? 100 ARG B CD  1 
ATOM   1543 N  NE  . ARG B 1 100 ? -14.902 24.918  -0.543  1.00 41.36 ? 100 ARG B NE  1 
ATOM   1544 C  CZ  . ARG B 1 100 ? -13.591 24.949  -0.325  1.00 41.35 ? 100 ARG B CZ  1 
ATOM   1545 N  NH1 . ARG B 1 100 ? -13.042 24.217  0.636   1.00 42.68 ? 100 ARG B NH1 1 
ATOM   1546 N  NH2 . ARG B 1 100 ? -12.827 25.709  -1.091  1.00 39.61 ? 100 ARG B NH2 1 
ATOM   1547 N  N   . LYS B 1 101 ? -20.080 25.662  -2.397  1.00 33.26 ? 101 LYS B N   1 
ATOM   1548 C  CA  . LYS B 1 101 ? -20.769 26.932  -2.304  1.00 33.05 ? 101 LYS B CA  1 
ATOM   1549 C  C   . LYS B 1 101 ? -22.237 26.732  -1.942  1.00 33.01 ? 101 LYS B C   1 
ATOM   1550 O  O   . LYS B 1 101 ? -22.810 27.424  -1.102  1.00 32.44 ? 101 LYS B O   1 
ATOM   1551 C  CB  . LYS B 1 101 ? -20.616 27.731  -3.605  1.00 33.78 ? 101 LYS B CB  1 
ATOM   1552 C  CG  . LYS B 1 101 ? -19.262 28.356  -3.855  1.00 35.07 ? 101 LYS B CG  1 
ATOM   1553 C  CD  . LYS B 1 101 ? -19.234 29.067  -5.216  1.00 36.57 ? 101 LYS B CD  1 
ATOM   1554 C  CE  . LYS B 1 101 ? -17.971 29.861  -5.468  1.00 40.06 ? 101 LYS B CE  1 
ATOM   1555 N  NZ  . LYS B 1 101 ? -16.781 29.024  -5.852  1.00 43.63 ? 101 LYS B NZ  1 
ATOM   1556 N  N   . ILE B 1 102 ? -22.812 25.739  -2.603  1.00 33.05 ? 102 ILE B N   1 
ATOM   1557 C  CA  . ILE B 1 102 ? -24.187 25.395  -2.406  1.00 33.90 ? 102 ILE B CA  1 
ATOM   1558 C  C   . ILE B 1 102 ? -24.376 24.909  -0.975  1.00 33.24 ? 102 ILE B C   1 
ATOM   1559 O  O   . ILE B 1 102 ? -25.302 25.311  -0.314  1.00 31.81 ? 102 ILE B O   1 
ATOM   1560 C  CB  . ILE B 1 102 ? -24.721 24.438  -3.462  1.00 33.59 ? 102 ILE B CB  1 
ATOM   1561 C  CG1 . ILE B 1 102 ? -24.601 25.086  -4.820  1.00 34.33 ? 102 ILE B CG1 1 
ATOM   1562 C  CG2 . ILE B 1 102 ? -26.253 24.101  -3.216  1.00 32.96 ? 102 ILE B CG2 1 
ATOM   1563 C  CD1 . ILE B 1 102 ? -24.796 24.110  -5.992  1.00 34.81 ? 102 ILE B CD1 1 
ATOM   1564 N  N   . ILE B 1 103 ? -23.514 24.022  -0.544  1.00 34.53 ? 103 ILE B N   1 
ATOM   1565 C  CA  . ILE B 1 103 ? -23.608 23.436  0.821   1.00 33.18 ? 103 ILE B CA  1 
ATOM   1566 C  C   . ILE B 1 103 ? -23.519 24.495  1.902   1.00 33.97 ? 103 ILE B C   1 
ATOM   1567 O  O   . ILE B 1 103 ? -24.229 24.504  2.902   1.00 33.62 ? 103 ILE B O   1 
ATOM   1568 C  CB  . ILE B 1 103 ? -22.645 22.271  1.068   1.00 34.65 ? 103 ILE B CB  1 
ATOM   1569 C  CG1 . ILE B 1 103 ? -23.016 21.161  0.088   1.00 35.33 ? 103 ILE B CG1 1 
ATOM   1570 C  CG2 . ILE B 1 103 ? -22.714 21.811  2.560   1.00 32.28 ? 103 ILE B CG2 1 
ATOM   1571 C  CD1 . ILE B 1 103 ? -21.920 20.136  -0.239  1.00 38.29 ? 103 ILE B CD1 1 
ATOM   1572 N  N   . ASP B 1 104 ? -22.613 25.409  1.664   1.00 33.85 ? 104 ASP B N   1 
ATOM   1573 C  CA  . ASP B 1 104 ? -22.391 26.509  2.601   1.00 34.09 ? 104 ASP B CA  1 
ATOM   1574 C  C   . ASP B 1 104 ? -23.621 27.344  2.739   1.00 33.74 ? 104 ASP B C   1 
ATOM   1575 O  O   . ASP B 1 104 ? -24.023 27.734  3.814   1.00 34.49 ? 104 ASP B O   1 
ATOM   1576 C  CB  . ASP B 1 104 ? -21.170 27.339  2.239   1.00 34.80 ? 104 ASP B CB  1 
ATOM   1577 C  CG  . ASP B 1 104 ? -19.877 26.683  2.704   1.00 35.83 ? 104 ASP B CG  1 
ATOM   1578 O  OD1 . ASP B 1 104 ? -19.933 25.592  3.343   1.00 37.50 ? 104 ASP B OD1 1 
ATOM   1579 O  OD2 . ASP B 1 104 ? -18.786 27.260  2.442   1.00 36.13 ? 104 ASP B OD2 1 
ATOM   1580 N  N   . ASP B 1 105 ? -24.220 27.579  1.600   1.00 33.63 ? 105 ASP B N   1 
ATOM   1581 C  CA  . ASP B 1 105 ? -25.497 28.315  1.536   1.00 34.18 ? 105 ASP B CA  1 
ATOM   1582 C  C   . ASP B 1 105 ? -26.599 27.606  2.296   1.00 32.86 ? 105 ASP B C   1 
ATOM   1583 O  O   . ASP B 1 105 ? -27.313 28.170  3.103   1.00 33.34 ? 105 ASP B O   1 
ATOM   1584 C  CB  . ASP B 1 105 ? -25.912 28.635  0.094   1.00 34.00 ? 105 ASP B CB  1 
ATOM   1585 C  CG  . ASP B 1 105 ? -27.151 29.497  0.035   1.00 36.06 ? 105 ASP B CG  1 
ATOM   1586 O  OD1 . ASP B 1 105 ? -27.155 30.666  0.529   1.00 37.86 ? 105 ASP B OD1 1 
ATOM   1587 O  OD2 . ASP B 1 105 ? -28.144 29.020  -0.526  1.00 38.14 ? 105 ASP B OD2 1 
ATOM   1588 N  N   . LEU B 1 106 ? -26.686 26.333  2.048   1.00 33.64 ? 106 LEU B N   1 
ATOM   1589 C  CA  . LEU B 1 106 ? -27.730 25.482  2.612   1.00 33.30 ? 106 LEU B CA  1 
ATOM   1590 C  C   . LEU B 1 106 ? -27.627 25.440  4.111   1.00 35.13 ? 106 LEU B C   1 
ATOM   1591 O  O   . LEU B 1 106 ? -28.607 25.566  4.838   1.00 36.74 ? 106 LEU B O   1 
ATOM   1592 C  CB  . LEU B 1 106 ? -27.724 24.069  2.018   1.00 33.34 ? 106 LEU B CB  1 
ATOM   1593 C  CG  . LEU B 1 106 ? -28.427 23.954  0.635   1.00 29.90 ? 106 LEU B CG  1 
ATOM   1594 C  CD1 . LEU B 1 106 ? -28.110 22.655  -0.056  1.00 28.55 ? 106 LEU B CD1 1 
ATOM   1595 C  CD2 . LEU B 1 106 ? -29.902 24.163  0.765   1.00 27.17 ? 106 LEU B CD2 1 
ATOM   1596 N  N   . LEU B 1 107 ? -26.403 25.246  4.554   1.00 35.95 ? 107 LEU B N   1 
ATOM   1597 C  CA  . LEU B 1 107 ? -26.124 24.995  5.963   1.00 36.96 ? 107 LEU B CA  1 
ATOM   1598 C  C   . LEU B 1 107 ? -26.330 26.266  6.749   1.00 37.42 ? 107 LEU B C   1 
ATOM   1599 O  O   . LEU B 1 107 ? -26.727 26.251  7.899   1.00 38.17 ? 107 LEU B O   1 
ATOM   1600 C  CB  . LEU B 1 107 ? -24.735 24.365  6.193   1.00 37.82 ? 107 LEU B CB  1 
ATOM   1601 C  CG  . LEU B 1 107 ? -24.680 22.855  5.850   1.00 38.55 ? 107 LEU B CG  1 
ATOM   1602 C  CD1 . LEU B 1 107 ? -23.344 22.248  6.180   1.00 40.31 ? 107 LEU B CD1 1 
ATOM   1603 C  CD2 . LEU B 1 107 ? -25.786 22.035  6.507   1.00 38.21 ? 107 LEU B CD2 1 
ATOM   1604 N  N   . SER B 1 108 ? -26.081 27.360  6.079   1.00 38.03 ? 108 SER B N   1 
ATOM   1605 C  CA  . SER B 1 108 ? -26.170 28.705  6.711   1.00 39.44 ? 108 SER B CA  1 
ATOM   1606 C  C   . SER B 1 108 ? -27.589 29.239  6.795   1.00 39.26 ? 108 SER B C   1 
ATOM   1607 O  O   . SER B 1 108 ? -27.914 30.093  7.608   1.00 38.17 ? 108 SER B O   1 
ATOM   1608 C  CB  . SER B 1 108 ? -25.273 29.718  5.997   1.00 39.16 ? 108 SER B CB  1 
ATOM   1609 O  OG  . SER B 1 108 ? -25.676 29.881  4.659   1.00 42.63 ? 108 SER B OG  1 
ATOM   1610 N  N   . THR B 1 109 ? -28.432 28.701  5.948   1.00 40.08 ? 109 THR B N   1 
ATOM   1611 C  CA  . THR B 1 109 ? -29.754 29.331  5.698   1.00 41.82 ? 109 THR B CA  1 
ATOM   1612 C  C   . THR B 1 109 ? -30.969 28.468  5.788   1.00 42.79 ? 109 THR B C   1 
ATOM   1613 O  O   . THR B 1 109 ? -32.068 28.957  5.746   1.00 43.49 ? 109 THR B O   1 
ATOM   1614 C  CB  . THR B 1 109 ? -29.855 30.061  4.316   1.00 41.70 ? 109 THR B CB  1 
ATOM   1615 O  OG1 . THR B 1 109 ? -29.716 29.118  3.258   1.00 42.86 ? 109 THR B OG1 1 
ATOM   1616 C  CG2 . THR B 1 109 ? -28.823 31.191  4.169   1.00 40.94 ? 109 THR B CG2 1 
ATOM   1617 N  N   . VAL B 1 110 ? -30.777 27.179  5.902   1.00 44.95 ? 110 VAL B N   1 
ATOM   1618 C  CA  . VAL B 1 110 ? -31.953 26.288  6.029   1.00 46.02 ? 110 VAL B CA  1 
ATOM   1619 C  C   . VAL B 1 110 ? -32.593 26.567  7.368   1.00 46.74 ? 110 VAL B C   1 
ATOM   1620 O  O   . VAL B 1 110 ? -32.008 26.438  8.443   1.00 46.29 ? 110 VAL B O   1 
ATOM   1621 C  CB  . VAL B 1 110 ? -31.657 24.778  5.920   1.00 46.41 ? 110 VAL B CB  1 
ATOM   1622 C  CG1 . VAL B 1 110 ? -32.806 23.993  6.551   1.00 47.17 ? 110 VAL B CG1 1 
ATOM   1623 C  CG2 . VAL B 1 110 ? -31.451 24.347  4.441   1.00 45.03 ? 110 VAL B CG2 1 
ATOM   1624 N  N   . ASP B 1 111 ? -33.838 26.952  7.187   1.00 47.36 ? 111 ASP B N   1 
ATOM   1625 C  CA  . ASP B 1 111 ? -34.754 27.442  8.195   1.00 47.41 ? 111 ASP B CA  1 
ATOM   1626 C  C   . ASP B 1 111 ? -36.209 27.051  7.894   1.00 47.14 ? 111 ASP B C   1 
ATOM   1627 C  CB  . ASP B 1 111 ? -34.650 28.964  8.235   1.00 47.36 ? 111 ASP B CB  1 
ATOM   1628 C  CG  . ASP B 1 111 ? -35.997 29.634  8.359   1.00 48.87 ? 111 ASP B CG  1 
ATOM   1629 O  OD1 . ASP B 1 111 ? -36.111 30.614  9.151   1.00 47.92 ? 111 ASP B OD1 1 
ATOM   1630 O  OD2 . ASP B 1 111 ? -36.941 29.156  7.683   1.00 47.74 ? 111 ASP B OD2 1 
HETATM 1631 CL CL  . CL  C 2 .   ? 10.886  0.396   18.599  1.00 53.25 ? 118 CL  A CL  1 
HETATM 1632 CL CL  . CL  D 2 .   ? -9.899  -5.898  2.234   1.00 46.88 ? 118 CL  B CL  1 
HETATM 1633 O  O   . HOH E 3 .   ? 3.813   -3.088  -10.070 1.00 31.48 ? 119 HOH A O   1 
HETATM 1634 O  O   . HOH E 3 .   ? 14.435  5.269   4.102   1.00 33.89 ? 120 HOH A O   1 
HETATM 1635 O  O   . HOH E 3 .   ? 7.760   1.306   9.942   1.00 28.40 ? 121 HOH A O   1 
HETATM 1636 O  O   . HOH E 3 .   ? 4.691   -0.478  -2.966  1.00 31.52 ? 122 HOH A O   1 
HETATM 1637 O  O   . HOH E 3 .   ? 0.096   0.307   -1.701  1.00 39.30 ? 123 HOH A O   1 
HETATM 1638 O  O   . HOH E 3 .   ? 9.683   -7.983  16.955  1.00 39.65 ? 124 HOH A O   1 
HETATM 1639 O  O   . HOH E 3 .   ? -0.552  -0.624  11.995  1.00 26.91 ? 125 HOH A O   1 
HETATM 1640 O  O   . HOH E 3 .   ? 5.601   2.567   13.680  1.00 29.31 ? 126 HOH A O   1 
HETATM 1641 O  O   . HOH E 3 .   ? 5.738   7.384   8.487   1.00 42.55 ? 127 HOH A O   1 
HETATM 1642 O  O   . HOH E 3 .   ? 5.365   1.520   -1.207  1.00 41.33 ? 128 HOH A O   1 
HETATM 1643 O  O   . HOH E 3 .   ? 8.013   -0.577  0.075   1.00 30.10 ? 129 HOH A O   1 
HETATM 1644 O  O   . HOH E 3 .   ? 4.206   -17.056 2.958   1.00 38.34 ? 130 HOH A O   1 
HETATM 1645 O  O   . HOH E 3 .   ? 0.333   -9.256  13.707  1.00 46.08 ? 131 HOH A O   1 
HETATM 1646 O  O   . HOH E 3 .   ? 9.486   -8.599  -5.054  1.00 37.96 ? 132 HOH A O   1 
HETATM 1647 O  O   . HOH E 3 .   ? 28.838  -10.719 -16.694 1.00 54.62 ? 133 HOH A O   1 
HETATM 1648 O  O   . HOH E 3 .   ? 10.924  2.585   15.582  1.00 50.44 ? 134 HOH A O   1 
HETATM 1649 O  O   . HOH E 3 .   ? 5.213   -8.421  16.234  1.00 34.33 ? 135 HOH A O   1 
HETATM 1650 O  O   . HOH E 3 .   ? 27.213  -1.785  16.116  1.00 50.08 ? 136 HOH A O   1 
HETATM 1651 O  O   . HOH E 3 .   ? 3.053   7.053   9.007   1.00 35.23 ? 137 HOH A O   1 
HETATM 1652 O  O   . HOH E 3 .   ? 5.062   -13.231 10.982  1.00 58.41 ? 138 HOH A O   1 
HETATM 1653 O  O   . HOH E 3 .   ? 23.876  -9.397  9.358   1.00 66.22 ? 139 HOH A O   1 
HETATM 1654 O  O   . HOH E 3 .   ? 31.177  -17.833 -14.199 1.00 50.36 ? 140 HOH A O   1 
HETATM 1655 O  O   . HOH E 3 .   ? -15.418 -8.874  -2.316  1.00 60.24 ? 141 HOH A O   1 
HETATM 1656 O  O   . HOH E 3 .   ? 2.753   3.325   -3.591  1.00 55.57 ? 142 HOH A O   1 
HETATM 1657 O  O   . HOH E 3 .   ? 15.740  5.343   16.596  1.00 54.28 ? 143 HOH A O   1 
HETATM 1658 O  O   . HOH E 3 .   ? 34.898  -3.198  -9.183  1.00 51.64 ? 144 HOH A O   1 
HETATM 1659 O  O   . HOH E 3 .   ? 3.269   -5.955  -10.214 1.00 39.47 ? 145 HOH A O   1 
HETATM 1660 O  O   . HOH E 3 .   ? 12.409  -9.694  19.942  1.00 57.76 ? 146 HOH A O   1 
HETATM 1661 O  O   . HOH E 3 .   ? 23.856  -11.682 5.306   1.00 57.31 ? 147 HOH A O   1 
HETATM 1662 O  O   . HOH E 3 .   ? 5.633   -13.930 -7.389  1.00 54.30 ? 148 HOH A O   1 
HETATM 1663 O  O   . HOH E 3 .   ? 27.551  -2.340  4.183   1.00 48.81 ? 149 HOH A O   1 
HETATM 1664 O  O   . HOH E 3 .   ? 33.411  -1.479  6.430   1.00 62.33 ? 150 HOH A O   1 
HETATM 1665 O  O   . HOH E 3 .   ? 15.714  -15.906 -4.604  1.00 54.95 ? 151 HOH A O   1 
HETATM 1666 O  O   . HOH E 3 .   ? -0.091  -6.769  17.791  1.00 61.90 ? 152 HOH A O   1 
HETATM 1667 O  O   . HOH E 3 .   ? 2.795   -6.665  -4.622  1.00 40.34 ? 153 HOH A O   1 
HETATM 1668 O  O   . HOH E 3 .   ? -2.039  -6.948  3.658   1.00 40.31 ? 154 HOH A O   1 
HETATM 1669 O  O   . HOH E 3 .   ? 20.434  -12.284 6.403   1.00 45.76 ? 155 HOH A O   1 
HETATM 1670 O  O   . HOH E 3 .   ? 22.873  -20.754 -2.142  1.00 60.35 ? 156 HOH A O   1 
HETATM 1671 O  O   . HOH E 3 .   ? 22.456  -14.612 -17.165 1.00 51.03 ? 157 HOH A O   1 
HETATM 1672 O  O   . HOH E 3 .   ? 17.269  5.777   7.935   1.00 48.33 ? 158 HOH A O   1 
HETATM 1673 O  O   . HOH E 3 .   ? 16.209  5.475   10.667  1.00 58.51 ? 159 HOH A O   1 
HETATM 1674 O  O   . HOH E 3 .   ? 8.220   3.041   -1.382  1.00 45.27 ? 160 HOH A O   1 
HETATM 1675 O  O   . HOH E 3 .   ? 5.274   -12.966 8.059   1.00 44.33 ? 161 HOH A O   1 
HETATM 1676 O  O   . HOH E 3 .   ? 29.905  3.140   1.802   1.00 61.63 ? 162 HOH A O   1 
HETATM 1677 O  O   . HOH E 3 .   ? 20.267  -16.879 5.418   1.00 53.35 ? 163 HOH A O   1 
HETATM 1678 O  O   . HOH E 3 .   ? 20.980  3.750   6.657   1.00 49.31 ? 164 HOH A O   1 
HETATM 1679 O  O   . HOH E 3 .   ? 23.673  -17.404 -5.981  1.00 49.14 ? 165 HOH A O   1 
HETATM 1680 O  O   . HOH E 3 .   ? 12.312  -8.754  -5.688  1.00 49.44 ? 166 HOH A O   1 
HETATM 1681 O  O   . HOH E 3 .   ? 33.480  -16.238 -10.622 1.00 35.43 ? 167 HOH A O   1 
HETATM 1682 O  O   . HOH E 3 .   ? 13.583  -16.663 -2.148  1.00 54.94 ? 168 HOH A O   1 
HETATM 1683 O  O   . HOH E 3 .   ? 14.713  4.930   -0.813  1.00 39.31 ? 169 HOH A O   1 
HETATM 1684 O  O   . HOH E 3 .   ? 12.104  1.477   -3.459  1.00 46.24 ? 170 HOH A O   1 
HETATM 1685 O  O   . HOH E 3 .   ? 17.705  3.091   16.302  1.00 45.35 ? 171 HOH A O   1 
HETATM 1686 O  O   . HOH E 3 .   ? 3.868   -12.760 -2.079  1.00 39.67 ? 172 HOH A O   1 
HETATM 1687 O  O   . HOH E 3 .   ? -1.178  -7.808  15.824  1.00 60.28 ? 173 HOH A O   1 
HETATM 1688 O  O   . HOH E 3 .   ? 13.004  7.723   4.815   1.00 40.93 ? 174 HOH A O   1 
HETATM 1689 O  O   . HOH E 3 .   ? -0.406  1.690   10.059  1.00 46.63 ? 175 HOH A O   1 
HETATM 1690 O  O   . HOH E 3 .   ? 0.276   -7.902  2.226   1.00 38.98 ? 176 HOH A O   1 
HETATM 1691 O  O   . HOH E 3 .   ? 8.212   2.137   12.716  1.00 35.00 ? 177 HOH A O   1 
HETATM 1692 O  O   . HOH E 3 .   ? 16.977  5.223   5.423   1.00 32.58 ? 178 HOH A O   1 
HETATM 1693 O  O   . HOH E 3 .   ? 2.128   9.623   9.723   1.00 42.54 ? 179 HOH A O   1 
HETATM 1694 O  O   . HOH E 3 .   ? -3.919  -3.594  9.478   1.00 47.83 ? 180 HOH A O   1 
HETATM 1695 O  O   . HOH E 3 .   ? 23.585  -8.797  7.102   1.00 51.88 ? 181 HOH A O   1 
HETATM 1696 O  O   . HOH E 3 .   ? 5.524   0.578   -5.098  1.00 44.30 ? 182 HOH A O   1 
HETATM 1697 O  O   . HOH E 3 .   ? 21.174  -7.807  6.692   1.00 40.66 ? 183 HOH A O   1 
HETATM 1698 O  O   . HOH E 3 .   ? 23.776  -4.086  14.069  1.00 55.41 ? 184 HOH A O   1 
HETATM 1699 O  O   . HOH E 3 .   ? 6.889   -12.682 -1.847  1.00 37.75 ? 185 HOH A O   1 
HETATM 1700 O  O   . HOH E 3 .   ? 36.491  -4.619  -11.504 1.00 50.66 ? 186 HOH A O   1 
HETATM 1701 O  O   . HOH E 3 .   ? 32.286  0.898   1.750   1.00 49.18 ? 187 HOH A O   1 
HETATM 1702 O  O   . HOH E 3 .   ? 4.128   -6.787  -6.939  1.00 46.26 ? 188 HOH A O   1 
HETATM 1703 O  O   . HOH E 3 .   ? 23.512  -19.277 1.447   1.00 52.06 ? 189 HOH A O   1 
HETATM 1704 O  O   . HOH E 3 .   ? 1.491   -13.029 10.211  1.00 58.24 ? 190 HOH A O   1 
HETATM 1705 O  O   . HOH E 3 .   ? 19.842  -10.384 7.531   1.00 47.74 ? 191 HOH A O   1 
HETATM 1706 O  O   . HOH F 3 .   ? -1.801  -9.063  5.334   1.00 33.98 ? 121 HOH B O   1 
HETATM 1707 O  O   . HOH F 3 .   ? 0.998   -7.824  4.833   1.00 31.64 ? 122 HOH B O   1 
HETATM 1708 O  O   . HOH F 3 .   ? -7.599  5.000   1.962   1.00 34.87 ? 123 HOH B O   1 
HETATM 1709 O  O   . HOH F 3 .   ? 1.921   -16.681 1.620   1.00 41.34 ? 124 HOH B O   1 
HETATM 1710 O  O   . HOH F 3 .   ? -9.874  -5.493  -0.669  1.00 35.04 ? 125 HOH B O   1 
HETATM 1711 O  O   . HOH F 3 .   ? -2.250  3.168   -10.493 1.00 40.54 ? 126 HOH B O   1 
HETATM 1712 O  O   . HOH F 3 .   ? -4.677  3.572   -17.259 1.00 32.18 ? 127 HOH B O   1 
HETATM 1713 O  O   . HOH F 3 .   ? -11.959 9.528   -17.724 1.00 37.26 ? 128 HOH B O   1 
HETATM 1714 O  O   . HOH F 3 .   ? -9.164  -8.997  -8.505  1.00 54.88 ? 129 HOH B O   1 
HETATM 1715 O  O   . HOH F 3 .   ? -3.785  3.188   -7.286  1.00 27.99 ? 130 HOH B O   1 
HETATM 1716 O  O   . HOH F 3 .   ? -11.633 -0.852  -15.112 1.00 29.35 ? 131 HOH B O   1 
HETATM 1717 O  O   . HOH F 3 .   ? -7.220  4.259   -18.224 1.00 28.10 ? 132 HOH B O   1 
HETATM 1718 O  O   . HOH F 3 .   ? -3.747  1.106   -13.250 1.00 37.04 ? 133 HOH B O   1 
HETATM 1719 O  O   . HOH F 3 .   ? -6.595  3.374   6.000   1.00 34.57 ? 134 HOH B O   1 
HETATM 1720 O  O   . HOH F 3 .   ? -4.904  7.070   3.505   1.00 52.03 ? 135 HOH B O   1 
HETATM 1721 O  O   . HOH F 3 .   ? -4.563  12.039  -3.970  1.00 45.59 ? 136 HOH B O   1 
HETATM 1722 O  O   . HOH F 3 .   ? -7.337  -8.775  -12.147 1.00 45.04 ? 137 HOH B O   1 
HETATM 1723 O  O   . HOH F 3 .   ? -9.179  2.288   -17.901 1.00 30.57 ? 138 HOH B O   1 
HETATM 1724 O  O   . HOH F 3 .   ? -19.464 5.077   -9.549  1.00 54.47 ? 139 HOH B O   1 
HETATM 1725 O  O   . HOH F 3 .   ? -0.674  3.737   -19.039 1.00 47.78 ? 140 HOH B O   1 
HETATM 1726 O  O   . HOH F 3 .   ? -1.505  2.056   -8.505  1.00 40.88 ? 141 HOH B O   1 
HETATM 1727 O  O   . HOH F 3 .   ? -18.456 -0.935  3.259   1.00 37.50 ? 142 HOH B O   1 
HETATM 1728 O  O   . HOH F 3 .   ? -9.293  4.504   11.117  1.00 54.56 ? 143 HOH B O   1 
HETATM 1729 O  O   . HOH F 3 .   ? -10.226 17.231  -8.468  1.00 52.71 ? 144 HOH B O   1 
HETATM 1730 O  O   . HOH F 3 .   ? 3.539   -16.975 5.708   1.00 40.13 ? 145 HOH B O   1 
HETATM 1731 O  O   . HOH F 3 .   ? -21.956 29.886  -0.803  1.00 48.52 ? 146 HOH B O   1 
HETATM 1732 O  O   . HOH F 3 .   ? -8.369  -17.081 -0.811  1.00 57.30 ? 147 HOH B O   1 
HETATM 1733 O  O   . HOH F 3 .   ? -29.132 32.430  0.220   1.00 50.44 ? 148 HOH B O   1 
HETATM 1734 O  O   . HOH F 3 .   ? 2.255   -10.576 -1.435  1.00 51.03 ? 149 HOH B O   1 
HETATM 1735 O  O   . HOH F 3 .   ? -4.731  4.652   4.097   1.00 46.11 ? 150 HOH B O   1 
HETATM 1736 O  O   . HOH F 3 .   ? -7.983  10.364  3.970   1.00 47.50 ? 151 HOH B O   1 
HETATM 1737 O  O   . HOH F 3 .   ? -9.985  -10.943 -2.172  1.00 40.78 ? 152 HOH B O   1 
HETATM 1738 O  O   . HOH F 3 .   ? -21.688 -2.446  -8.021  1.00 49.28 ? 153 HOH B O   1 
HETATM 1739 O  O   . HOH F 3 .   ? -2.438  -13.904 -6.794  1.00 63.72 ? 154 HOH B O   1 
HETATM 1740 O  O   . HOH F 3 .   ? -1.295  7.399   -8.892  1.00 49.05 ? 155 HOH B O   1 
HETATM 1741 O  O   . HOH F 3 .   ? -9.000  -8.181  0.526   1.00 43.26 ? 156 HOH B O   1 
HETATM 1742 O  O   . HOH F 3 .   ? -18.001 28.683  -0.583  1.00 67.07 ? 157 HOH B O   1 
HETATM 1743 O  O   . HOH F 3 .   ? -20.747 9.963   -11.997 1.00 48.24 ? 158 HOH B O   1 
HETATM 1744 O  O   . HOH F 3 .   ? -37.393 26.227  10.677  1.00 67.62 ? 159 HOH B O   1 
HETATM 1745 O  O   . HOH F 3 .   ? -5.120  2.344   10.318  1.00 50.32 ? 160 HOH B O   1 
HETATM 1746 O  O   . HOH F 3 .   ? -4.269  -18.691 -2.095  1.00 58.51 ? 161 HOH B O   1 
HETATM 1747 O  O   . HOH F 3 .   ? -3.760  -0.491  6.828   1.00 53.83 ? 162 HOH B O   1 
HETATM 1748 O  O   . HOH F 3 .   ? -16.056 19.889  -12.760 1.00 46.56 ? 163 HOH B O   1 
HETATM 1749 O  O   . HOH F 3 .   ? -17.454 16.453  -14.981 1.00 50.24 ? 164 HOH B O   1 
HETATM 1750 O  O   . HOH F 3 .   ? -19.444 11.872  -9.712  1.00 60.02 ? 165 HOH B O   1 
HETATM 1751 O  O   . HOH F 3 .   ? -2.571  5.228   -13.563 1.00 56.81 ? 166 HOH B O   1 
HETATM 1752 O  O   . HOH F 3 .   ? -24.846 5.329   -1.459  1.00 59.46 ? 167 HOH B O   1 
HETATM 1753 O  O   . HOH F 3 .   ? -24.267 7.151   1.837   1.00 54.08 ? 168 HOH B O   1 
HETATM 1754 O  O   . HOH F 3 .   ? -24.671 5.638   3.549   1.00 59.86 ? 169 HOH B O   1 
HETATM 1755 O  O   . HOH F 3 .   ? -5.165  10.511  -16.692 1.00 50.98 ? 170 HOH B O   1 
HETATM 1756 O  O   . HOH F 3 .   ? -0.611  10.602  -9.956  1.00 57.14 ? 171 HOH B O   1 
HETATM 1757 O  O   . HOH F 3 .   ? -19.903 9.225   -9.657  1.00 55.40 ? 172 HOH B O   1 
HETATM 1758 O  O   . HOH F 3 .   ? 2.043   -10.039 -3.831  1.00 60.45 ? 173 HOH B O   1 
HETATM 1759 O  O   . HOH F 3 .   ? -22.283 12.048  -13.175 1.00 58.69 ? 174 HOH B O   1 
HETATM 1760 O  O   . HOH F 3 .   ? -37.570 23.524  7.405   1.00 83.57 ? 175 HOH B O   1 
HETATM 1761 O  O   . HOH F 3 .   ? -1.458  1.448   2.128   1.00 39.34 ? 176 HOH B O   1 
# 
loop_
_pdbx_poly_seq_scheme.asym_id 
_pdbx_poly_seq_scheme.entity_id 
_pdbx_poly_seq_scheme.seq_id 
_pdbx_poly_seq_scheme.mon_id 
_pdbx_poly_seq_scheme.ndb_seq_num 
_pdbx_poly_seq_scheme.pdb_seq_num 
_pdbx_poly_seq_scheme.auth_seq_num 
_pdbx_poly_seq_scheme.pdb_mon_id 
_pdbx_poly_seq_scheme.auth_mon_id 
_pdbx_poly_seq_scheme.pdb_strand_id 
_pdbx_poly_seq_scheme.pdb_ins_code 
_pdbx_poly_seq_scheme.hetero 
A 1 1   MSE 1   1   ?   ?   ?   A . n 
A 1 2   ASN 2   2   ?   ?   ?   A . n 
A 1 3   SER 3   3   ?   ?   ?   A . n 
A 1 4   ASP 4   4   ?   ?   ?   A . n 
A 1 5   PRO 5   5   ?   ?   ?   A . n 
A 1 6   THR 6   6   6   THR THR A . n 
A 1 7   ARG 7   7   7   ARG ARG A . n 
A 1 8   GLU 8   8   8   GLU GLU A . n 
A 1 9   ARG 9   9   9   ARG ARG A . n 
A 1 10  ILE 10  10  10  ILE ILE A . n 
A 1 11  LEU 11  11  11  LEU LEU A . n 
A 1 12  HIS 12  12  12  HIS HIS A . n 
A 1 13  GLY 13  13  13  GLY GLY A . n 
A 1 14  LEU 14  14  14  LEU LEU A . n 
A 1 15  ILE 15  15  15  ILE ILE A . n 
A 1 16  THR 16  16  16  THR THR A . n 
A 1 17  LEU 17  17  17  LEU LEU A . n 
A 1 18  TYR 18  18  18  TYR TYR A . n 
A 1 19  ILE 19  19  19  ILE ILE A . n 
A 1 20  LEU 20  20  20  LEU LEU A . n 
A 1 21  LYS 21  21  21  LYS LYS A . n 
A 1 22  GLU 22  22  22  GLU GLU A . n 
A 1 23  LEU 23  23  23  LEU LEU A . n 
A 1 24  VAL 24  24  24  VAL VAL A . n 
A 1 25  LYS 25  25  25  LYS LYS A . n 
A 1 26  ARG 26  26  26  ARG ARG A . n 
A 1 27  PRO 27  27  27  PRO PRO A . n 
A 1 28  MSE 28  28  28  MSE MSE A . n 
A 1 29  HIS 29  29  29  HIS HIS A . n 
A 1 30  GLY 30  30  30  GLY GLY A . n 
A 1 31  TYR 31  31  31  TYR TYR A . n 
A 1 32  GLU 32  32  32  GLU GLU A . n 
A 1 33  LEU 33  33  33  LEU LEU A . n 
A 1 34  GLN 34  34  34  GLN GLN A . n 
A 1 35  LYS 35  35  35  LYS LYS A . n 
A 1 36  SER 36  36  36  SER SER A . n 
A 1 37  MSE 37  37  37  MSE MSE A . n 
A 1 38  PHE 38  38  38  PHE PHE A . n 
A 1 39  GLU 39  39  39  GLU GLU A . n 
A 1 40  THR 40  40  40  THR THR A . n 
A 1 41  THR 41  41  41  THR THR A . n 
A 1 42  GLY 42  42  42  GLY GLY A . n 
A 1 43  GLN 43  43  43  GLN GLN A . n 
A 1 44  ALA 44  44  44  ALA ALA A . n 
A 1 45  LEU 45  45  45  LEU LEU A . n 
A 1 46  PRO 46  46  46  PRO PRO A . n 
A 1 47  GLN 47  47  47  GLN GLN A . n 
A 1 48  GLY 48  48  48  GLY GLY A . n 
A 1 49  SER 49  49  49  SER SER A . n 
A 1 50  ILE 50  50  50  ILE ILE A . n 
A 1 51  TYR 51  51  51  TYR TYR A . n 
A 1 52  ILE 52  52  52  ILE ILE A . n 
A 1 53  LEU 53  53  53  LEU LEU A . n 
A 1 54  LEU 54  54  54  LEU LEU A . n 
A 1 55  LYS 55  55  55  LYS LYS A . n 
A 1 56  THR 56  56  56  THR THR A . n 
A 1 57  MSE 57  57  57  MSE MSE A . n 
A 1 58  LYS 58  58  58  LYS LYS A . n 
A 1 59  GLU 59  59  59  GLU GLU A . n 
A 1 60  ARG 60  60  60  ARG ARG A . n 
A 1 61  GLY 61  61  61  GLY GLY A . n 
A 1 62  PHE 62  62  62  PHE PHE A . n 
A 1 63  VAL 63  63  63  VAL VAL A . n 
A 1 64  ILE 64  64  64  ILE ILE A . n 
A 1 65  SER 65  65  65  SER SER A . n 
A 1 66  GLU 66  66  66  GLU GLU A . n 
A 1 67  SER 67  67  67  SER SER A . n 
A 1 68  SER 68  68  68  SER SER A . n 
A 1 69  VAL 69  69  69  VAL VAL A . n 
A 1 70  ASN 70  70  70  ASN ASN A . n 
A 1 71  GLU 71  71  ?   ?   ?   A . n 
A 1 72  LYS 72  72  72  LYS LYS A . n 
A 1 73  GLY 73  73  73  GLY GLY A . n 
A 1 74  GLN 74  74  74  GLN GLN A . n 
A 1 75  GLN 75  75  75  GLN GLN A . n 
A 1 76  LEU 76  76  76  LEU LEU A . n 
A 1 77  THR 77  77  77  THR THR A . n 
A 1 78  VAL 78  78  78  VAL VAL A . n 
A 1 79  TYR 79  79  79  TYR TYR A . n 
A 1 80  HIS 80  80  80  HIS HIS A . n 
A 1 81  ILE 81  81  81  ILE ILE A . n 
A 1 82  THR 82  82  82  THR THR A . n 
A 1 83  ASP 83  83  83  ASP ASP A . n 
A 1 84  ALA 84  84  84  ALA ALA A . n 
A 1 85  GLY 85  85  85  GLY GLY A . n 
A 1 86  LYS 86  86  86  LYS LYS A . n 
A 1 87  LYS 87  87  87  LYS LYS A . n 
A 1 88  PHE 88  88  88  PHE PHE A . n 
A 1 89  LEU 89  89  89  LEU LEU A . n 
A 1 90  OCS 90  90  90  OCS OCS A . n 
A 1 91  ASP 91  91  91  ASP ASP A . n 
A 1 92  HIS 92  92  92  HIS HIS A . n 
A 1 93  SER 93  93  93  SER SER A . n 
A 1 94  GLN 94  94  94  GLN GLN A . n 
A 1 95  ALA 95  95  95  ALA ALA A . n 
A 1 96  LEU 96  96  96  LEU LEU A . n 
A 1 97  GLN 97  97  97  GLN GLN A . n 
A 1 98  LEU 98  98  98  LEU LEU A . n 
A 1 99  ALA 99  99  99  ALA ALA A . n 
A 1 100 ARG 100 100 100 ARG ARG A . n 
A 1 101 LYS 101 101 101 LYS LYS A . n 
A 1 102 ILE 102 102 102 ILE ILE A . n 
A 1 103 ILE 103 103 103 ILE ILE A . n 
A 1 104 ASP 104 104 104 ASP ASP A . n 
A 1 105 ASP 105 105 105 ASP ASP A . n 
A 1 106 LEU 106 106 106 LEU LEU A . n 
A 1 107 LEU 107 107 107 LEU LEU A . n 
A 1 108 SER 108 108 108 SER SER A . n 
A 1 109 THR 109 109 109 THR THR A . n 
A 1 110 VAL 110 110 110 VAL VAL A . n 
A 1 111 ASP 111 111 111 ASP ASP A . n 
A 1 112 ILE 112 112 ?   ?   ?   A . n 
A 1 113 ILE 113 113 ?   ?   ?   A . n 
A 1 114 GLU 114 114 ?   ?   ?   A . n 
A 1 115 ASN 115 115 ?   ?   ?   A . n 
A 1 116 ARG 116 116 ?   ?   ?   A . n 
A 1 117 ASN 117 117 ?   ?   ?   A . n 
B 1 1   MSE 1   1   ?   ?   ?   B . n 
B 1 2   ASN 2   2   ?   ?   ?   B . n 
B 1 3   SER 3   3   ?   ?   ?   B . n 
B 1 4   ASP 4   4   ?   ?   ?   B . n 
B 1 5   PRO 5   5   ?   ?   ?   B . n 
B 1 6   THR 6   6   ?   ?   ?   B . n 
B 1 7   ARG 7   7   ?   ?   ?   B . n 
B 1 8   GLU 8   8   8   GLU GLU B . n 
B 1 9   ARG 9   9   9   ARG ARG B . n 
B 1 10  ILE 10  10  10  ILE ILE B . n 
B 1 11  LEU 11  11  11  LEU LEU B . n 
B 1 12  HIS 12  12  12  HIS HIS B . n 
B 1 13  GLY 13  13  13  GLY GLY B . n 
B 1 14  LEU 14  14  14  LEU LEU B . n 
B 1 15  ILE 15  15  15  ILE ILE B . n 
B 1 16  THR 16  16  16  THR THR B . n 
B 1 17  LEU 17  17  17  LEU LEU B . n 
B 1 18  TYR 18  18  18  TYR TYR B . n 
B 1 19  ILE 19  19  19  ILE ILE B . n 
B 1 20  LEU 20  20  20  LEU LEU B . n 
B 1 21  LYS 21  21  21  LYS LYS B . n 
B 1 22  GLU 22  22  22  GLU GLU B . n 
B 1 23  LEU 23  23  23  LEU LEU B . n 
B 1 24  VAL 24  24  24  VAL VAL B . n 
B 1 25  LYS 25  25  25  LYS LYS B . n 
B 1 26  ARG 26  26  26  ARG ARG B . n 
B 1 27  PRO 27  27  27  PRO PRO B . n 
B 1 28  MSE 28  28  28  MSE MSE B . n 
B 1 29  HIS 29  29  29  HIS HIS B . n 
B 1 30  GLY 30  30  30  GLY GLY B . n 
B 1 31  TYR 31  31  31  TYR TYR B . n 
B 1 32  GLU 32  32  32  GLU GLU B . n 
B 1 33  LEU 33  33  33  LEU LEU B . n 
B 1 34  GLN 34  34  34  GLN GLN B . n 
B 1 35  LYS 35  35  35  LYS LYS B . n 
B 1 36  SER 36  36  36  SER SER B . n 
B 1 37  MSE 37  37  37  MSE MSE B . n 
B 1 38  PHE 38  38  38  PHE PHE B . n 
B 1 39  GLU 39  39  39  GLU GLU B . n 
B 1 40  THR 40  40  40  THR THR B . n 
B 1 41  THR 41  41  41  THR THR B . n 
B 1 42  GLY 42  42  42  GLY GLY B . n 
B 1 43  GLN 43  43  43  GLN GLN B . n 
B 1 44  ALA 44  44  44  ALA ALA B . n 
B 1 45  LEU 45  45  45  LEU LEU B . n 
B 1 46  PRO 46  46  46  PRO PRO B . n 
B 1 47  GLN 47  47  ?   ?   ?   B . n 
B 1 48  GLY 48  48  48  GLY GLY B . n 
B 1 49  SER 49  49  49  SER SER B . n 
B 1 50  ILE 50  50  50  ILE ILE B . n 
B 1 51  TYR 51  51  51  TYR TYR B . n 
B 1 52  ILE 52  52  52  ILE ILE B . n 
B 1 53  LEU 53  53  53  LEU LEU B . n 
B 1 54  LEU 54  54  54  LEU LEU B . n 
B 1 55  LYS 55  55  55  LYS LYS B . n 
B 1 56  THR 56  56  56  THR THR B . n 
B 1 57  MSE 57  57  57  MSE MSE B . n 
B 1 58  LYS 58  58  58  LYS LYS B . n 
B 1 59  GLU 59  59  59  GLU GLU B . n 
B 1 60  ARG 60  60  60  ARG ARG B . n 
B 1 61  GLY 61  61  61  GLY GLY B . n 
B 1 62  PHE 62  62  62  PHE PHE B . n 
B 1 63  VAL 63  63  63  VAL VAL B . n 
B 1 64  ILE 64  64  64  ILE ILE B . n 
B 1 65  SER 65  65  65  SER SER B . n 
B 1 66  GLU 66  66  66  GLU GLU B . n 
B 1 67  SER 67  67  67  SER SER B . n 
B 1 68  SER 68  68  68  SER SER B . n 
B 1 69  VAL 69  69  69  VAL VAL B . n 
B 1 70  ASN 70  70  70  ASN ASN B . n 
B 1 71  GLU 71  71  71  GLU GLU B . n 
B 1 72  LYS 72  72  72  LYS LYS B . n 
B 1 73  GLY 73  73  73  GLY GLY B . n 
B 1 74  GLN 74  74  74  GLN GLN B . n 
B 1 75  GLN 75  75  75  GLN GLN B . n 
B 1 76  LEU 76  76  76  LEU LEU B . n 
B 1 77  THR 77  77  77  THR THR B . n 
B 1 78  VAL 78  78  78  VAL VAL B . n 
B 1 79  TYR 79  79  79  TYR TYR B . n 
B 1 80  HIS 80  80  80  HIS HIS B . n 
B 1 81  ILE 81  81  81  ILE ILE B . n 
B 1 82  THR 82  82  82  THR THR B . n 
B 1 83  ASP 83  83  83  ASP ASP B . n 
B 1 84  ALA 84  84  84  ALA ALA B . n 
B 1 85  GLY 85  85  85  GLY GLY B . n 
B 1 86  LYS 86  86  86  LYS LYS B . n 
B 1 87  LYS 87  87  87  LYS LYS B . n 
B 1 88  PHE 88  88  88  PHE PHE B . n 
B 1 89  LEU 89  89  89  LEU LEU B . n 
B 1 90  OCS 90  90  90  OCS OCS B . n 
B 1 91  ASP 91  91  91  ASP ASP B . n 
B 1 92  HIS 92  92  92  HIS HIS B . n 
B 1 93  SER 93  93  93  SER SER B . n 
B 1 94  GLN 94  94  94  GLN GLN B . n 
B 1 95  ALA 95  95  95  ALA ALA B . n 
B 1 96  LEU 96  96  96  LEU LEU B . n 
B 1 97  GLN 97  97  97  GLN GLN B . n 
B 1 98  LEU 98  98  98  LEU LEU B . n 
B 1 99  ALA 99  99  99  ALA ALA B . n 
B 1 100 ARG 100 100 100 ARG ARG B . n 
B 1 101 LYS 101 101 101 LYS LYS B . n 
B 1 102 ILE 102 102 102 ILE ILE B . n 
B 1 103 ILE 103 103 103 ILE ILE B . n 
B 1 104 ASP 104 104 104 ASP ASP B . n 
B 1 105 ASP 105 105 105 ASP ASP B . n 
B 1 106 LEU 106 106 106 LEU LEU B . n 
B 1 107 LEU 107 107 107 LEU LEU B . n 
B 1 108 SER 108 108 108 SER SER B . n 
B 1 109 THR 109 109 109 THR THR B . n 
B 1 110 VAL 110 110 110 VAL VAL B . n 
B 1 111 ASP 111 111 111 ASP ASP B . n 
B 1 112 ILE 112 112 ?   ?   ?   B . n 
B 1 113 ILE 113 113 ?   ?   ?   B . n 
B 1 114 GLU 114 114 ?   ?   ?   B . n 
B 1 115 ASN 115 115 ?   ?   ?   B . n 
B 1 116 ARG 116 116 ?   ?   ?   B . n 
B 1 117 ASN 117 117 ?   ?   ?   B . n 
# 
_pdbx_SG_project.id                    1 
_pdbx_SG_project.project_name          'PSI, Protein Structure Initiative' 
_pdbx_SG_project.full_name_of_center   'Midwest Center for Structural Genomics' 
_pdbx_SG_project.initial_of_center     MCSG 
# 
loop_
_pdbx_nonpoly_scheme.asym_id 
_pdbx_nonpoly_scheme.entity_id 
_pdbx_nonpoly_scheme.mon_id 
_pdbx_nonpoly_scheme.ndb_seq_num 
_pdbx_nonpoly_scheme.pdb_seq_num 
_pdbx_nonpoly_scheme.auth_seq_num 
_pdbx_nonpoly_scheme.pdb_mon_id 
_pdbx_nonpoly_scheme.auth_mon_id 
_pdbx_nonpoly_scheme.pdb_strand_id 
_pdbx_nonpoly_scheme.pdb_ins_code 
C 2 CL  1  118 1   CL  CL  A . 
D 2 CL  1  118 1   CL  CL  B . 
E 3 HOH 1  119 3   HOH HOH A . 
E 3 HOH 2  120 6   HOH HOH A . 
E 3 HOH 3  121 8   HOH HOH A . 
E 3 HOH 4  122 9   HOH HOH A . 
E 3 HOH 5  123 10  HOH HOH A . 
E 3 HOH 6  124 14  HOH HOH A . 
E 3 HOH 7  125 15  HOH HOH A . 
E 3 HOH 8  126 16  HOH HOH A . 
E 3 HOH 9  127 18  HOH HOH A . 
E 3 HOH 10 128 19  HOH HOH A . 
E 3 HOH 11 129 20  HOH HOH A . 
E 3 HOH 12 130 21  HOH HOH A . 
E 3 HOH 13 131 23  HOH HOH A . 
E 3 HOH 14 132 27  HOH HOH A . 
E 3 HOH 15 133 115 HOH HOH A . 
E 3 HOH 16 134 116 HOH HOH A . 
E 3 HOH 17 135 117 HOH HOH A . 
E 3 HOH 18 136 128 HOH HOH A . 
E 3 HOH 19 137 131 HOH HOH A . 
E 3 HOH 20 138 134 HOH HOH A . 
E 3 HOH 21 139 135 HOH HOH A . 
E 3 HOH 22 140 138 HOH HOH A . 
E 3 HOH 23 141 142 HOH HOH A . 
E 3 HOH 24 142 144 HOH HOH A . 
E 3 HOH 25 143 145 HOH HOH A . 
E 3 HOH 26 144 146 HOH HOH A . 
E 3 HOH 27 145 148 HOH HOH A . 
E 3 HOH 28 146 149 HOH HOH A . 
E 3 HOH 29 147 152 HOH HOH A . 
E 3 HOH 30 148 153 HOH HOH A . 
E 3 HOH 31 149 154 HOH HOH A . 
E 3 HOH 32 150 155 HOH HOH A . 
E 3 HOH 33 151 158 HOH HOH A . 
E 3 HOH 34 152 159 HOH HOH A . 
E 3 HOH 35 153 165 HOH HOH A . 
E 3 HOH 36 154 168 HOH HOH A . 
E 3 HOH 37 155 169 HOH HOH A . 
E 3 HOH 38 156 170 HOH HOH A . 
E 3 HOH 39 157 171 HOH HOH A . 
E 3 HOH 40 158 173 HOH HOH A . 
E 3 HOH 41 159 174 HOH HOH A . 
E 3 HOH 42 160 175 HOH HOH A . 
E 3 HOH 43 161 176 HOH HOH A . 
E 3 HOH 44 162 177 HOH HOH A . 
E 3 HOH 45 163 178 HOH HOH A . 
E 3 HOH 46 164 181 HOH HOH A . 
E 3 HOH 47 165 184 HOH HOH A . 
E 3 HOH 48 166 185 HOH HOH A . 
E 3 HOH 49 167 3   HOH HOH A . 
E 3 HOH 50 168 4   HOH HOH A . 
E 3 HOH 51 169 30  HOH HOH A . 
E 3 HOH 52 170 31  HOH HOH A . 
E 3 HOH 53 171 34  HOH HOH A . 
E 3 HOH 54 172 37  HOH HOH A . 
E 3 HOH 55 173 39  HOH HOH A . 
E 3 HOH 56 174 42  HOH HOH A . 
E 3 HOH 57 175 43  HOH HOH A . 
E 3 HOH 58 176 46  HOH HOH A . 
E 3 HOH 59 177 47  HOH HOH A . 
E 3 HOH 60 178 53  HOH HOH A . 
E 3 HOH 61 179 56  HOH HOH A . 
E 3 HOH 62 180 57  HOH HOH A . 
E 3 HOH 63 181 71  HOH HOH A . 
E 3 HOH 64 182 73  HOH HOH A . 
E 3 HOH 65 183 75  HOH HOH A . 
E 3 HOH 66 184 76  HOH HOH A . 
E 3 HOH 67 185 77  HOH HOH A . 
E 3 HOH 68 186 79  HOH HOH A . 
E 3 HOH 69 187 82  HOH HOH A . 
E 3 HOH 70 188 91  HOH HOH A . 
E 3 HOH 71 189 100 HOH HOH A . 
E 3 HOH 72 190 103 HOH HOH A . 
E 3 HOH 73 191 110 HOH HOH A . 
F 3 HOH 1  121 7   HOH HOH B . 
F 3 HOH 2  122 11  HOH HOH B . 
F 3 HOH 3  123 12  HOH HOH B . 
F 3 HOH 4  124 17  HOH HOH B . 
F 3 HOH 5  125 22  HOH HOH B . 
F 3 HOH 6  126 24  HOH HOH B . 
F 3 HOH 7  127 25  HOH HOH B . 
F 3 HOH 8  128 26  HOH HOH B . 
F 3 HOH 9  129 160 HOH HOH B . 
F 3 HOH 10 130 1   HOH HOH B . 
F 3 HOH 11 131 2   HOH HOH B . 
F 3 HOH 12 132 4   HOH HOH B . 
F 3 HOH 13 133 28  HOH HOH B . 
F 3 HOH 14 134 32  HOH HOH B . 
F 3 HOH 15 135 33  HOH HOH B . 
F 3 HOH 16 136 36  HOH HOH B . 
F 3 HOH 17 137 41  HOH HOH B . 
F 3 HOH 18 138 44  HOH HOH B . 
F 3 HOH 19 139 45  HOH HOH B . 
F 3 HOH 20 140 51  HOH HOH B . 
F 3 HOH 21 141 52  HOH HOH B . 
F 3 HOH 22 142 64  HOH HOH B . 
F 3 HOH 23 143 67  HOH HOH B . 
F 3 HOH 24 144 68  HOH HOH B . 
F 3 HOH 25 145 70  HOH HOH B . 
F 3 HOH 26 146 74  HOH HOH B . 
F 3 HOH 27 147 80  HOH HOH B . 
F 3 HOH 28 148 81  HOH HOH B . 
F 3 HOH 29 149 84  HOH HOH B . 
F 3 HOH 30 150 85  HOH HOH B . 
F 3 HOH 31 151 90  HOH HOH B . 
F 3 HOH 32 152 94  HOH HOH B . 
F 3 HOH 33 153 95  HOH HOH B . 
F 3 HOH 34 154 102 HOH HOH B . 
F 3 HOH 35 155 107 HOH HOH B . 
F 3 HOH 36 156 108 HOH HOH B . 
F 3 HOH 37 157 118 HOH HOH B . 
F 3 HOH 38 158 119 HOH HOH B . 
F 3 HOH 39 159 123 HOH HOH B . 
F 3 HOH 40 160 124 HOH HOH B . 
F 3 HOH 41 161 126 HOH HOH B . 
F 3 HOH 42 162 139 HOH HOH B . 
F 3 HOH 43 163 150 HOH HOH B . 
F 3 HOH 44 164 151 HOH HOH B . 
F 3 HOH 45 165 156 HOH HOH B . 
F 3 HOH 46 166 157 HOH HOH B . 
F 3 HOH 47 167 161 HOH HOH B . 
F 3 HOH 48 168 162 HOH HOH B . 
F 3 HOH 49 169 163 HOH HOH B . 
F 3 HOH 50 170 166 HOH HOH B . 
F 3 HOH 51 171 167 HOH HOH B . 
F 3 HOH 52 172 172 HOH HOH B . 
F 3 HOH 53 173 180 HOH HOH B . 
F 3 HOH 54 174 182 HOH HOH B . 
F 3 HOH 55 175 183 HOH HOH B . 
F 3 HOH 56 176 186 HOH HOH B . 
# 
loop_
_pdbx_struct_mod_residue.id 
_pdbx_struct_mod_residue.label_asym_id 
_pdbx_struct_mod_residue.label_comp_id 
_pdbx_struct_mod_residue.label_seq_id 
_pdbx_struct_mod_residue.auth_asym_id 
_pdbx_struct_mod_residue.auth_comp_id 
_pdbx_struct_mod_residue.auth_seq_id 
_pdbx_struct_mod_residue.PDB_ins_code 
_pdbx_struct_mod_residue.parent_comp_id 
_pdbx_struct_mod_residue.details 
1 A MSE 28 A MSE 28 ? MET SELENOMETHIONINE        
2 A MSE 37 A MSE 37 ? MET SELENOMETHIONINE        
3 A MSE 57 A MSE 57 ? MET SELENOMETHIONINE        
4 A OCS 90 A OCS 90 ? CYS 'CYSTEINESULFONIC ACID' 
5 B MSE 28 B MSE 28 ? MET SELENOMETHIONINE        
6 B MSE 37 B MSE 37 ? MET SELENOMETHIONINE        
7 B MSE 57 B MSE 57 ? MET SELENOMETHIONINE        
8 B OCS 90 B OCS 90 ? CYS 'CYSTEINESULFONIC ACID' 
# 
loop_
_pdbx_struct_assembly.id 
_pdbx_struct_assembly.details 
_pdbx_struct_assembly.method_details 
_pdbx_struct_assembly.oligomeric_details 
_pdbx_struct_assembly.oligomeric_count 
1 software_defined_assembly PISA tetrameric 4 
2 author_defined_assembly   ?    dimeric    2 
# 
loop_
_pdbx_struct_assembly_gen.assembly_id 
_pdbx_struct_assembly_gen.oper_expression 
_pdbx_struct_assembly_gen.asym_id_list 
1 1,2 A,B,C,D,E,F 
2 1   A,B,C,D,E,F 
# 
loop_
_pdbx_struct_assembly_prop.biol_id 
_pdbx_struct_assembly_prop.type 
_pdbx_struct_assembly_prop.value 
_pdbx_struct_assembly_prop.details 
1 'ABSA (A^2)' 6570  ? 
1 MORE         -82   ? 
1 'SSA (A^2)'  23270 ? 
# 
loop_
_pdbx_struct_oper_list.id 
_pdbx_struct_oper_list.type 
_pdbx_struct_oper_list.name 
_pdbx_struct_oper_list.symmetry_operation 
_pdbx_struct_oper_list.matrix[1][1] 
_pdbx_struct_oper_list.matrix[1][2] 
_pdbx_struct_oper_list.matrix[1][3] 
_pdbx_struct_oper_list.vector[1] 
_pdbx_struct_oper_list.matrix[2][1] 
_pdbx_struct_oper_list.matrix[2][2] 
_pdbx_struct_oper_list.matrix[2][3] 
_pdbx_struct_oper_list.vector[2] 
_pdbx_struct_oper_list.matrix[3][1] 
_pdbx_struct_oper_list.matrix[3][2] 
_pdbx_struct_oper_list.matrix[3][3] 
_pdbx_struct_oper_list.vector[3] 
1 'identity operation'         1_555 x,y,z       1.0000000000  0.0000000000 0.0000000000 0.0000000000   0.0000000000 1.0000000000  0.0000000000 0.0000000000  0.0000000000 0.0000000000 1.0000000000  0.0000000000  
2 'crystal symmetry operation' 3_555 -x,y,-z+1/2 -0.5094409605 0.6424181446 0.5725109915 -43.0433823436 0.6424181446 -0.1587127355 0.7497394182 36.3704971735 0.5725109915 0.7497394182 -0.3318463041 -3.9296136560 
# 
loop_
_pdbx_audit_revision_history.ordinal 
_pdbx_audit_revision_history.data_content_type 
_pdbx_audit_revision_history.major_revision 
_pdbx_audit_revision_history.minor_revision 
_pdbx_audit_revision_history.revision_date 
1 'Structure model' 1 0 2008-09-30 
2 'Structure model' 1 1 2011-07-13 
3 'Structure model' 1 2 2022-04-13 
# 
_pdbx_audit_revision_details.ordinal             1 
_pdbx_audit_revision_details.revision_ordinal    1 
_pdbx_audit_revision_details.data_content_type   'Structure model' 
_pdbx_audit_revision_details.provider            repository 
_pdbx_audit_revision_details.type                'Initial release' 
_pdbx_audit_revision_details.description         ? 
_pdbx_audit_revision_details.details             ? 
# 
loop_
_pdbx_audit_revision_group.ordinal 
_pdbx_audit_revision_group.revision_ordinal 
_pdbx_audit_revision_group.data_content_type 
_pdbx_audit_revision_group.group 
1 2 'Structure model' Advisory                    
2 2 'Structure model' 'Version format compliance' 
3 3 'Structure model' 'Database references'       
4 3 'Structure model' 'Derived calculations'      
5 3 'Structure model' 'Structure summary'         
# 
loop_
_pdbx_audit_revision_category.ordinal 
_pdbx_audit_revision_category.revision_ordinal 
_pdbx_audit_revision_category.data_content_type 
_pdbx_audit_revision_category.category 
1 3 'Structure model' audit_author    
2 3 'Structure model' citation_author 
3 3 'Structure model' database_2      
4 3 'Structure model' struct_conn     
5 3 'Structure model' struct_site     
# 
loop_
_pdbx_audit_revision_item.ordinal 
_pdbx_audit_revision_item.revision_ordinal 
_pdbx_audit_revision_item.data_content_type 
_pdbx_audit_revision_item.item 
1 3 'Structure model' '_audit_author.identifier_ORCID'      
2 3 'Structure model' '_citation_author.identifier_ORCID'   
3 3 'Structure model' '_database_2.pdbx_DOI'                
4 3 'Structure model' '_database_2.pdbx_database_accession' 
5 3 'Structure model' '_struct_conn.pdbx_leaving_atom_flag' 
6 3 'Structure model' '_struct_site.pdbx_auth_asym_id'      
7 3 'Structure model' '_struct_site.pdbx_auth_comp_id'      
8 3 'Structure model' '_struct_site.pdbx_auth_seq_id'       
# 
loop_
_pdbx_refine_tls.id 
_pdbx_refine_tls.details 
_pdbx_refine_tls.method 
_pdbx_refine_tls.origin_x 
_pdbx_refine_tls.origin_y 
_pdbx_refine_tls.origin_z 
_pdbx_refine_tls.T[1][1] 
_pdbx_refine_tls.T[2][2] 
_pdbx_refine_tls.T[3][3] 
_pdbx_refine_tls.T[1][2] 
_pdbx_refine_tls.T[1][3] 
_pdbx_refine_tls.T[2][3] 
_pdbx_refine_tls.L[1][1] 
_pdbx_refine_tls.L[2][2] 
_pdbx_refine_tls.L[3][3] 
_pdbx_refine_tls.L[1][2] 
_pdbx_refine_tls.L[1][3] 
_pdbx_refine_tls.L[2][3] 
_pdbx_refine_tls.S[1][1] 
_pdbx_refine_tls.S[1][2] 
_pdbx_refine_tls.S[1][3] 
_pdbx_refine_tls.S[2][1] 
_pdbx_refine_tls.S[2][2] 
_pdbx_refine_tls.S[2][3] 
_pdbx_refine_tls.S[3][1] 
_pdbx_refine_tls.S[3][2] 
_pdbx_refine_tls.S[3][3] 
_pdbx_refine_tls.pdbx_refine_id 
1  ? refined 15.0143  -5.1319  3.1274   -0.0321 -0.0335 -0.1266 -0.0100 -0.0251 0.0210  6.9104  1.5729  2.7947  -0.7053  -1.2373 0.0827  -0.2295 -0.2892 -0.3177 -0.0305 0.1822  -0.0879 0.0353  -0.1163 0.0473  'X-RAY DIFFRACTION' 
2  ? refined 5.5257   -4.3325  -3.0701  -0.0358 0.0552  -0.1559 -0.0234 -0.0665 0.0046  9.0030  3.1420  24.0734 1.6900   -3.7233 0.0090  -0.1441 0.5444  -0.2204 -0.2000 0.2794  0.1227  0.4625  -0.6818 -0.1353 'X-RAY DIFFRACTION' 
3  ? refined 9.9528   -10.9207 -5.2097  -0.0127 0.0875  -0.0570 0.1397  -0.0943 -0.0993 3.7622  13.2101 24.0658 6.8263   -3.4501 -8.7490 0.2929  0.3229  -0.3796 -0.5299 0.1300  -0.0494 1.7843  1.6758  -0.4231 'X-RAY DIFFRACTION' 
4  ? refined 10.6381  -12.3100 9.9820   -0.0030 -0.0537 -0.0999 0.0048  -0.0371 0.0292  7.3353  9.8775  13.0040 -0.2967  5.3137  1.7162  0.2440  -0.0942 -0.3930 0.2849  -0.0237 0.1341  0.7072  0.1718  -0.2204 'X-RAY DIFFRACTION' 
5  ? refined -2.1334  -8.2531  10.0373  -0.0149 0.1939  -0.0690 -0.0256 -0.0082 0.0340  15.8570 3.4529  2.6352  3.6097   6.4289  1.1891  -0.1348 -0.4676 -0.3830 0.0602  0.1347  0.4032  0.0867  -0.2930 -0.0001 'X-RAY DIFFRACTION' 
6  ? refined 22.0615  -3.5444  2.9393   -0.0173 -0.0468 -0.1286 0.0224  -0.0332 0.0364  3.8325  0.7150  2.4752  -0.7857  -1.9951 0.7685  0.1747  -0.2347 0.3287  -0.0848 0.0088  -0.1438 -0.1997 0.1087  -0.1835 'X-RAY DIFFRACTION' 
7  ? refined -13.0275 8.5299   -3.0867  -0.0140 -0.0261 -0.1361 0.0079  -0.0440 0.0415  9.5970  8.1983  1.7019  -6.3237  0.0979  -0.6402 0.0355  -0.2114 -0.0921 0.3223  0.0919  0.0711  -0.0820 0.0354  -0.1275 'X-RAY DIFFRACTION' 
8  ? refined -11.0350 3.1676   5.4360   0.2537  0.0985  -0.1703 0.1821  -0.0119 0.0925  12.6449 26.9859 12.4630 -14.3859 -7.9217 11.2673 -1.3556 -0.8840 -0.1833 2.3739  1.3268  0.6177  0.1978  0.0599  0.0288  'X-RAY DIFFRACTION' 
9  ? refined -17.9358 -0.9679  -3.6769  0.0376  0.0422  -0.0753 -0.0039 -0.0432 0.0242  9.3392  8.1158  21.2245 -1.8128  -4.4887 1.3028  -0.1154 0.1369  -0.3955 0.7987  -0.0557 0.3080  0.1130  -1.1106 0.1710  'X-RAY DIFFRACTION' 
10 ? refined -7.5435  -6.0078  -5.4470  -0.0036 -0.0063 -0.1289 -0.0096 -0.0404 0.0061  3.5075  2.5869  4.0497  -1.2051  1.2885  -2.1074 0.2176  0.0613  -0.3303 -0.1766 -0.1155 0.0572  0.2736  -0.1209 -0.1022 'X-RAY DIFFRACTION' 
11 ? refined -10.0812 11.9217  -13.4657 0.0328  0.0489  -0.1055 0.0696  0.0538  0.1349  5.2554  16.3308 5.8408  -3.0638  -3.7123 5.6221  0.5594  0.6101  0.7330  -0.8729 -0.2942 -0.6830 -0.4145 0.0015  -0.2653 'X-RAY DIFFRACTION' 
12 ? refined -22.2883 25.1995  -1.0866  -0.0559 -0.1071 0.1868  -0.0063 -0.0625 -0.0281 13.8458 10.3963 12.2369 -11.2769 -4.5628 2.8611  -0.3742 -0.6772 1.7717  0.4101  0.3315  -1.3785 -0.2679 0.3899  0.0427  'X-RAY DIFFRACTION' 
# 
loop_
_pdbx_refine_tls_group.id 
_pdbx_refine_tls_group.refine_tls_id 
_pdbx_refine_tls_group.beg_auth_asym_id 
_pdbx_refine_tls_group.beg_auth_seq_id 
_pdbx_refine_tls_group.beg_label_asym_id 
_pdbx_refine_tls_group.beg_label_seq_id 
_pdbx_refine_tls_group.end_auth_asym_id 
_pdbx_refine_tls_group.end_auth_seq_id 
_pdbx_refine_tls_group.end_label_asym_id 
_pdbx_refine_tls_group.end_label_seq_id 
_pdbx_refine_tls_group.selection 
_pdbx_refine_tls_group.pdbx_refine_id 
_pdbx_refine_tls_group.selection_details 
1  1  A 6  ? ? A 28  ? ? ? 'X-RAY DIFFRACTION' ? 
2  2  A 29 ? ? A 39  ? ? ? 'X-RAY DIFFRACTION' ? 
3  3  A 40 ? ? A 50  ? ? ? 'X-RAY DIFFRACTION' ? 
4  4  A 51 ? ? A 61  ? ? ? 'X-RAY DIFFRACTION' ? 
5  5  A 62 ? ? A 75  ? ? ? 'X-RAY DIFFRACTION' ? 
6  6  A 76 ? ? A 111 ? ? ? 'X-RAY DIFFRACTION' ? 
7  7  B 8  ? ? B 27  ? ? ? 'X-RAY DIFFRACTION' ? 
8  8  B 28 ? ? B 44  ? ? ? 'X-RAY DIFFRACTION' ? 
9  9  B 45 ? ? B 58  ? ? ? 'X-RAY DIFFRACTION' ? 
10 10 B 59 ? ? B 81  ? ? ? 'X-RAY DIFFRACTION' ? 
11 11 B 82 ? ? B 93  ? ? ? 'X-RAY DIFFRACTION' ? 
12 12 B 94 ? ? B 111 ? ? ? 'X-RAY DIFFRACTION' ? 
# 
loop_
_software.name 
_software.classification 
_software.version 
_software.citation_id 
_software.pdbx_ordinal 
HKL-2000 'data collection' .        ? 1  
HKL-3000 phasing           .        ? 2  
MLPHARE  phasing           .        ? 3  
DM       'model building'  .        ? 4  
SHELXD   phasing           .        ? 5  
SHELXE   'model building'  .        ? 6  
RESOLVE  'model building'  .        ? 7  
ARP/wARP 'model building'  .        ? 8  
CCP4     'model building'  .        ? 9  
REFMAC   refinement        5.4.0069 ? 10 
Coot     'model building'  .        ? 11 
HKL-3000 'data reduction'  .        ? 12 
HKL-3000 'data scaling'    .        ? 13 
DM       phasing           .        ? 14 
RESOLVE  phasing           .        ? 15 
CCP4     phasing           .        ? 16 
# 
_pdbx_validate_torsion.id              1 
_pdbx_validate_torsion.PDB_model_num   1 
_pdbx_validate_torsion.auth_comp_id    ASN 
_pdbx_validate_torsion.auth_asym_id    B 
_pdbx_validate_torsion.auth_seq_id     70 
_pdbx_validate_torsion.PDB_ins_code    ? 
_pdbx_validate_torsion.label_alt_id    ? 
_pdbx_validate_torsion.phi             -105.98 
_pdbx_validate_torsion.psi             -169.44 
# 
loop_
_pdbx_unobs_or_zero_occ_atoms.id 
_pdbx_unobs_or_zero_occ_atoms.PDB_model_num 
_pdbx_unobs_or_zero_occ_atoms.polymer_flag 
_pdbx_unobs_or_zero_occ_atoms.occupancy_flag 
_pdbx_unobs_or_zero_occ_atoms.auth_asym_id 
_pdbx_unobs_or_zero_occ_atoms.auth_comp_id 
_pdbx_unobs_or_zero_occ_atoms.auth_seq_id 
_pdbx_unobs_or_zero_occ_atoms.PDB_ins_code 
_pdbx_unobs_or_zero_occ_atoms.auth_atom_id 
_pdbx_unobs_or_zero_occ_atoms.label_alt_id 
_pdbx_unobs_or_zero_occ_atoms.label_asym_id 
_pdbx_unobs_or_zero_occ_atoms.label_comp_id 
_pdbx_unobs_or_zero_occ_atoms.label_seq_id 
_pdbx_unobs_or_zero_occ_atoms.label_atom_id 
1  1 Y 1 A THR 6   ? O   ? A THR 6   O   
2  1 Y 1 A THR 6   ? OG1 ? A THR 6   OG1 
3  1 Y 1 A THR 6   ? CG2 ? A THR 6   CG2 
4  1 Y 1 A ARG 7   ? CG  ? A ARG 7   CG  
5  1 Y 1 A ARG 7   ? CD  ? A ARG 7   CD  
6  1 Y 1 A ARG 7   ? NE  ? A ARG 7   NE  
7  1 Y 1 A ARG 7   ? CZ  ? A ARG 7   CZ  
8  1 Y 1 A ARG 7   ? NH1 ? A ARG 7   NH1 
9  1 Y 1 A ARG 7   ? NH2 ? A ARG 7   NH2 
10 1 Y 1 A ARG 100 ? NE  ? A ARG 100 NE  
11 1 Y 1 A ARG 100 ? CZ  ? A ARG 100 CZ  
12 1 Y 1 A ARG 100 ? NH1 ? A ARG 100 NH1 
13 1 Y 1 A ARG 100 ? NH2 ? A ARG 100 NH2 
14 1 Y 1 B GLU 8   ? CG  ? B GLU 8   CG  
15 1 Y 1 B GLU 8   ? CD  ? B GLU 8   CD  
16 1 Y 1 B GLU 8   ? OE1 ? B GLU 8   OE1 
17 1 Y 1 B GLU 8   ? OE2 ? B GLU 8   OE2 
18 1 Y 1 B ARG 9   ? CG  ? B ARG 9   CG  
19 1 Y 1 B ARG 9   ? CD  ? B ARG 9   CD  
20 1 Y 1 B ARG 9   ? NE  ? B ARG 9   NE  
21 1 Y 1 B ARG 9   ? CZ  ? B ARG 9   CZ  
22 1 Y 1 B ARG 9   ? NH1 ? B ARG 9   NH1 
23 1 Y 1 B ARG 9   ? NH2 ? B ARG 9   NH2 
24 1 Y 1 B PHE 38  ? CG  ? B PHE 38  CG  
25 1 Y 1 B PHE 38  ? CD1 ? B PHE 38  CD1 
26 1 Y 1 B PHE 38  ? CD2 ? B PHE 38  CD2 
27 1 Y 1 B PHE 38  ? CE1 ? B PHE 38  CE1 
28 1 Y 1 B PHE 38  ? CE2 ? B PHE 38  CE2 
29 1 Y 1 B PHE 38  ? CZ  ? B PHE 38  CZ  
30 1 Y 1 B THR 41  ? OG1 ? B THR 41  OG1 
31 1 Y 1 B THR 41  ? CG2 ? B THR 41  CG2 
32 1 Y 1 B GLN 43  ? CG  ? B GLN 43  CG  
33 1 Y 1 B GLN 43  ? CD  ? B GLN 43  CD  
34 1 Y 1 B GLN 43  ? OE1 ? B GLN 43  OE1 
35 1 Y 1 B GLN 43  ? NE2 ? B GLN 43  NE2 
36 1 Y 1 B ASP 111 ? O   ? B ASP 111 O   
# 
loop_
_pdbx_unobs_or_zero_occ_residues.id 
_pdbx_unobs_or_zero_occ_residues.PDB_model_num 
_pdbx_unobs_or_zero_occ_residues.polymer_flag 
_pdbx_unobs_or_zero_occ_residues.occupancy_flag 
_pdbx_unobs_or_zero_occ_residues.auth_asym_id 
_pdbx_unobs_or_zero_occ_residues.auth_comp_id 
_pdbx_unobs_or_zero_occ_residues.auth_seq_id 
_pdbx_unobs_or_zero_occ_residues.PDB_ins_code 
_pdbx_unobs_or_zero_occ_residues.label_asym_id 
_pdbx_unobs_or_zero_occ_residues.label_comp_id 
_pdbx_unobs_or_zero_occ_residues.label_seq_id 
1  1 Y 1 A MSE 1   ? A MSE 1   
2  1 Y 1 A ASN 2   ? A ASN 2   
3  1 Y 1 A SER 3   ? A SER 3   
4  1 Y 1 A ASP 4   ? A ASP 4   
5  1 Y 1 A PRO 5   ? A PRO 5   
6  1 Y 1 A GLU 71  ? A GLU 71  
7  1 Y 1 A ILE 112 ? A ILE 112 
8  1 Y 1 A ILE 113 ? A ILE 113 
9  1 Y 1 A GLU 114 ? A GLU 114 
10 1 Y 1 A ASN 115 ? A ASN 115 
11 1 Y 1 A ARG 116 ? A ARG 116 
12 1 Y 1 A ASN 117 ? A ASN 117 
13 1 Y 1 B MSE 1   ? B MSE 1   
14 1 Y 1 B ASN 2   ? B ASN 2   
15 1 Y 1 B SER 3   ? B SER 3   
16 1 Y 1 B ASP 4   ? B ASP 4   
17 1 Y 1 B PRO 5   ? B PRO 5   
18 1 Y 1 B THR 6   ? B THR 6   
19 1 Y 1 B ARG 7   ? B ARG 7   
20 1 Y 1 B GLN 47  ? B GLN 47  
21 1 Y 1 B ILE 112 ? B ILE 112 
22 1 Y 1 B ILE 113 ? B ILE 113 
23 1 Y 1 B GLU 114 ? B GLU 114 
24 1 Y 1 B ASN 115 ? B ASN 115 
25 1 Y 1 B ARG 116 ? B ARG 116 
26 1 Y 1 B ASN 117 ? B ASN 117 
# 
loop_
_pdbx_entity_nonpoly.entity_id 
_pdbx_entity_nonpoly.name 
_pdbx_entity_nonpoly.comp_id 
2 'CHLORIDE ION' CL  
3 water          HOH 
# 
